data_2E3U
# 
_entry.id   2E3U 
# 
_audit_conform.dict_name       mmcif_pdbx.dic 
_audit_conform.dict_version    5.403 
_audit_conform.dict_location   http://mmcif.pdb.org/dictionaries/ascii/mmcif_pdbx.dic 
# 
loop_
_database_2.database_id 
_database_2.database_code 
_database_2.pdbx_database_accession 
_database_2.pdbx_DOI 
PDB   2E3U         pdb_00002e3u 10.2210/pdb2e3u/pdb 
RCSB  RCSB026190   ?            ?                   
WWPDB D_1000026190 ?            ?                   
# 
loop_
_pdbx_audit_revision_history.ordinal 
_pdbx_audit_revision_history.data_content_type 
_pdbx_audit_revision_history.major_revision 
_pdbx_audit_revision_history.minor_revision 
_pdbx_audit_revision_history.revision_date 
_pdbx_audit_revision_history.part_number 
1 'Structure model' 1 0 2007-10-23 ? 
2 'Structure model' 1 1 2011-07-13 ? 
3 'Structure model' 1 2 2023-10-25 ? 
4 'Structure model' 1 3 2025-06-04 ? 
# 
_pdbx_audit_revision_details.ordinal             1 
_pdbx_audit_revision_details.revision_ordinal    1 
_pdbx_audit_revision_details.data_content_type   'Structure model' 
_pdbx_audit_revision_details.provider            repository 
_pdbx_audit_revision_details.type                'Initial release' 
_pdbx_audit_revision_details.description         ? 
_pdbx_audit_revision_details.details             ? 
# 
loop_
_pdbx_audit_revision_group.ordinal 
_pdbx_audit_revision_group.revision_ordinal 
_pdbx_audit_revision_group.data_content_type 
_pdbx_audit_revision_group.group 
1 2 'Structure model' Advisory                    
2 2 'Structure model' 'Source and taxonomy'       
3 2 'Structure model' 'Version format compliance' 
4 3 'Structure model' 'Data collection'           
5 3 'Structure model' 'Database references'       
6 3 'Structure model' 'Refinement description'    
7 4 'Structure model' 'Structure summary'         
# 
loop_
_pdbx_audit_revision_category.ordinal 
_pdbx_audit_revision_category.revision_ordinal 
_pdbx_audit_revision_category.data_content_type 
_pdbx_audit_revision_category.category 
1 3 'Structure model' chem_comp_atom                
2 3 'Structure model' chem_comp_bond                
3 3 'Structure model' database_2                    
4 3 'Structure model' pdbx_initial_refinement_model 
5 4 'Structure model' pdbx_entry_details            
# 
loop_
_pdbx_audit_revision_item.ordinal 
_pdbx_audit_revision_item.revision_ordinal 
_pdbx_audit_revision_item.data_content_type 
_pdbx_audit_revision_item.item 
1 3 'Structure model' '_database_2.pdbx_DOI'                
2 3 'Structure model' '_database_2.pdbx_database_accession' 
# 
_pdbx_database_status.status_code                     REL 
_pdbx_database_status.entry_id                        2E3U 
_pdbx_database_status.recvd_initial_deposition_date   2006-11-29 
_pdbx_database_status.deposit_site                    PDBJ 
_pdbx_database_status.process_site                    PDBJ 
_pdbx_database_status.status_code_sf                  REL 
_pdbx_database_status.status_code_mr                  ? 
_pdbx_database_status.SG_entry                        ? 
_pdbx_database_status.pdb_format_compatible           Y 
_pdbx_database_status.status_code_cs                  ? 
_pdbx_database_status.status_code_nmr_data            ? 
_pdbx_database_status.methods_development_category    ? 
# 
loop_
_audit_author.name 
_audit_author.pdbx_ordinal 
'Tanokura, M.' 1 
'Jia, M.Z.'    2 
# 
_citation.id                        primary 
_citation.title                     
'Crystal structure of Dim2p: a preribosomal RNA processing factor, from Pyrococcus horikoshii OT3 at 2.30 A' 
_citation.journal_abbrev            Proteins 
_citation.journal_volume            69 
_citation.page_first                428 
_citation.page_last                 432 
_citation.year                      2007 
_citation.journal_id_ASTM           PSFGEY 
_citation.country                   US 
_citation.journal_id_ISSN           0887-3585 
_citation.journal_id_CSD            0867 
_citation.book_publisher            ? 
_citation.pdbx_database_id_PubMed   17654551 
_citation.pdbx_database_id_DOI      10.1002/prot.21381 
# 
loop_
_citation_author.citation_id 
_citation_author.name 
_citation_author.ordinal 
_citation_author.identifier_ORCID 
primary 'Jia, M.Z.'    1 ? 
primary 'Ohtsuka, J.'  2 ? 
primary 'Lee, W.C.'    3 ? 
primary 'Nagata, K.'   4 ? 
primary 'Tanokura, M.' 5 ? 
# 
loop_
_entity.id 
_entity.type 
_entity.src_method 
_entity.pdbx_description 
_entity.formula_weight 
_entity.pdbx_number_of_molecules 
_entity.pdbx_ec 
_entity.pdbx_mutation 
_entity.pdbx_fragment 
_entity.details 
1 polymer man 'Hypothetical protein PH1566' 25189.896 1  ? ? ? ? 
2 water   nat water                         18.015    20 ? ? ? ? 
# 
_entity_name_com.entity_id   1 
_entity_name_com.name        PH-DIM2P 
# 
_entity_poly.entity_id                      1 
_entity_poly.type                           'polypeptide(L)' 
_entity_poly.nstd_linkage                   no 
_entity_poly.nstd_monomer                   no 
_entity_poly.pdbx_seq_one_letter_code       
;MGEEFEKLMKKFENVNKDGEIVEDEDEWEEFFKQEEYVKIPKDRIAVLIGKKGQTKKEIEKRTKTKITIDSETGEVWITS
TKETEDPLAVWKARDIVLAIGRGFSPERAFRLLNEGEYLEIINLTDIIIGNEKNALPRVRGRIIGRKGRTRQIIEEMSGA
SVSVYGKTVAIIGNPIQIEIAKTAIEKLARGSPHGSVYRYLERRKKDLELEGAMYYENL
;
_entity_poly.pdbx_seq_one_letter_code_can   
;MGEEFEKLMKKFENVNKDGEIVEDEDEWEEFFKQEEYVKIPKDRIAVLIGKKGQTKKEIEKRTKTKITIDSETGEVWITS
TKETEDPLAVWKARDIVLAIGRGFSPERAFRLLNEGEYLEIINLTDIIIGNEKNALPRVRGRIIGRKGRTRQIIEEMSGA
SVSVYGKTVAIIGNPIQIEIAKTAIEKLARGSPHGSVYRYLERRKKDLELEGAMYYENL
;
_entity_poly.pdbx_strand_id                 A 
_entity_poly.pdbx_target_identifier         ? 
# 
_pdbx_entity_nonpoly.entity_id   2 
_pdbx_entity_nonpoly.name        water 
_pdbx_entity_nonpoly.comp_id     HOH 
# 
loop_
_entity_poly_seq.entity_id 
_entity_poly_seq.num 
_entity_poly_seq.mon_id 
_entity_poly_seq.hetero 
1 1   MET n 
1 2   GLY n 
1 3   GLU n 
1 4   GLU n 
1 5   PHE n 
1 6   GLU n 
1 7   LYS n 
1 8   LEU n 
1 9   MET n 
1 10  LYS n 
1 11  LYS n 
1 12  PHE n 
1 13  GLU n 
1 14  ASN n 
1 15  VAL n 
1 16  ASN n 
1 17  LYS n 
1 18  ASP n 
1 19  GLY n 
1 20  GLU n 
1 21  ILE n 
1 22  VAL n 
1 23  GLU n 
1 24  ASP n 
1 25  GLU n 
1 26  ASP n 
1 27  GLU n 
1 28  TRP n 
1 29  GLU n 
1 30  GLU n 
1 31  PHE n 
1 32  PHE n 
1 33  LYS n 
1 34  GLN n 
1 35  GLU n 
1 36  GLU n 
1 37  TYR n 
1 38  VAL n 
1 39  LYS n 
1 40  ILE n 
1 41  PRO n 
1 42  LYS n 
1 43  ASP n 
1 44  ARG n 
1 45  ILE n 
1 46  ALA n 
1 47  VAL n 
1 48  LEU n 
1 49  ILE n 
1 50  GLY n 
1 51  LYS n 
1 52  LYS n 
1 53  GLY n 
1 54  GLN n 
1 55  THR n 
1 56  LYS n 
1 57  LYS n 
1 58  GLU n 
1 59  ILE n 
1 60  GLU n 
1 61  LYS n 
1 62  ARG n 
1 63  THR n 
1 64  LYS n 
1 65  THR n 
1 66  LYS n 
1 67  ILE n 
1 68  THR n 
1 69  ILE n 
1 70  ASP n 
1 71  SER n 
1 72  GLU n 
1 73  THR n 
1 74  GLY n 
1 75  GLU n 
1 76  VAL n 
1 77  TRP n 
1 78  ILE n 
1 79  THR n 
1 80  SER n 
1 81  THR n 
1 82  LYS n 
1 83  GLU n 
1 84  THR n 
1 85  GLU n 
1 86  ASP n 
1 87  PRO n 
1 88  LEU n 
1 89  ALA n 
1 90  VAL n 
1 91  TRP n 
1 92  LYS n 
1 93  ALA n 
1 94  ARG n 
1 95  ASP n 
1 96  ILE n 
1 97  VAL n 
1 98  LEU n 
1 99  ALA n 
1 100 ILE n 
1 101 GLY n 
1 102 ARG n 
1 103 GLY n 
1 104 PHE n 
1 105 SER n 
1 106 PRO n 
1 107 GLU n 
1 108 ARG n 
1 109 ALA n 
1 110 PHE n 
1 111 ARG n 
1 112 LEU n 
1 113 LEU n 
1 114 ASN n 
1 115 GLU n 
1 116 GLY n 
1 117 GLU n 
1 118 TYR n 
1 119 LEU n 
1 120 GLU n 
1 121 ILE n 
1 122 ILE n 
1 123 ASN n 
1 124 LEU n 
1 125 THR n 
1 126 ASP n 
1 127 ILE n 
1 128 ILE n 
1 129 ILE n 
1 130 GLY n 
1 131 ASN n 
1 132 GLU n 
1 133 LYS n 
1 134 ASN n 
1 135 ALA n 
1 136 LEU n 
1 137 PRO n 
1 138 ARG n 
1 139 VAL n 
1 140 ARG n 
1 141 GLY n 
1 142 ARG n 
1 143 ILE n 
1 144 ILE n 
1 145 GLY n 
1 146 ARG n 
1 147 LYS n 
1 148 GLY n 
1 149 ARG n 
1 150 THR n 
1 151 ARG n 
1 152 GLN n 
1 153 ILE n 
1 154 ILE n 
1 155 GLU n 
1 156 GLU n 
1 157 MET n 
1 158 SER n 
1 159 GLY n 
1 160 ALA n 
1 161 SER n 
1 162 VAL n 
1 163 SER n 
1 164 VAL n 
1 165 TYR n 
1 166 GLY n 
1 167 LYS n 
1 168 THR n 
1 169 VAL n 
1 170 ALA n 
1 171 ILE n 
1 172 ILE n 
1 173 GLY n 
1 174 ASN n 
1 175 PRO n 
1 176 ILE n 
1 177 GLN n 
1 178 ILE n 
1 179 GLU n 
1 180 ILE n 
1 181 ALA n 
1 182 LYS n 
1 183 THR n 
1 184 ALA n 
1 185 ILE n 
1 186 GLU n 
1 187 LYS n 
1 188 LEU n 
1 189 ALA n 
1 190 ARG n 
1 191 GLY n 
1 192 SER n 
1 193 PRO n 
1 194 HIS n 
1 195 GLY n 
1 196 SER n 
1 197 VAL n 
1 198 TYR n 
1 199 ARG n 
1 200 TYR n 
1 201 LEU n 
1 202 GLU n 
1 203 ARG n 
1 204 ARG n 
1 205 LYS n 
1 206 LYS n 
1 207 ASP n 
1 208 LEU n 
1 209 GLU n 
1 210 LEU n 
1 211 GLU n 
1 212 GLY n 
1 213 ALA n 
1 214 MET n 
1 215 TYR n 
1 216 TYR n 
1 217 GLU n 
1 218 ASN n 
1 219 LEU n 
# 
_entity_src_gen.entity_id                          1 
_entity_src_gen.pdbx_src_id                        1 
_entity_src_gen.pdbx_alt_source_flag               sample 
_entity_src_gen.pdbx_seq_type                      ? 
_entity_src_gen.pdbx_beg_seq_num                   ? 
_entity_src_gen.pdbx_end_seq_num                   ? 
_entity_src_gen.gene_src_common_name               ? 
_entity_src_gen.gene_src_genus                     Pyrococcus 
_entity_src_gen.pdbx_gene_src_gene                 ? 
_entity_src_gen.gene_src_species                   'Pyrococcus horikoshii' 
_entity_src_gen.gene_src_strain                    OT3 
_entity_src_gen.gene_src_tissue                    ? 
_entity_src_gen.gene_src_tissue_fraction           ? 
_entity_src_gen.gene_src_details                   ? 
_entity_src_gen.pdbx_gene_src_fragment             ? 
_entity_src_gen.pdbx_gene_src_scientific_name      'Pyrococcus horikoshii' 
_entity_src_gen.pdbx_gene_src_ncbi_taxonomy_id     70601 
_entity_src_gen.pdbx_gene_src_variant              ? 
_entity_src_gen.pdbx_gene_src_cell_line            ? 
_entity_src_gen.pdbx_gene_src_atcc                 ? 
_entity_src_gen.pdbx_gene_src_organ                ? 
_entity_src_gen.pdbx_gene_src_organelle            ? 
_entity_src_gen.pdbx_gene_src_cell                 ? 
_entity_src_gen.pdbx_gene_src_cellular_location    ? 
_entity_src_gen.host_org_common_name               ? 
_entity_src_gen.pdbx_host_org_scientific_name      'Escherichia coli' 
_entity_src_gen.pdbx_host_org_ncbi_taxonomy_id     562 
_entity_src_gen.host_org_genus                     Escherichia 
_entity_src_gen.pdbx_host_org_gene                 ? 
_entity_src_gen.pdbx_host_org_organ                ? 
_entity_src_gen.host_org_species                   ? 
_entity_src_gen.pdbx_host_org_tissue               ? 
_entity_src_gen.pdbx_host_org_tissue_fraction      ? 
_entity_src_gen.pdbx_host_org_strain               ? 
_entity_src_gen.pdbx_host_org_variant              ? 
_entity_src_gen.pdbx_host_org_cell_line            ? 
_entity_src_gen.pdbx_host_org_atcc                 ? 
_entity_src_gen.pdbx_host_org_culture_collection   ? 
_entity_src_gen.pdbx_host_org_cell                 ? 
_entity_src_gen.pdbx_host_org_organelle            ? 
_entity_src_gen.pdbx_host_org_cellular_location    ? 
_entity_src_gen.pdbx_host_org_vector_type          PLASMID 
_entity_src_gen.pdbx_host_org_vector               ? 
_entity_src_gen.host_org_details                   ? 
_entity_src_gen.expression_system_id               ? 
_entity_src_gen.plasmid_name                       PET28A 
_entity_src_gen.plasmid_details                    ? 
_entity_src_gen.pdbx_description                   ? 
# 
loop_
_chem_comp.id 
_chem_comp.type 
_chem_comp.mon_nstd_flag 
_chem_comp.name 
_chem_comp.pdbx_synonyms 
_chem_comp.formula 
_chem_comp.formula_weight 
ALA 'L-peptide linking' y ALANINE         ? 'C3 H7 N O2'     89.093  
ARG 'L-peptide linking' y ARGININE        ? 'C6 H15 N4 O2 1' 175.209 
ASN 'L-peptide linking' y ASPARAGINE      ? 'C4 H8 N2 O3'    132.118 
ASP 'L-peptide linking' y 'ASPARTIC ACID' ? 'C4 H7 N O4'     133.103 
GLN 'L-peptide linking' y GLUTAMINE       ? 'C5 H10 N2 O3'   146.144 
GLU 'L-peptide linking' y 'GLUTAMIC ACID' ? 'C5 H9 N O4'     147.129 
GLY 'peptide linking'   y GLYCINE         ? 'C2 H5 N O2'     75.067  
HIS 'L-peptide linking' y HISTIDINE       ? 'C6 H10 N3 O2 1' 156.162 
HOH non-polymer         . WATER           ? 'H2 O'           18.015  
ILE 'L-peptide linking' y ISOLEUCINE      ? 'C6 H13 N O2'    131.173 
LEU 'L-peptide linking' y LEUCINE         ? 'C6 H13 N O2'    131.173 
LYS 'L-peptide linking' y LYSINE          ? 'C6 H15 N2 O2 1' 147.195 
MET 'L-peptide linking' y METHIONINE      ? 'C5 H11 N O2 S'  149.211 
PHE 'L-peptide linking' y PHENYLALANINE   ? 'C9 H11 N O2'    165.189 
PRO 'L-peptide linking' y PROLINE         ? 'C5 H9 N O2'     115.130 
SER 'L-peptide linking' y SERINE          ? 'C3 H7 N O3'     105.093 
THR 'L-peptide linking' y THREONINE       ? 'C4 H9 N O3'     119.119 
TRP 'L-peptide linking' y TRYPTOPHAN      ? 'C11 H12 N2 O2'  204.225 
TYR 'L-peptide linking' y TYROSINE        ? 'C9 H11 N O3'    181.189 
VAL 'L-peptide linking' y VALINE          ? 'C5 H11 N O2'    117.146 
# 
loop_
_pdbx_poly_seq_scheme.asym_id 
_pdbx_poly_seq_scheme.entity_id 
_pdbx_poly_seq_scheme.seq_id 
_pdbx_poly_seq_scheme.mon_id 
_pdbx_poly_seq_scheme.ndb_seq_num 
_pdbx_poly_seq_scheme.pdb_seq_num 
_pdbx_poly_seq_scheme.auth_seq_num 
_pdbx_poly_seq_scheme.pdb_mon_id 
_pdbx_poly_seq_scheme.auth_mon_id 
_pdbx_poly_seq_scheme.pdb_strand_id 
_pdbx_poly_seq_scheme.pdb_ins_code 
_pdbx_poly_seq_scheme.hetero 
A 1 1   MET 1   1   ?   ?   ?   A . n 
A 1 2   GLY 2   2   ?   ?   ?   A . n 
A 1 3   GLU 3   3   ?   ?   ?   A . n 
A 1 4   GLU 4   4   ?   ?   ?   A . n 
A 1 5   PHE 5   5   ?   ?   ?   A . n 
A 1 6   GLU 6   6   ?   ?   ?   A . n 
A 1 7   LYS 7   7   ?   ?   ?   A . n 
A 1 8   LEU 8   8   ?   ?   ?   A . n 
A 1 9   MET 9   9   ?   ?   ?   A . n 
A 1 10  LYS 10  10  ?   ?   ?   A . n 
A 1 11  LYS 11  11  ?   ?   ?   A . n 
A 1 12  PHE 12  12  ?   ?   ?   A . n 
A 1 13  GLU 13  13  ?   ?   ?   A . n 
A 1 14  ASN 14  14  ?   ?   ?   A . n 
A 1 15  VAL 15  15  ?   ?   ?   A . n 
A 1 16  ASN 16  16  ?   ?   ?   A . n 
A 1 17  LYS 17  17  ?   ?   ?   A . n 
A 1 18  ASP 18  18  ?   ?   ?   A . n 
A 1 19  GLY 19  19  ?   ?   ?   A . n 
A 1 20  GLU 20  20  ?   ?   ?   A . n 
A 1 21  ILE 21  21  ?   ?   ?   A . n 
A 1 22  VAL 22  22  ?   ?   ?   A . n 
A 1 23  GLU 23  23  ?   ?   ?   A . n 
A 1 24  ASP 24  24  ?   ?   ?   A . n 
A 1 25  GLU 25  25  ?   ?   ?   A . n 
A 1 26  ASP 26  26  ?   ?   ?   A . n 
A 1 27  GLU 27  27  ?   ?   ?   A . n 
A 1 28  TRP 28  28  ?   ?   ?   A . n 
A 1 29  GLU 29  29  ?   ?   ?   A . n 
A 1 30  GLU 30  30  ?   ?   ?   A . n 
A 1 31  PHE 31  31  ?   ?   ?   A . n 
A 1 32  PHE 32  32  ?   ?   ?   A . n 
A 1 33  LYS 33  33  33  LYS LYS A . n 
A 1 34  GLN 34  34  34  GLN GLN A . n 
A 1 35  GLU 35  35  35  GLU GLU A . n 
A 1 36  GLU 36  36  36  GLU GLU A . n 
A 1 37  TYR 37  37  37  TYR TYR A . n 
A 1 38  VAL 38  38  38  VAL VAL A . n 
A 1 39  LYS 39  39  39  LYS LYS A . n 
A 1 40  ILE 40  40  40  ILE ILE A . n 
A 1 41  PRO 41  41  41  PRO PRO A . n 
A 1 42  LYS 42  42  42  LYS LYS A . n 
A 1 43  ASP 43  43  43  ASP ASP A . n 
A 1 44  ARG 44  44  44  ARG ARG A . n 
A 1 45  ILE 45  45  45  ILE ILE A . n 
A 1 46  ALA 46  46  46  ALA ALA A . n 
A 1 47  VAL 47  47  47  VAL VAL A . n 
A 1 48  LEU 48  48  48  LEU LEU A . n 
A 1 49  ILE 49  49  49  ILE ILE A . n 
A 1 50  GLY 50  50  50  GLY GLY A . n 
A 1 51  LYS 51  51  51  LYS LYS A . n 
A 1 52  LYS 52  52  52  LYS LYS A . n 
A 1 53  GLY 53  53  53  GLY GLY A . n 
A 1 54  GLN 54  54  54  GLN GLN A . n 
A 1 55  THR 55  55  55  THR THR A . n 
A 1 56  LYS 56  56  56  LYS LYS A . n 
A 1 57  LYS 57  57  57  LYS LYS A . n 
A 1 58  GLU 58  58  58  GLU GLU A . n 
A 1 59  ILE 59  59  59  ILE ILE A . n 
A 1 60  GLU 60  60  60  GLU GLU A . n 
A 1 61  LYS 61  61  61  LYS LYS A . n 
A 1 62  ARG 62  62  62  ARG ARG A . n 
A 1 63  THR 63  63  63  THR THR A . n 
A 1 64  LYS 64  64  64  LYS LYS A . n 
A 1 65  THR 65  65  65  THR THR A . n 
A 1 66  LYS 66  66  66  LYS LYS A . n 
A 1 67  ILE 67  67  67  ILE ILE A . n 
A 1 68  THR 68  68  68  THR THR A . n 
A 1 69  ILE 69  69  69  ILE ILE A . n 
A 1 70  ASP 70  70  70  ASP ASP A . n 
A 1 71  SER 71  71  71  SER SER A . n 
A 1 72  GLU 72  72  72  GLU GLU A . n 
A 1 73  THR 73  73  73  THR THR A . n 
A 1 74  GLY 74  74  74  GLY GLY A . n 
A 1 75  GLU 75  75  75  GLU GLU A . n 
A 1 76  VAL 76  76  76  VAL VAL A . n 
A 1 77  TRP 77  77  77  TRP TRP A . n 
A 1 78  ILE 78  78  78  ILE ILE A . n 
A 1 79  THR 79  79  79  THR THR A . n 
A 1 80  SER 80  80  80  SER SER A . n 
A 1 81  THR 81  81  81  THR THR A . n 
A 1 82  LYS 82  82  82  LYS LYS A . n 
A 1 83  GLU 83  83  83  GLU GLU A . n 
A 1 84  THR 84  84  84  THR THR A . n 
A 1 85  GLU 85  85  85  GLU GLU A . n 
A 1 86  ASP 86  86  86  ASP ASP A . n 
A 1 87  PRO 87  87  87  PRO PRO A . n 
A 1 88  LEU 88  88  88  LEU LEU A . n 
A 1 89  ALA 89  89  89  ALA ALA A . n 
A 1 90  VAL 90  90  90  VAL VAL A . n 
A 1 91  TRP 91  91  91  TRP TRP A . n 
A 1 92  LYS 92  92  92  LYS LYS A . n 
A 1 93  ALA 93  93  93  ALA ALA A . n 
A 1 94  ARG 94  94  94  ARG ARG A . n 
A 1 95  ASP 95  95  95  ASP ASP A . n 
A 1 96  ILE 96  96  96  ILE ILE A . n 
A 1 97  VAL 97  97  97  VAL VAL A . n 
A 1 98  LEU 98  98  98  LEU LEU A . n 
A 1 99  ALA 99  99  99  ALA ALA A . n 
A 1 100 ILE 100 100 100 ILE ILE A . n 
A 1 101 GLY 101 101 101 GLY GLY A . n 
A 1 102 ARG 102 102 102 ARG ARG A . n 
A 1 103 GLY 103 103 103 GLY GLY A . n 
A 1 104 PHE 104 104 104 PHE PHE A . n 
A 1 105 SER 105 105 105 SER SER A . n 
A 1 106 PRO 106 106 106 PRO PRO A . n 
A 1 107 GLU 107 107 107 GLU GLU A . n 
A 1 108 ARG 108 108 108 ARG ARG A . n 
A 1 109 ALA 109 109 109 ALA ALA A . n 
A 1 110 PHE 110 110 110 PHE PHE A . n 
A 1 111 ARG 111 111 111 ARG ARG A . n 
A 1 112 LEU 112 112 112 LEU LEU A . n 
A 1 113 LEU 113 113 113 LEU LEU A . n 
A 1 114 ASN 114 114 114 ASN ASN A . n 
A 1 115 GLU 115 115 115 GLU GLU A . n 
A 1 116 GLY 116 116 116 GLY GLY A . n 
A 1 117 GLU 117 117 117 GLU GLU A . n 
A 1 118 TYR 118 118 118 TYR TYR A . n 
A 1 119 LEU 119 119 119 LEU LEU A . n 
A 1 120 GLU 120 120 120 GLU GLU A . n 
A 1 121 ILE 121 121 121 ILE ILE A . n 
A 1 122 ILE 122 122 122 ILE ILE A . n 
A 1 123 ASN 123 123 123 ASN ASN A . n 
A 1 124 LEU 124 124 124 LEU LEU A . n 
A 1 125 THR 125 125 125 THR THR A . n 
A 1 126 ASP 126 126 126 ASP ASP A . n 
A 1 127 ILE 127 127 127 ILE ILE A . n 
A 1 128 ILE 128 128 128 ILE ILE A . n 
A 1 129 ILE 129 129 ?   ?   ?   A . n 
A 1 130 GLY 130 130 ?   ?   ?   A . n 
A 1 131 ASN 131 131 ?   ?   ?   A . n 
A 1 132 GLU 132 132 ?   ?   ?   A . n 
A 1 133 LYS 133 133 ?   ?   ?   A . n 
A 1 134 ASN 134 134 ?   ?   ?   A . n 
A 1 135 ALA 135 135 135 ALA ALA A . n 
A 1 136 LEU 136 136 136 LEU LEU A . n 
A 1 137 PRO 137 137 137 PRO PRO A . n 
A 1 138 ARG 138 138 138 ARG ARG A . n 
A 1 139 VAL 139 139 139 VAL VAL A . n 
A 1 140 ARG 140 140 140 ARG ARG A . n 
A 1 141 GLY 141 141 141 GLY GLY A . n 
A 1 142 ARG 142 142 142 ARG ARG A . n 
A 1 143 ILE 143 143 143 ILE ILE A . n 
A 1 144 ILE 144 144 144 ILE ILE A . n 
A 1 145 GLY 145 145 145 GLY GLY A . n 
A 1 146 ARG 146 146 146 ARG ARG A . n 
A 1 147 LYS 147 147 147 LYS LYS A . n 
A 1 148 GLY 148 148 148 GLY GLY A . n 
A 1 149 ARG 149 149 149 ARG ARG A . n 
A 1 150 THR 150 150 150 THR THR A . n 
A 1 151 ARG 151 151 151 ARG ARG A . n 
A 1 152 GLN 152 152 152 GLN GLN A . n 
A 1 153 ILE 153 153 153 ILE ILE A . n 
A 1 154 ILE 154 154 154 ILE ILE A . n 
A 1 155 GLU 155 155 155 GLU GLU A . n 
A 1 156 GLU 156 156 156 GLU GLU A . n 
A 1 157 MET 157 157 157 MET MET A . n 
A 1 158 SER 158 158 158 SER SER A . n 
A 1 159 GLY 159 159 159 GLY GLY A . n 
A 1 160 ALA 160 160 160 ALA ALA A . n 
A 1 161 SER 161 161 161 SER SER A . n 
A 1 162 VAL 162 162 162 VAL VAL A . n 
A 1 163 SER 163 163 163 SER SER A . n 
A 1 164 VAL 164 164 164 VAL VAL A . n 
A 1 165 TYR 165 165 165 TYR TYR A . n 
A 1 166 GLY 166 166 166 GLY GLY A . n 
A 1 167 LYS 167 167 167 LYS LYS A . n 
A 1 168 THR 168 168 168 THR THR A . n 
A 1 169 VAL 169 169 169 VAL VAL A . n 
A 1 170 ALA 170 170 170 ALA ALA A . n 
A 1 171 ILE 171 171 171 ILE ILE A . n 
A 1 172 ILE 172 172 172 ILE ILE A . n 
A 1 173 GLY 173 173 173 GLY GLY A . n 
A 1 174 ASN 174 174 174 ASN ASN A . n 
A 1 175 PRO 175 175 175 PRO PRO A . n 
A 1 176 ILE 176 176 176 ILE ILE A . n 
A 1 177 GLN 177 177 177 GLN GLN A . n 
A 1 178 ILE 178 178 178 ILE ILE A . n 
A 1 179 GLU 179 179 179 GLU GLU A . n 
A 1 180 ILE 180 180 180 ILE ILE A . n 
A 1 181 ALA 181 181 181 ALA ALA A . n 
A 1 182 LYS 182 182 182 LYS LYS A . n 
A 1 183 THR 183 183 183 THR THR A . n 
A 1 184 ALA 184 184 184 ALA ALA A . n 
A 1 185 ILE 185 185 185 ILE ILE A . n 
A 1 186 GLU 186 186 186 GLU GLU A . n 
A 1 187 LYS 187 187 187 LYS LYS A . n 
A 1 188 LEU 188 188 188 LEU LEU A . n 
A 1 189 ALA 189 189 189 ALA ALA A . n 
A 1 190 ARG 190 190 190 ARG ARG A . n 
A 1 191 GLY 191 191 191 GLY GLY A . n 
A 1 192 SER 192 192 192 SER SER A . n 
A 1 193 PRO 193 193 193 PRO PRO A . n 
A 1 194 HIS 194 194 194 HIS HIS A . n 
A 1 195 GLY 195 195 195 GLY GLY A . n 
A 1 196 SER 196 196 196 SER SER A . n 
A 1 197 VAL 197 197 197 VAL VAL A . n 
A 1 198 TYR 198 198 198 TYR TYR A . n 
A 1 199 ARG 199 199 199 ARG ARG A . n 
A 1 200 TYR 200 200 200 TYR TYR A . n 
A 1 201 LEU 201 201 201 LEU LEU A . n 
A 1 202 GLU 202 202 202 GLU GLU A . n 
A 1 203 ARG 203 203 203 ARG ARG A . n 
A 1 204 ARG 204 204 204 ARG ARG A . n 
A 1 205 LYS 205 205 ?   ?   ?   A . n 
A 1 206 LYS 206 206 ?   ?   ?   A . n 
A 1 207 ASP 207 207 ?   ?   ?   A . n 
A 1 208 LEU 208 208 ?   ?   ?   A . n 
A 1 209 GLU 209 209 ?   ?   ?   A . n 
A 1 210 LEU 210 210 ?   ?   ?   A . n 
A 1 211 GLU 211 211 ?   ?   ?   A . n 
A 1 212 GLY 212 212 ?   ?   ?   A . n 
A 1 213 ALA 213 213 ?   ?   ?   A . n 
A 1 214 MET 214 214 ?   ?   ?   A . n 
A 1 215 TYR 215 215 ?   ?   ?   A . n 
A 1 216 TYR 216 216 ?   ?   ?   A . n 
A 1 217 GLU 217 217 ?   ?   ?   A . n 
A 1 218 ASN 218 218 ?   ?   ?   A . n 
A 1 219 LEU 219 219 ?   ?   ?   A . n 
# 
loop_
_pdbx_nonpoly_scheme.asym_id 
_pdbx_nonpoly_scheme.entity_id 
_pdbx_nonpoly_scheme.mon_id 
_pdbx_nonpoly_scheme.ndb_seq_num 
_pdbx_nonpoly_scheme.pdb_seq_num 
_pdbx_nonpoly_scheme.auth_seq_num 
_pdbx_nonpoly_scheme.pdb_mon_id 
_pdbx_nonpoly_scheme.auth_mon_id 
_pdbx_nonpoly_scheme.pdb_strand_id 
_pdbx_nonpoly_scheme.pdb_ins_code 
B 2 HOH 1  220 1  HOH HOH A . 
B 2 HOH 2  221 2  HOH HOH A . 
B 2 HOH 3  222 3  HOH HOH A . 
B 2 HOH 4  223 4  HOH HOH A . 
B 2 HOH 5  224 5  HOH HOH A . 
B 2 HOH 6  225 6  HOH HOH A . 
B 2 HOH 7  226 7  HOH HOH A . 
B 2 HOH 8  227 8  HOH HOH A . 
B 2 HOH 9  228 9  HOH HOH A . 
B 2 HOH 10 229 10 HOH HOH A . 
B 2 HOH 11 230 11 HOH HOH A . 
B 2 HOH 12 231 12 HOH HOH A . 
B 2 HOH 13 232 13 HOH HOH A . 
B 2 HOH 14 233 14 HOH HOH A . 
B 2 HOH 15 234 15 HOH HOH A . 
B 2 HOH 16 235 16 HOH HOH A . 
B 2 HOH 17 236 17 HOH HOH A . 
B 2 HOH 18 237 18 HOH HOH A . 
B 2 HOH 19 238 19 HOH HOH A . 
B 2 HOH 20 239 20 HOH HOH A . 
# 
loop_
_software.name 
_software.classification 
_software.version 
_software.citation_id 
_software.pdbx_ordinal 
REFMAC   refinement        5.2.0019 ? 1 
HKL-2000 'data collection' .        ? 2 
HKL-2000 'data reduction'  .        ? 3 
HKL-2000 'data scaling'    .        ? 4 
MOLREP   phasing           .        ? 5 
# 
_cell.entry_id           2E3U 
_cell.length_a           45.949 
_cell.length_b           47.450 
_cell.length_c           95.722 
_cell.angle_alpha        90.00 
_cell.angle_beta         90.00 
_cell.angle_gamma        90.00 
_cell.Z_PDB              4 
_cell.pdbx_unique_axis   ? 
_cell.length_a_esd       ? 
_cell.length_b_esd       ? 
_cell.length_c_esd       ? 
_cell.angle_alpha_esd    ? 
_cell.angle_beta_esd     ? 
_cell.angle_gamma_esd    ? 
# 
_symmetry.entry_id                         2E3U 
_symmetry.space_group_name_H-M             'P 21 21 21' 
_symmetry.pdbx_full_space_group_name_H-M   ? 
_symmetry.cell_setting                     ? 
_symmetry.Int_Tables_number                19 
_symmetry.space_group_name_Hall            ? 
# 
_exptl.entry_id          2E3U 
_exptl.method            'X-RAY DIFFRACTION' 
_exptl.crystals_number   1 
# 
_exptl_crystal.id                    1 
_exptl_crystal.density_meas          ? 
_exptl_crystal.density_Matthews      2.08 
_exptl_crystal.density_percent_sol   40.79 
_exptl_crystal.description           ? 
_exptl_crystal.F_000                 ? 
_exptl_crystal.preparation           ? 
# 
_exptl_crystal_grow.crystal_id      1 
_exptl_crystal_grow.method          'VAPOR DIFFUSION, SITTING DROP' 
_exptl_crystal_grow.temp            293 
_exptl_crystal_grow.temp_details    ? 
_exptl_crystal_grow.pH              6.2 
_exptl_crystal_grow.pdbx_details    
'9% PEG 3000, 0.1M cacodylate buffer, 0.2M Magnesium Chloride, pH 6.2, VAPOR DIFFUSION, SITTING DROP, temperature 293K' 
_exptl_crystal_grow.pdbx_pH_range   ? 
# 
_diffrn.id                     1 
_diffrn.ambient_temp           100 
_diffrn.ambient_temp_details   ? 
_diffrn.crystal_id             1 
# 
_diffrn_detector.diffrn_id              1 
_diffrn_detector.detector               CCD 
_diffrn_detector.type                   'ADSC QUANTUM 315' 
_diffrn_detector.pdbx_collection_date   2005-07-05 
_diffrn_detector.details                ? 
# 
_diffrn_radiation.diffrn_id                        1 
_diffrn_radiation.wavelength_id                    1 
_diffrn_radiation.pdbx_monochromatic_or_laue_m_l   M 
_diffrn_radiation.monochromator                    ? 
_diffrn_radiation.pdbx_diffrn_protocol             'SINGLE WAVELENGTH' 
_diffrn_radiation.pdbx_scattering_type             x-ray 
# 
_diffrn_radiation_wavelength.id           1 
_diffrn_radiation_wavelength.wavelength   1.0000 
_diffrn_radiation_wavelength.wt           1.0 
# 
_diffrn_source.diffrn_id                   1 
_diffrn_source.source                      SYNCHROTRON 
_diffrn_source.type                        'SPRING-8 BEAMLINE BL41XU' 
_diffrn_source.pdbx_synchrotron_site       SPring-8 
_diffrn_source.pdbx_synchrotron_beamline   BL41XU 
_diffrn_source.pdbx_wavelength             1.0000 
_diffrn_source.pdbx_wavelength_list        1.0000 
# 
_reflns.entry_id                     2E3U 
_reflns.observed_criterion_sigma_F   ? 
_reflns.observed_criterion_sigma_I   ? 
_reflns.d_resolution_high            2.0 
_reflns.d_resolution_low             50.0 
_reflns.number_all                   ? 
_reflns.number_obs                   14199 
_reflns.percent_possible_obs         ? 
_reflns.pdbx_Rmerge_I_obs            ? 
_reflns.pdbx_Rsym_value              ? 
_reflns.pdbx_netI_over_sigmaI        ? 
_reflns.B_iso_Wilson_estimate        34.7 
_reflns.pdbx_redundancy              ? 
_reflns.R_free_details               ? 
_reflns.limit_h_max                  ? 
_reflns.limit_h_min                  ? 
_reflns.limit_k_max                  ? 
_reflns.limit_k_min                  ? 
_reflns.limit_l_max                  ? 
_reflns.limit_l_min                  ? 
_reflns.observed_criterion_F_max     ? 
_reflns.observed_criterion_F_min     ? 
_reflns.pdbx_chi_squared             ? 
_reflns.pdbx_scaling_rejects         ? 
_reflns.pdbx_ordinal                 1 
_reflns.pdbx_diffrn_id               1 
# 
_refine.entry_id                                 2E3U 
_refine.ls_number_reflns_obs                     9135 
_refine.ls_number_reflns_all                     ? 
_refine.pdbx_ls_sigma_I                          ? 
_refine.pdbx_ls_sigma_F                          ? 
_refine.pdbx_data_cutoff_high_absF               ? 
_refine.pdbx_data_cutoff_low_absF                ? 
_refine.pdbx_data_cutoff_high_rms_absF           ? 
_refine.ls_d_res_low                             47.84 
_refine.ls_d_res_high                            2.30 
_refine.ls_percent_reflns_obs                    98.18 
_refine.ls_R_factor_obs                          0.22926 
_refine.ls_R_factor_all                          ? 
_refine.ls_R_factor_R_work                       0.22756 
_refine.ls_R_factor_R_free                       0.26258 
_refine.ls_R_factor_R_free_error                 ? 
_refine.ls_R_factor_R_free_error_details         ? 
_refine.ls_percent_reflns_R_free                 4.9 
_refine.ls_number_reflns_R_free                  467 
_refine.ls_number_parameters                     ? 
_refine.ls_number_restraints                     ? 
_refine.occupancy_min                            ? 
_refine.occupancy_max                            ? 
_refine.correlation_coeff_Fo_to_Fc               0.931 
_refine.correlation_coeff_Fo_to_Fc_free          0.908 
_refine.B_iso_mean                               25.972 
_refine.aniso_B[1][1]                            2.26 
_refine.aniso_B[2][2]                            1.33 
_refine.aniso_B[3][3]                            -3.59 
_refine.aniso_B[1][2]                            0.00 
_refine.aniso_B[1][3]                            0.00 
_refine.aniso_B[2][3]                            0.00 
_refine.solvent_model_details                    MASK 
_refine.solvent_model_param_ksol                 ? 
_refine.solvent_model_param_bsol                 ? 
_refine.pdbx_solvent_vdw_probe_radii             1.40 
_refine.pdbx_solvent_ion_probe_radii             0.80 
_refine.pdbx_solvent_shrinkage_radii             0.80 
_refine.pdbx_ls_cross_valid_method               THROUGHOUT 
_refine.details                                  'HYDROGENS HAVE BEEN ADDED IN THE RIDING POSITIONS' 
_refine.pdbx_starting_model                      1TUA 
_refine.pdbx_method_to_determine_struct          'MOLECULAR REPLACEMENT' 
_refine.pdbx_isotropic_thermal_model             ? 
_refine.pdbx_stereochemistry_target_values       'MAXIMUM LIKELIHOOD' 
_refine.pdbx_stereochem_target_val_spec_case     ? 
_refine.pdbx_R_Free_selection_details            RANDOM 
_refine.pdbx_overall_ESU_R                       0.319 
_refine.pdbx_overall_ESU_R_Free                  0.237 
_refine.overall_SU_ML                            0.173 
_refine.overall_SU_B                             14.503 
_refine.ls_redundancy_reflns_obs                 ? 
_refine.B_iso_min                                ? 
_refine.B_iso_max                                ? 
_refine.overall_SU_R_Cruickshank_DPI             ? 
_refine.overall_SU_R_free                        ? 
_refine.ls_wR_factor_R_free                      ? 
_refine.ls_wR_factor_R_work                      ? 
_refine.overall_FOM_free_R_set                   ? 
_refine.overall_FOM_work_R_set                   ? 
_refine.pdbx_overall_phase_error                 ? 
_refine.pdbx_refine_id                           'X-RAY DIFFRACTION' 
_refine.pdbx_TLS_residual_ADP_flag               'LIKELY RESIDUAL' 
_refine.pdbx_diffrn_id                           1 
_refine.pdbx_overall_SU_R_free_Cruickshank_DPI   ? 
_refine.pdbx_overall_SU_R_Blow_DPI               ? 
_refine.pdbx_overall_SU_R_free_Blow_DPI          ? 
# 
_refine_hist.pdbx_refine_id                   'X-RAY DIFFRACTION' 
_refine_hist.cycle_id                         LAST 
_refine_hist.pdbx_number_atoms_protein        1320 
_refine_hist.pdbx_number_atoms_nucleic_acid   0 
_refine_hist.pdbx_number_atoms_ligand         0 
_refine_hist.number_atoms_solvent             20 
_refine_hist.number_atoms_total               1340 
_refine_hist.d_res_high                       2.30 
_refine_hist.d_res_low                        47.84 
# 
loop_
_refine_ls_restr.type 
_refine_ls_restr.dev_ideal 
_refine_ls_restr.dev_ideal_target 
_refine_ls_restr.weight 
_refine_ls_restr.number 
_refine_ls_restr.pdbx_refine_id 
_refine_ls_restr.pdbx_restraint_function 
r_bond_refined_d         0.016  0.022  ? 1336 'X-RAY DIFFRACTION' ? 
r_angle_refined_deg      1.466  1.984  ? 1793 'X-RAY DIFFRACTION' ? 
r_dihedral_angle_1_deg   5.997  5.000  ? 164  'X-RAY DIFFRACTION' ? 
r_dihedral_angle_2_deg   34.636 22.364 ? 55   'X-RAY DIFFRACTION' ? 
r_dihedral_angle_3_deg   17.835 15.000 ? 271  'X-RAY DIFFRACTION' ? 
r_dihedral_angle_4_deg   18.369 15.000 ? 16   'X-RAY DIFFRACTION' ? 
r_chiral_restr           0.099  0.200  ? 207  'X-RAY DIFFRACTION' ? 
r_gen_planes_refined     0.005  0.020  ? 956  'X-RAY DIFFRACTION' ? 
r_nbd_refined            0.213  0.200  ? 609  'X-RAY DIFFRACTION' ? 
r_nbtor_refined          0.301  0.200  ? 915  'X-RAY DIFFRACTION' ? 
r_xyhbond_nbd_refined    0.144  0.200  ? 49   'X-RAY DIFFRACTION' ? 
r_symmetry_vdw_refined   0.177  0.200  ? 28   'X-RAY DIFFRACTION' ? 
r_symmetry_hbond_refined 0.208  0.200  ? 4    'X-RAY DIFFRACTION' ? 
r_mcbond_it              0.839  1.500  ? 858  'X-RAY DIFFRACTION' ? 
r_mcangle_it             1.374  2.000  ? 1332 'X-RAY DIFFRACTION' ? 
r_scbond_it              2.223  3.000  ? 550  'X-RAY DIFFRACTION' ? 
r_scangle_it             3.574  4.500  ? 461  'X-RAY DIFFRACTION' ? 
# 
_refine_ls_shell.pdbx_total_number_of_bins_used   20 
_refine_ls_shell.d_res_high                       2.300 
_refine_ls_shell.d_res_low                        2.360 
_refine_ls_shell.number_reflns_R_work             631 
_refine_ls_shell.R_factor_R_work                  0.263 
_refine_ls_shell.percent_reflns_obs               95.19 
_refine_ls_shell.R_factor_R_free                  0.325 
_refine_ls_shell.R_factor_R_free_error            ? 
_refine_ls_shell.percent_reflns_R_free            ? 
_refine_ls_shell.number_reflns_R_free             42 
_refine_ls_shell.number_reflns_all                ? 
_refine_ls_shell.R_factor_all                     ? 
_refine_ls_shell.number_reflns_obs                ? 
_refine_ls_shell.redundancy_reflns_obs            ? 
_refine_ls_shell.pdbx_refine_id                   'X-RAY DIFFRACTION' 
# 
_struct.entry_id                  2E3U 
_struct.title                     'Crystal structure analysis of Dim2p from Pyrococcus horikoshii OT3' 
_struct.pdbx_model_details        ? 
_struct.pdbx_CASP_flag            ? 
_struct.pdbx_model_type_details   ? 
# 
_struct_keywords.entry_id        2E3U 
_struct_keywords.pdbx_keywords   'RNA BINDING PROTEIN' 
_struct_keywords.text            'pre-ribosomal RNA processing factor, RNA BINDING PROTEIN' 
# 
loop_
_struct_asym.id 
_struct_asym.pdbx_blank_PDB_chainid_flag 
_struct_asym.pdbx_modified 
_struct_asym.entity_id 
_struct_asym.details 
A N N 1 ? 
B N N 2 ? 
# 
_struct_ref.id                         1 
_struct_ref.db_name                    UNP 
_struct_ref.db_code                    O59282_PYRHO 
_struct_ref.pdbx_db_accession          O59282 
_struct_ref.entity_id                  1 
_struct_ref.pdbx_seq_one_letter_code   
;MGEEFEKLMKKFENVNKDGEIVEDEDEWEEFFKQEEYVKIPKDRIAVLIGKKGQTKKEIEKRTKTKITIDSETGEVWITS
TKETEDPLAVWKARDIVLAIGRGFSPERAFRLLNEGEYLEIINLTDIIIGNEKNALPRVRGRIIGRKGRTRQIIEEMSGA
SVSVYGKTVAIIGNPIQIEIAKTAIEKLARGSPHGSVYRYLERRKKDLELEGAMYYENL
;
_struct_ref.pdbx_align_begin           1 
_struct_ref.pdbx_db_isoform            ? 
# 
_struct_ref_seq.align_id                      1 
_struct_ref_seq.ref_id                        1 
_struct_ref_seq.pdbx_PDB_id_code              2E3U 
_struct_ref_seq.pdbx_strand_id                A 
_struct_ref_seq.seq_align_beg                 1 
_struct_ref_seq.pdbx_seq_align_beg_ins_code   ? 
_struct_ref_seq.seq_align_end                 219 
_struct_ref_seq.pdbx_seq_align_end_ins_code   ? 
_struct_ref_seq.pdbx_db_accession             O59282 
_struct_ref_seq.db_align_beg                  1 
_struct_ref_seq.pdbx_db_align_beg_ins_code    ? 
_struct_ref_seq.db_align_end                  219 
_struct_ref_seq.pdbx_db_align_end_ins_code    ? 
_struct_ref_seq.pdbx_auth_seq_align_beg       1 
_struct_ref_seq.pdbx_auth_seq_align_end       219 
# 
_pdbx_struct_assembly.id                   1 
_pdbx_struct_assembly.details              author_defined_assembly 
_pdbx_struct_assembly.method_details       ? 
_pdbx_struct_assembly.oligomeric_details   monomeric 
_pdbx_struct_assembly.oligomeric_count     1 
# 
_pdbx_struct_assembly_gen.assembly_id       1 
_pdbx_struct_assembly_gen.oper_expression   1 
_pdbx_struct_assembly_gen.asym_id_list      A,B 
# 
_pdbx_struct_oper_list.id                   1 
_pdbx_struct_oper_list.type                 'identity operation' 
_pdbx_struct_oper_list.name                 1_555 
_pdbx_struct_oper_list.symmetry_operation   x,y,z 
_pdbx_struct_oper_list.matrix[1][1]         1.0000000000 
_pdbx_struct_oper_list.matrix[1][2]         0.0000000000 
_pdbx_struct_oper_list.matrix[1][3]         0.0000000000 
_pdbx_struct_oper_list.vector[1]            0.0000000000 
_pdbx_struct_oper_list.matrix[2][1]         0.0000000000 
_pdbx_struct_oper_list.matrix[2][2]         1.0000000000 
_pdbx_struct_oper_list.matrix[2][3]         0.0000000000 
_pdbx_struct_oper_list.vector[2]            0.0000000000 
_pdbx_struct_oper_list.matrix[3][1]         0.0000000000 
_pdbx_struct_oper_list.matrix[3][2]         0.0000000000 
_pdbx_struct_oper_list.matrix[3][3]         1.0000000000 
_pdbx_struct_oper_list.vector[3]            0.0000000000 
# 
_struct_biol.id        1 
_struct_biol.details   ? 
# 
loop_
_struct_conf.conf_type_id 
_struct_conf.id 
_struct_conf.pdbx_PDB_helix_id 
_struct_conf.beg_label_comp_id 
_struct_conf.beg_label_asym_id 
_struct_conf.beg_label_seq_id 
_struct_conf.pdbx_beg_PDB_ins_code 
_struct_conf.end_label_comp_id 
_struct_conf.end_label_asym_id 
_struct_conf.end_label_seq_id 
_struct_conf.pdbx_end_PDB_ins_code 
_struct_conf.beg_auth_comp_id 
_struct_conf.beg_auth_asym_id 
_struct_conf.beg_auth_seq_id 
_struct_conf.end_auth_comp_id 
_struct_conf.end_auth_asym_id 
_struct_conf.end_auth_seq_id 
_struct_conf.pdbx_PDB_helix_class 
_struct_conf.details 
_struct_conf.pdbx_PDB_helix_length 
HELX_P HELX_P1  1  PRO A 41  ? GLY A 50  ? PRO A 41  GLY A 50  1 ? 10 
HELX_P HELX_P2  2  GLY A 53  ? LYS A 64  ? GLY A 53  LYS A 64  1 ? 12 
HELX_P HELX_P3  3  ASP A 86  ? ARG A 102 ? ASP A 86  ARG A 102 1 ? 17 
HELX_P HELX_P4  4  SER A 105 ? PHE A 110 ? SER A 105 PHE A 110 1 ? 6  
HELX_P HELX_P5  5  ARG A 111 ? ASN A 114 ? ARG A 111 ASN A 114 5 ? 4  
HELX_P HELX_P6  6  THR A 125 ? ILE A 127 ? THR A 125 ILE A 127 5 ? 3  
HELX_P HELX_P7  7  ALA A 135 ? GLY A 145 ? ALA A 135 GLY A 145 1 ? 11 
HELX_P HELX_P8  8  GLY A 148 ? GLY A 159 ? GLY A 148 GLY A 159 1 ? 12 
HELX_P HELX_P9  9  ASN A 174 ? ARG A 190 ? ASN A 174 ARG A 190 1 ? 17 
HELX_P HELX_P10 10 PRO A 193 ? ARG A 204 ? PRO A 193 ARG A 204 1 ? 12 
# 
_struct_conf_type.id          HELX_P 
_struct_conf_type.criteria    ? 
_struct_conf_type.reference   ? 
# 
loop_
_struct_sheet.id 
_struct_sheet.type 
_struct_sheet.number_strands 
_struct_sheet.details 
A ? 3 ? 
B ? 3 ? 
# 
loop_
_struct_sheet_order.sheet_id 
_struct_sheet_order.range_id_1 
_struct_sheet_order.range_id_2 
_struct_sheet_order.offset 
_struct_sheet_order.sense 
A 1 2 ? anti-parallel 
A 2 3 ? anti-parallel 
B 1 2 ? anti-parallel 
B 2 3 ? anti-parallel 
# 
loop_
_struct_sheet_range.sheet_id 
_struct_sheet_range.id 
_struct_sheet_range.beg_label_comp_id 
_struct_sheet_range.beg_label_asym_id 
_struct_sheet_range.beg_label_seq_id 
_struct_sheet_range.pdbx_beg_PDB_ins_code 
_struct_sheet_range.end_label_comp_id 
_struct_sheet_range.end_label_asym_id 
_struct_sheet_range.end_label_seq_id 
_struct_sheet_range.pdbx_end_PDB_ins_code 
_struct_sheet_range.beg_auth_comp_id 
_struct_sheet_range.beg_auth_asym_id 
_struct_sheet_range.beg_auth_seq_id 
_struct_sheet_range.end_auth_comp_id 
_struct_sheet_range.end_auth_asym_id 
_struct_sheet_range.end_auth_seq_id 
A 1 GLU A 35  ? LYS A 39  ? GLU A 35  LYS A 39  
A 2 GLU A 75  ? SER A 80  ? GLU A 75  SER A 80  
A 3 THR A 65  ? ILE A 69  ? THR A 65  ILE A 69  
B 1 TYR A 118 ? ASN A 123 ? TYR A 118 ASN A 123 
B 2 THR A 168 ? GLY A 173 ? THR A 168 GLY A 173 
B 3 SER A 161 ? TYR A 165 ? SER A 161 TYR A 165 
# 
loop_
_pdbx_struct_sheet_hbond.sheet_id 
_pdbx_struct_sheet_hbond.range_id_1 
_pdbx_struct_sheet_hbond.range_id_2 
_pdbx_struct_sheet_hbond.range_1_label_atom_id 
_pdbx_struct_sheet_hbond.range_1_label_comp_id 
_pdbx_struct_sheet_hbond.range_1_label_asym_id 
_pdbx_struct_sheet_hbond.range_1_label_seq_id 
_pdbx_struct_sheet_hbond.range_1_PDB_ins_code 
_pdbx_struct_sheet_hbond.range_1_auth_atom_id 
_pdbx_struct_sheet_hbond.range_1_auth_comp_id 
_pdbx_struct_sheet_hbond.range_1_auth_asym_id 
_pdbx_struct_sheet_hbond.range_1_auth_seq_id 
_pdbx_struct_sheet_hbond.range_2_label_atom_id 
_pdbx_struct_sheet_hbond.range_2_label_comp_id 
_pdbx_struct_sheet_hbond.range_2_label_asym_id 
_pdbx_struct_sheet_hbond.range_2_label_seq_id 
_pdbx_struct_sheet_hbond.range_2_PDB_ins_code 
_pdbx_struct_sheet_hbond.range_2_auth_atom_id 
_pdbx_struct_sheet_hbond.range_2_auth_comp_id 
_pdbx_struct_sheet_hbond.range_2_auth_asym_id 
_pdbx_struct_sheet_hbond.range_2_auth_seq_id 
A 1 2 N VAL A 38  ? N VAL A 38  O VAL A 76  ? O VAL A 76  
A 2 3 O THR A 79  ? O THR A 79  N LYS A 66  ? N LYS A 66  
B 1 2 N ILE A 122 ? N ILE A 122 O VAL A 169 ? O VAL A 169 
B 2 3 O ALA A 170 ? O ALA A 170 N SER A 163 ? N SER A 163 
# 
_pdbx_entry_details.entry_id                   2E3U 
_pdbx_entry_details.compound_details           ? 
_pdbx_entry_details.source_details             ? 
_pdbx_entry_details.nonpolymer_details         ? 
_pdbx_entry_details.sequence_details           ? 
_pdbx_entry_details.has_ligand_of_interest     ? 
_pdbx_entry_details.has_protein_modification   N 
# 
_pdbx_validate_rmsd_angle.id                         1 
_pdbx_validate_rmsd_angle.PDB_model_num              1 
_pdbx_validate_rmsd_angle.auth_atom_id_1             NE 
_pdbx_validate_rmsd_angle.auth_asym_id_1             A 
_pdbx_validate_rmsd_angle.auth_comp_id_1             ARG 
_pdbx_validate_rmsd_angle.auth_seq_id_1              111 
_pdbx_validate_rmsd_angle.PDB_ins_code_1             ? 
_pdbx_validate_rmsd_angle.label_alt_id_1             ? 
_pdbx_validate_rmsd_angle.auth_atom_id_2             CZ 
_pdbx_validate_rmsd_angle.auth_asym_id_2             A 
_pdbx_validate_rmsd_angle.auth_comp_id_2             ARG 
_pdbx_validate_rmsd_angle.auth_seq_id_2              111 
_pdbx_validate_rmsd_angle.PDB_ins_code_2             ? 
_pdbx_validate_rmsd_angle.label_alt_id_2             ? 
_pdbx_validate_rmsd_angle.auth_atom_id_3             NH1 
_pdbx_validate_rmsd_angle.auth_asym_id_3             A 
_pdbx_validate_rmsd_angle.auth_comp_id_3             ARG 
_pdbx_validate_rmsd_angle.auth_seq_id_3              111 
_pdbx_validate_rmsd_angle.PDB_ins_code_3             ? 
_pdbx_validate_rmsd_angle.label_alt_id_3             ? 
_pdbx_validate_rmsd_angle.angle_value                117.28 
_pdbx_validate_rmsd_angle.angle_target_value         120.30 
_pdbx_validate_rmsd_angle.angle_deviation            -3.02 
_pdbx_validate_rmsd_angle.angle_standard_deviation   0.50 
_pdbx_validate_rmsd_angle.linker_flag                N 
# 
loop_
_pdbx_validate_torsion.id 
_pdbx_validate_torsion.PDB_model_num 
_pdbx_validate_torsion.auth_comp_id 
_pdbx_validate_torsion.auth_asym_id 
_pdbx_validate_torsion.auth_seq_id 
_pdbx_validate_torsion.PDB_ins_code 
_pdbx_validate_torsion.label_alt_id 
_pdbx_validate_torsion.phi 
_pdbx_validate_torsion.psi 
1 1 ASP A 43 ? ? -39.21 -36.68 
2 1 LYS A 51 ? ? -55.18 108.66 
3 1 LYS A 52 ? ? 37.99  54.66  
# 
loop_
_pdbx_refine_tls.id 
_pdbx_refine_tls.details 
_pdbx_refine_tls.method 
_pdbx_refine_tls.origin_x 
_pdbx_refine_tls.origin_y 
_pdbx_refine_tls.origin_z 
_pdbx_refine_tls.T[1][1] 
_pdbx_refine_tls.T[2][2] 
_pdbx_refine_tls.T[3][3] 
_pdbx_refine_tls.T[1][2] 
_pdbx_refine_tls.T[1][3] 
_pdbx_refine_tls.T[2][3] 
_pdbx_refine_tls.L[1][1] 
_pdbx_refine_tls.L[2][2] 
_pdbx_refine_tls.L[3][3] 
_pdbx_refine_tls.L[1][2] 
_pdbx_refine_tls.L[1][3] 
_pdbx_refine_tls.L[2][3] 
_pdbx_refine_tls.S[1][1] 
_pdbx_refine_tls.S[1][2] 
_pdbx_refine_tls.S[1][3] 
_pdbx_refine_tls.S[2][1] 
_pdbx_refine_tls.S[2][2] 
_pdbx_refine_tls.S[2][3] 
_pdbx_refine_tls.S[3][1] 
_pdbx_refine_tls.S[3][2] 
_pdbx_refine_tls.S[3][3] 
_pdbx_refine_tls.pdbx_refine_id 
1  ? refined -16.8472 5.5140   -6.0764  0.1443 0.0550 0.0921 0.0028  -0.0740 0.0250  15.6321 6.2098  18.7112 -6.2149 -12.6152 9.4170   -0.1444 0.5689  0.9676  0.0353  -0.1977 0.2083  -0.3849 -0.4099 0.3421  'X-RAY DIFFRACTION' 
2  ? refined -4.3916  -4.9942  -11.4978 0.1162 0.2772 0.0131 0.0707  -0.0652 -0.0526 7.9167  5.8448  1.9207  1.6567  -1.6446  2.6024   0.3585  1.0819  -0.0927 -0.5584 -0.1121 0.0597  0.2794  0.5922  -0.2465 'X-RAY DIFFRACTION' 
3  ? refined -12.6096 -12.9272 -4.7774  0.0974 0.0040 0.3357 -0.0630 -0.1649 -0.0523 15.2668 10.2802 15.8831 -8.0370 -7.9673  7.9309   0.0074  0.2763  -1.7344 0.3941  -0.1515 0.5265  0.8610  -0.3385 0.1440  'X-RAY DIFFRACTION' 
4  ? refined -16.0886 -5.5097  -3.3829  0.1190 0.0874 0.1122 -0.0257 -0.0894 -0.0115 2.5295  4.0043  8.7471  1.6076  -0.5449  -1.6191  0.4658  0.1531  -0.2954 0.0892  -0.2728 0.1805  0.5408  -0.6160 -0.1931 'X-RAY DIFFRACTION' 
5  ? refined -9.9724  -1.3443  -16.3922 0.0472 0.3469 0.0487 -0.0463 -0.0864 -0.0747 7.5912  10.5288 24.0833 -3.6792 -2.2057  -13.2493 -0.2203 0.5225  -0.2718 -0.6778 -0.1901 0.2924  0.3641  -0.9246 0.4103  'X-RAY DIFFRACTION' 
6  ? refined -20.2574 0.3586   0.5355   0.0991 0.0867 0.1904 -0.0398 -0.0479 -0.0210 1.7934  1.8632  10.4244 0.4399  -0.8683  0.8313   -0.0671 0.0684  -0.1534 0.0844  -0.2386 0.3034  0.4899  -0.3411 0.3057  'X-RAY DIFFRACTION' 
7  ? refined -10.1642 1.7138   0.1863   0.1252 0.0995 0.1229 -0.0158 -0.0370 0.0174  6.2066  1.6625  1.8773  -2.9319 -2.7282  1.6206   0.0761  0.0211  0.0571  -0.0050 0.0319  0.0655  -0.1606 0.1464  -0.1080 'X-RAY DIFFRACTION' 
8  ? refined -2.5405  -5.1338  1.1325   0.0762 0.0408 0.1542 0.0202  -0.0321 -0.0127 6.9316  1.2002  7.5618  -0.1830 -0.9012  0.6321   0.1552  0.1248  -0.5516 0.0124  -0.0784 0.1260  0.1908  0.0940  -0.0768 'X-RAY DIFFRACTION' 
9  ? refined -0.3673  5.0803   2.9816   0.0787 0.0710 0.1366 -0.0127 -0.0204 -0.0143 7.3504  0.9593  6.0095  1.5044  -3.0218  -2.3807  -0.0400 -0.1012 0.3857  0.0582  -0.2273 0.1760  -0.2381 0.1294  0.2672  'X-RAY DIFFRACTION' 
10 ? refined 14.9648  7.7672   -7.4003  0.1512 0.4930 0.2209 -0.1437 0.2340  0.2887  8.7655  1.3944  2.8383  3.4265  4.9247   1.8625   -0.4632 2.4947  1.6732  0.5590  -0.0142 -1.2927 -0.9044 0.3853  0.4774  'X-RAY DIFFRACTION' 
11 ? refined 17.2438  -1.9412  -1.9606  0.0428 0.2106 0.0707 0.0120  0.0303  -0.0672 4.7779  14.2505 16.0844 -3.0056 1.2655   -14.5666 0.2374  0.6707  -0.2100 -0.6834 -0.3047 -0.6939 0.3477  0.3918  0.0673  'X-RAY DIFFRACTION' 
12 ? refined 13.1662  -4.3620  6.9605   0.0621 0.0765 0.1826 -0.0098 -0.0478 0.0049  13.5847 3.4773  6.7792  -6.7330 -8.1504  4.5544   -0.0871 0.1520  -0.2837 0.0950  -0.0659 0.2691  0.0722  -0.1334 0.1528  'X-RAY DIFFRACTION' 
13 ? refined 4.7938   1.8418   3.6581   0.0585 0.1129 0.1212 0.0052  -0.0168 0.0022  3.7801  1.9200  2.8815  1.6903  2.7553   0.9238   -0.0942 0.3093  0.3253  0.1026  0.0534  -0.1386 -0.0119 0.1157  0.0409  'X-RAY DIFFRACTION' 
14 ? refined 9.9296   8.1569   6.7151   0.0997 0.0980 0.1824 -0.0355 -0.0563 -0.0075 15.0005 4.2133  1.5220  2.9910  -4.4790  -1.7102  0.0752  0.0483  1.2394  0.0243  0.1561  0.3118  -0.3694 0.0452  -0.2313 'X-RAY DIFFRACTION' 
15 ? refined 20.4262  7.0965   3.7145   0.0657 0.0376 0.2302 -0.1547 -0.0245 0.0251  33.3777 1.2740  5.2820  5.5114  -3.0267  0.8504   -0.2783 1.7156  1.2864  0.3337  0.2308  0.1074  -0.2204 0.7195  0.0475  'X-RAY DIFFRACTION' 
16 ? refined 17.0645  5.2032   13.7089  0.0843 0.1414 0.0806 -0.1226 -0.0506 -0.0504 17.4383 11.2725 3.9892  3.2930  -6.2914  -4.5080  0.2634  -1.1381 0.1012  0.3401  -0.4498 -0.6770 -0.2444 0.1056  0.1865  'X-RAY DIFFRACTION' 
# 
loop_
_pdbx_refine_tls_group.id 
_pdbx_refine_tls_group.refine_tls_id 
_pdbx_refine_tls_group.beg_auth_asym_id 
_pdbx_refine_tls_group.beg_auth_seq_id 
_pdbx_refine_tls_group.beg_label_asym_id 
_pdbx_refine_tls_group.beg_label_seq_id 
_pdbx_refine_tls_group.end_auth_asym_id 
_pdbx_refine_tls_group.end_auth_seq_id 
_pdbx_refine_tls_group.end_label_asym_id 
_pdbx_refine_tls_group.end_label_seq_id 
_pdbx_refine_tls_group.selection 
_pdbx_refine_tls_group.pdbx_refine_id 
_pdbx_refine_tls_group.selection_details 
1  1  A 33  A 33  A 38  A 38  ? 'X-RAY DIFFRACTION' ? 
2  2  A 39  A 39  A 49  A 49  ? 'X-RAY DIFFRACTION' ? 
3  3  A 50  A 50  A 60  A 60  ? 'X-RAY DIFFRACTION' ? 
4  4  A 61  A 61  A 70  A 70  ? 'X-RAY DIFFRACTION' ? 
5  5  A 71  A 71  A 76  A 76  ? 'X-RAY DIFFRACTION' ? 
6  6  A 77  A 77  A 88  A 88  ? 'X-RAY DIFFRACTION' ? 
7  7  A 89  A 89  A 99  A 99  ? 'X-RAY DIFFRACTION' ? 
8  8  A 100 A 100 A 113 A 113 ? 'X-RAY DIFFRACTION' ? 
9  9  A 114 A 114 A 125 A 125 ? 'X-RAY DIFFRACTION' ? 
10 10 A 126 A 126 A 138 A 138 ? 'X-RAY DIFFRACTION' ? 
11 11 A 139 A 139 A 148 A 148 ? 'X-RAY DIFFRACTION' ? 
12 12 A 149 A 149 A 156 A 156 ? 'X-RAY DIFFRACTION' ? 
13 13 A 157 A 157 A 177 A 177 ? 'X-RAY DIFFRACTION' ? 
14 14 A 178 A 178 A 187 A 187 ? 'X-RAY DIFFRACTION' ? 
15 15 A 188 A 188 A 195 A 195 ? 'X-RAY DIFFRACTION' ? 
16 16 A 196 A 196 A 204 A 204 ? 'X-RAY DIFFRACTION' ? 
# 
loop_
_pdbx_unobs_or_zero_occ_residues.id 
_pdbx_unobs_or_zero_occ_residues.PDB_model_num 
_pdbx_unobs_or_zero_occ_residues.polymer_flag 
_pdbx_unobs_or_zero_occ_residues.occupancy_flag 
_pdbx_unobs_or_zero_occ_residues.auth_asym_id 
_pdbx_unobs_or_zero_occ_residues.auth_comp_id 
_pdbx_unobs_or_zero_occ_residues.auth_seq_id 
_pdbx_unobs_or_zero_occ_residues.PDB_ins_code 
_pdbx_unobs_or_zero_occ_residues.label_asym_id 
_pdbx_unobs_or_zero_occ_residues.label_comp_id 
_pdbx_unobs_or_zero_occ_residues.label_seq_id 
1  1 Y 1 A MET 1   ? A MET 1   
2  1 Y 1 A GLY 2   ? A GLY 2   
3  1 Y 1 A GLU 3   ? A GLU 3   
4  1 Y 1 A GLU 4   ? A GLU 4   
5  1 Y 1 A PHE 5   ? A PHE 5   
6  1 Y 1 A GLU 6   ? A GLU 6   
7  1 Y 1 A LYS 7   ? A LYS 7   
8  1 Y 1 A LEU 8   ? A LEU 8   
9  1 Y 1 A MET 9   ? A MET 9   
10 1 Y 1 A LYS 10  ? A LYS 10  
11 1 Y 1 A LYS 11  ? A LYS 11  
12 1 Y 1 A PHE 12  ? A PHE 12  
13 1 Y 1 A GLU 13  ? A GLU 13  
14 1 Y 1 A ASN 14  ? A ASN 14  
15 1 Y 1 A VAL 15  ? A VAL 15  
16 1 Y 1 A ASN 16  ? A ASN 16  
17 1 Y 1 A LYS 17  ? A LYS 17  
18 1 Y 1 A ASP 18  ? A ASP 18  
19 1 Y 1 A GLY 19  ? A GLY 19  
20 1 Y 1 A GLU 20  ? A GLU 20  
21 1 Y 1 A ILE 21  ? A ILE 21  
22 1 Y 1 A VAL 22  ? A VAL 22  
23 1 Y 1 A GLU 23  ? A GLU 23  
24 1 Y 1 A ASP 24  ? A ASP 24  
25 1 Y 1 A GLU 25  ? A GLU 25  
26 1 Y 1 A ASP 26  ? A ASP 26  
27 1 Y 1 A GLU 27  ? A GLU 27  
28 1 Y 1 A TRP 28  ? A TRP 28  
29 1 Y 1 A GLU 29  ? A GLU 29  
30 1 Y 1 A GLU 30  ? A GLU 30  
31 1 Y 1 A PHE 31  ? A PHE 31  
32 1 Y 1 A PHE 32  ? A PHE 32  
33 1 Y 1 A ILE 129 ? A ILE 129 
34 1 Y 1 A GLY 130 ? A GLY 130 
35 1 Y 1 A ASN 131 ? A ASN 131 
36 1 Y 1 A GLU 132 ? A GLU 132 
37 1 Y 1 A LYS 133 ? A LYS 133 
38 1 Y 1 A ASN 134 ? A ASN 134 
39 1 Y 1 A LYS 205 ? A LYS 205 
40 1 Y 1 A LYS 206 ? A LYS 206 
41 1 Y 1 A ASP 207 ? A ASP 207 
42 1 Y 1 A LEU 208 ? A LEU 208 
43 1 Y 1 A GLU 209 ? A GLU 209 
44 1 Y 1 A LEU 210 ? A LEU 210 
45 1 Y 1 A GLU 211 ? A GLU 211 
46 1 Y 1 A GLY 212 ? A GLY 212 
47 1 Y 1 A ALA 213 ? A ALA 213 
48 1 Y 1 A MET 214 ? A MET 214 
49 1 Y 1 A TYR 215 ? A TYR 215 
50 1 Y 1 A TYR 216 ? A TYR 216 
51 1 Y 1 A GLU 217 ? A GLU 217 
52 1 Y 1 A ASN 218 ? A ASN 218 
53 1 Y 1 A LEU 219 ? A LEU 219 
# 
loop_
_chem_comp_atom.comp_id 
_chem_comp_atom.atom_id 
_chem_comp_atom.type_symbol 
_chem_comp_atom.pdbx_aromatic_flag 
_chem_comp_atom.pdbx_stereo_config 
_chem_comp_atom.pdbx_ordinal 
ALA N    N N N 1   
ALA CA   C N S 2   
ALA C    C N N 3   
ALA O    O N N 4   
ALA CB   C N N 5   
ALA OXT  O N N 6   
ALA H    H N N 7   
ALA H2   H N N 8   
ALA HA   H N N 9   
ALA HB1  H N N 10  
ALA HB2  H N N 11  
ALA HB3  H N N 12  
ALA HXT  H N N 13  
ARG N    N N N 14  
ARG CA   C N S 15  
ARG C    C N N 16  
ARG O    O N N 17  
ARG CB   C N N 18  
ARG CG   C N N 19  
ARG CD   C N N 20  
ARG NE   N N N 21  
ARG CZ   C N N 22  
ARG NH1  N N N 23  
ARG NH2  N N N 24  
ARG OXT  O N N 25  
ARG H    H N N 26  
ARG H2   H N N 27  
ARG HA   H N N 28  
ARG HB2  H N N 29  
ARG HB3  H N N 30  
ARG HG2  H N N 31  
ARG HG3  H N N 32  
ARG HD2  H N N 33  
ARG HD3  H N N 34  
ARG HE   H N N 35  
ARG HH11 H N N 36  
ARG HH12 H N N 37  
ARG HH21 H N N 38  
ARG HH22 H N N 39  
ARG HXT  H N N 40  
ASN N    N N N 41  
ASN CA   C N S 42  
ASN C    C N N 43  
ASN O    O N N 44  
ASN CB   C N N 45  
ASN CG   C N N 46  
ASN OD1  O N N 47  
ASN ND2  N N N 48  
ASN OXT  O N N 49  
ASN H    H N N 50  
ASN H2   H N N 51  
ASN HA   H N N 52  
ASN HB2  H N N 53  
ASN HB3  H N N 54  
ASN HD21 H N N 55  
ASN HD22 H N N 56  
ASN HXT  H N N 57  
ASP N    N N N 58  
ASP CA   C N S 59  
ASP C    C N N 60  
ASP O    O N N 61  
ASP CB   C N N 62  
ASP CG   C N N 63  
ASP OD1  O N N 64  
ASP OD2  O N N 65  
ASP OXT  O N N 66  
ASP H    H N N 67  
ASP H2   H N N 68  
ASP HA   H N N 69  
ASP HB2  H N N 70  
ASP HB3  H N N 71  
ASP HD2  H N N 72  
ASP HXT  H N N 73  
GLN N    N N N 74  
GLN CA   C N S 75  
GLN C    C N N 76  
GLN O    O N N 77  
GLN CB   C N N 78  
GLN CG   C N N 79  
GLN CD   C N N 80  
GLN OE1  O N N 81  
GLN NE2  N N N 82  
GLN OXT  O N N 83  
GLN H    H N N 84  
GLN H2   H N N 85  
GLN HA   H N N 86  
GLN HB2  H N N 87  
GLN HB3  H N N 88  
GLN HG2  H N N 89  
GLN HG3  H N N 90  
GLN HE21 H N N 91  
GLN HE22 H N N 92  
GLN HXT  H N N 93  
GLU N    N N N 94  
GLU CA   C N S 95  
GLU C    C N N 96  
GLU O    O N N 97  
GLU CB   C N N 98  
GLU CG   C N N 99  
GLU CD   C N N 100 
GLU OE1  O N N 101 
GLU OE2  O N N 102 
GLU OXT  O N N 103 
GLU H    H N N 104 
GLU H2   H N N 105 
GLU HA   H N N 106 
GLU HB2  H N N 107 
GLU HB3  H N N 108 
GLU HG2  H N N 109 
GLU HG3  H N N 110 
GLU HE2  H N N 111 
GLU HXT  H N N 112 
GLY N    N N N 113 
GLY CA   C N N 114 
GLY C    C N N 115 
GLY O    O N N 116 
GLY OXT  O N N 117 
GLY H    H N N 118 
GLY H2   H N N 119 
GLY HA2  H N N 120 
GLY HA3  H N N 121 
GLY HXT  H N N 122 
HIS N    N N N 123 
HIS CA   C N S 124 
HIS C    C N N 125 
HIS O    O N N 126 
HIS CB   C N N 127 
HIS CG   C Y N 128 
HIS ND1  N Y N 129 
HIS CD2  C Y N 130 
HIS CE1  C Y N 131 
HIS NE2  N Y N 132 
HIS OXT  O N N 133 
HIS H    H N N 134 
HIS H2   H N N 135 
HIS HA   H N N 136 
HIS HB2  H N N 137 
HIS HB3  H N N 138 
HIS HD1  H N N 139 
HIS HD2  H N N 140 
HIS HE1  H N N 141 
HIS HE2  H N N 142 
HIS HXT  H N N 143 
HOH O    O N N 144 
HOH H1   H N N 145 
HOH H2   H N N 146 
ILE N    N N N 147 
ILE CA   C N S 148 
ILE C    C N N 149 
ILE O    O N N 150 
ILE CB   C N S 151 
ILE CG1  C N N 152 
ILE CG2  C N N 153 
ILE CD1  C N N 154 
ILE OXT  O N N 155 
ILE H    H N N 156 
ILE H2   H N N 157 
ILE HA   H N N 158 
ILE HB   H N N 159 
ILE HG12 H N N 160 
ILE HG13 H N N 161 
ILE HG21 H N N 162 
ILE HG22 H N N 163 
ILE HG23 H N N 164 
ILE HD11 H N N 165 
ILE HD12 H N N 166 
ILE HD13 H N N 167 
ILE HXT  H N N 168 
LEU N    N N N 169 
LEU CA   C N S 170 
LEU C    C N N 171 
LEU O    O N N 172 
LEU CB   C N N 173 
LEU CG   C N N 174 
LEU CD1  C N N 175 
LEU CD2  C N N 176 
LEU OXT  O N N 177 
LEU H    H N N 178 
LEU H2   H N N 179 
LEU HA   H N N 180 
LEU HB2  H N N 181 
LEU HB3  H N N 182 
LEU HG   H N N 183 
LEU HD11 H N N 184 
LEU HD12 H N N 185 
LEU HD13 H N N 186 
LEU HD21 H N N 187 
LEU HD22 H N N 188 
LEU HD23 H N N 189 
LEU HXT  H N N 190 
LYS N    N N N 191 
LYS CA   C N S 192 
LYS C    C N N 193 
LYS O    O N N 194 
LYS CB   C N N 195 
LYS CG   C N N 196 
LYS CD   C N N 197 
LYS CE   C N N 198 
LYS NZ   N N N 199 
LYS OXT  O N N 200 
LYS H    H N N 201 
LYS H2   H N N 202 
LYS HA   H N N 203 
LYS HB2  H N N 204 
LYS HB3  H N N 205 
LYS HG2  H N N 206 
LYS HG3  H N N 207 
LYS HD2  H N N 208 
LYS HD3  H N N 209 
LYS HE2  H N N 210 
LYS HE3  H N N 211 
LYS HZ1  H N N 212 
LYS HZ2  H N N 213 
LYS HZ3  H N N 214 
LYS HXT  H N N 215 
MET N    N N N 216 
MET CA   C N S 217 
MET C    C N N 218 
MET O    O N N 219 
MET CB   C N N 220 
MET CG   C N N 221 
MET SD   S N N 222 
MET CE   C N N 223 
MET OXT  O N N 224 
MET H    H N N 225 
MET H2   H N N 226 
MET HA   H N N 227 
MET HB2  H N N 228 
MET HB3  H N N 229 
MET HG2  H N N 230 
MET HG3  H N N 231 
MET HE1  H N N 232 
MET HE2  H N N 233 
MET HE3  H N N 234 
MET HXT  H N N 235 
PHE N    N N N 236 
PHE CA   C N S 237 
PHE C    C N N 238 
PHE O    O N N 239 
PHE CB   C N N 240 
PHE CG   C Y N 241 
PHE CD1  C Y N 242 
PHE CD2  C Y N 243 
PHE CE1  C Y N 244 
PHE CE2  C Y N 245 
PHE CZ   C Y N 246 
PHE OXT  O N N 247 
PHE H    H N N 248 
PHE H2   H N N 249 
PHE HA   H N N 250 
PHE HB2  H N N 251 
PHE HB3  H N N 252 
PHE HD1  H N N 253 
PHE HD2  H N N 254 
PHE HE1  H N N 255 
PHE HE2  H N N 256 
PHE HZ   H N N 257 
PHE HXT  H N N 258 
PRO N    N N N 259 
PRO CA   C N S 260 
PRO C    C N N 261 
PRO O    O N N 262 
PRO CB   C N N 263 
PRO CG   C N N 264 
PRO CD   C N N 265 
PRO OXT  O N N 266 
PRO H    H N N 267 
PRO HA   H N N 268 
PRO HB2  H N N 269 
PRO HB3  H N N 270 
PRO HG2  H N N 271 
PRO HG3  H N N 272 
PRO HD2  H N N 273 
PRO HD3  H N N 274 
PRO HXT  H N N 275 
SER N    N N N 276 
SER CA   C N S 277 
SER C    C N N 278 
SER O    O N N 279 
SER CB   C N N 280 
SER OG   O N N 281 
SER OXT  O N N 282 
SER H    H N N 283 
SER H2   H N N 284 
SER HA   H N N 285 
SER HB2  H N N 286 
SER HB3  H N N 287 
SER HG   H N N 288 
SER HXT  H N N 289 
THR N    N N N 290 
THR CA   C N S 291 
THR C    C N N 292 
THR O    O N N 293 
THR CB   C N R 294 
THR OG1  O N N 295 
THR CG2  C N N 296 
THR OXT  O N N 297 
THR H    H N N 298 
THR H2   H N N 299 
THR HA   H N N 300 
THR HB   H N N 301 
THR HG1  H N N 302 
THR HG21 H N N 303 
THR HG22 H N N 304 
THR HG23 H N N 305 
THR HXT  H N N 306 
TRP N    N N N 307 
TRP CA   C N S 308 
TRP C    C N N 309 
TRP O    O N N 310 
TRP CB   C N N 311 
TRP CG   C Y N 312 
TRP CD1  C Y N 313 
TRP CD2  C Y N 314 
TRP NE1  N Y N 315 
TRP CE2  C Y N 316 
TRP CE3  C Y N 317 
TRP CZ2  C Y N 318 
TRP CZ3  C Y N 319 
TRP CH2  C Y N 320 
TRP OXT  O N N 321 
TRP H    H N N 322 
TRP H2   H N N 323 
TRP HA   H N N 324 
TRP HB2  H N N 325 
TRP HB3  H N N 326 
TRP HD1  H N N 327 
TRP HE1  H N N 328 
TRP HE3  H N N 329 
TRP HZ2  H N N 330 
TRP HZ3  H N N 331 
TRP HH2  H N N 332 
TRP HXT  H N N 333 
TYR N    N N N 334 
TYR CA   C N S 335 
TYR C    C N N 336 
TYR O    O N N 337 
TYR CB   C N N 338 
TYR CG   C Y N 339 
TYR CD1  C Y N 340 
TYR CD2  C Y N 341 
TYR CE1  C Y N 342 
TYR CE2  C Y N 343 
TYR CZ   C Y N 344 
TYR OH   O N N 345 
TYR OXT  O N N 346 
TYR H    H N N 347 
TYR H2   H N N 348 
TYR HA   H N N 349 
TYR HB2  H N N 350 
TYR HB3  H N N 351 
TYR HD1  H N N 352 
TYR HD2  H N N 353 
TYR HE1  H N N 354 
TYR HE2  H N N 355 
TYR HH   H N N 356 
TYR HXT  H N N 357 
VAL N    N N N 358 
VAL CA   C N S 359 
VAL C    C N N 360 
VAL O    O N N 361 
VAL CB   C N N 362 
VAL CG1  C N N 363 
VAL CG2  C N N 364 
VAL OXT  O N N 365 
VAL H    H N N 366 
VAL H2   H N N 367 
VAL HA   H N N 368 
VAL HB   H N N 369 
VAL HG11 H N N 370 
VAL HG12 H N N 371 
VAL HG13 H N N 372 
VAL HG21 H N N 373 
VAL HG22 H N N 374 
VAL HG23 H N N 375 
VAL HXT  H N N 376 
# 
loop_
_chem_comp_bond.comp_id 
_chem_comp_bond.atom_id_1 
_chem_comp_bond.atom_id_2 
_chem_comp_bond.value_order 
_chem_comp_bond.pdbx_aromatic_flag 
_chem_comp_bond.pdbx_stereo_config 
_chem_comp_bond.pdbx_ordinal 
ALA N   CA   sing N N 1   
ALA N   H    sing N N 2   
ALA N   H2   sing N N 3   
ALA CA  C    sing N N 4   
ALA CA  CB   sing N N 5   
ALA CA  HA   sing N N 6   
ALA C   O    doub N N 7   
ALA C   OXT  sing N N 8   
ALA CB  HB1  sing N N 9   
ALA CB  HB2  sing N N 10  
ALA CB  HB3  sing N N 11  
ALA OXT HXT  sing N N 12  
ARG N   CA   sing N N 13  
ARG N   H    sing N N 14  
ARG N   H2   sing N N 15  
ARG CA  C    sing N N 16  
ARG CA  CB   sing N N 17  
ARG CA  HA   sing N N 18  
ARG C   O    doub N N 19  
ARG C   OXT  sing N N 20  
ARG CB  CG   sing N N 21  
ARG CB  HB2  sing N N 22  
ARG CB  HB3  sing N N 23  
ARG CG  CD   sing N N 24  
ARG CG  HG2  sing N N 25  
ARG CG  HG3  sing N N 26  
ARG CD  NE   sing N N 27  
ARG CD  HD2  sing N N 28  
ARG CD  HD3  sing N N 29  
ARG NE  CZ   sing N N 30  
ARG NE  HE   sing N N 31  
ARG CZ  NH1  sing N N 32  
ARG CZ  NH2  doub N N 33  
ARG NH1 HH11 sing N N 34  
ARG NH1 HH12 sing N N 35  
ARG NH2 HH21 sing N N 36  
ARG NH2 HH22 sing N N 37  
ARG OXT HXT  sing N N 38  
ASN N   CA   sing N N 39  
ASN N   H    sing N N 40  
ASN N   H2   sing N N 41  
ASN CA  C    sing N N 42  
ASN CA  CB   sing N N 43  
ASN CA  HA   sing N N 44  
ASN C   O    doub N N 45  
ASN C   OXT  sing N N 46  
ASN CB  CG   sing N N 47  
ASN CB  HB2  sing N N 48  
ASN CB  HB3  sing N N 49  
ASN CG  OD1  doub N N 50  
ASN CG  ND2  sing N N 51  
ASN ND2 HD21 sing N N 52  
ASN ND2 HD22 sing N N 53  
ASN OXT HXT  sing N N 54  
ASP N   CA   sing N N 55  
ASP N   H    sing N N 56  
ASP N   H2   sing N N 57  
ASP CA  C    sing N N 58  
ASP CA  CB   sing N N 59  
ASP CA  HA   sing N N 60  
ASP C   O    doub N N 61  
ASP C   OXT  sing N N 62  
ASP CB  CG   sing N N 63  
ASP CB  HB2  sing N N 64  
ASP CB  HB3  sing N N 65  
ASP CG  OD1  doub N N 66  
ASP CG  OD2  sing N N 67  
ASP OD2 HD2  sing N N 68  
ASP OXT HXT  sing N N 69  
GLN N   CA   sing N N 70  
GLN N   H    sing N N 71  
GLN N   H2   sing N N 72  
GLN CA  C    sing N N 73  
GLN CA  CB   sing N N 74  
GLN CA  HA   sing N N 75  
GLN C   O    doub N N 76  
GLN C   OXT  sing N N 77  
GLN CB  CG   sing N N 78  
GLN CB  HB2  sing N N 79  
GLN CB  HB3  sing N N 80  
GLN CG  CD   sing N N 81  
GLN CG  HG2  sing N N 82  
GLN CG  HG3  sing N N 83  
GLN CD  OE1  doub N N 84  
GLN CD  NE2  sing N N 85  
GLN NE2 HE21 sing N N 86  
GLN NE2 HE22 sing N N 87  
GLN OXT HXT  sing N N 88  
GLU N   CA   sing N N 89  
GLU N   H    sing N N 90  
GLU N   H2   sing N N 91  
GLU CA  C    sing N N 92  
GLU CA  CB   sing N N 93  
GLU CA  HA   sing N N 94  
GLU C   O    doub N N 95  
GLU C   OXT  sing N N 96  
GLU CB  CG   sing N N 97  
GLU CB  HB2  sing N N 98  
GLU CB  HB3  sing N N 99  
GLU CG  CD   sing N N 100 
GLU CG  HG2  sing N N 101 
GLU CG  HG3  sing N N 102 
GLU CD  OE1  doub N N 103 
GLU CD  OE2  sing N N 104 
GLU OE2 HE2  sing N N 105 
GLU OXT HXT  sing N N 106 
GLY N   CA   sing N N 107 
GLY N   H    sing N N 108 
GLY N   H2   sing N N 109 
GLY CA  C    sing N N 110 
GLY CA  HA2  sing N N 111 
GLY CA  HA3  sing N N 112 
GLY C   O    doub N N 113 
GLY C   OXT  sing N N 114 
GLY OXT HXT  sing N N 115 
HIS N   CA   sing N N 116 
HIS N   H    sing N N 117 
HIS N   H2   sing N N 118 
HIS CA  C    sing N N 119 
HIS CA  CB   sing N N 120 
HIS CA  HA   sing N N 121 
HIS C   O    doub N N 122 
HIS C   OXT  sing N N 123 
HIS CB  CG   sing N N 124 
HIS CB  HB2  sing N N 125 
HIS CB  HB3  sing N N 126 
HIS CG  ND1  sing Y N 127 
HIS CG  CD2  doub Y N 128 
HIS ND1 CE1  doub Y N 129 
HIS ND1 HD1  sing N N 130 
HIS CD2 NE2  sing Y N 131 
HIS CD2 HD2  sing N N 132 
HIS CE1 NE2  sing Y N 133 
HIS CE1 HE1  sing N N 134 
HIS NE2 HE2  sing N N 135 
HIS OXT HXT  sing N N 136 
HOH O   H1   sing N N 137 
HOH O   H2   sing N N 138 
ILE N   CA   sing N N 139 
ILE N   H    sing N N 140 
ILE N   H2   sing N N 141 
ILE CA  C    sing N N 142 
ILE CA  CB   sing N N 143 
ILE CA  HA   sing N N 144 
ILE C   O    doub N N 145 
ILE C   OXT  sing N N 146 
ILE CB  CG1  sing N N 147 
ILE CB  CG2  sing N N 148 
ILE CB  HB   sing N N 149 
ILE CG1 CD1  sing N N 150 
ILE CG1 HG12 sing N N 151 
ILE CG1 HG13 sing N N 152 
ILE CG2 HG21 sing N N 153 
ILE CG2 HG22 sing N N 154 
ILE CG2 HG23 sing N N 155 
ILE CD1 HD11 sing N N 156 
ILE CD1 HD12 sing N N 157 
ILE CD1 HD13 sing N N 158 
ILE OXT HXT  sing N N 159 
LEU N   CA   sing N N 160 
LEU N   H    sing N N 161 
LEU N   H2   sing N N 162 
LEU CA  C    sing N N 163 
LEU CA  CB   sing N N 164 
LEU CA  HA   sing N N 165 
LEU C   O    doub N N 166 
LEU C   OXT  sing N N 167 
LEU CB  CG   sing N N 168 
LEU CB  HB2  sing N N 169 
LEU CB  HB3  sing N N 170 
LEU CG  CD1  sing N N 171 
LEU CG  CD2  sing N N 172 
LEU CG  HG   sing N N 173 
LEU CD1 HD11 sing N N 174 
LEU CD1 HD12 sing N N 175 
LEU CD1 HD13 sing N N 176 
LEU CD2 HD21 sing N N 177 
LEU CD2 HD22 sing N N 178 
LEU CD2 HD23 sing N N 179 
LEU OXT HXT  sing N N 180 
LYS N   CA   sing N N 181 
LYS N   H    sing N N 182 
LYS N   H2   sing N N 183 
LYS CA  C    sing N N 184 
LYS CA  CB   sing N N 185 
LYS CA  HA   sing N N 186 
LYS C   O    doub N N 187 
LYS C   OXT  sing N N 188 
LYS CB  CG   sing N N 189 
LYS CB  HB2  sing N N 190 
LYS CB  HB3  sing N N 191 
LYS CG  CD   sing N N 192 
LYS CG  HG2  sing N N 193 
LYS CG  HG3  sing N N 194 
LYS CD  CE   sing N N 195 
LYS CD  HD2  sing N N 196 
LYS CD  HD3  sing N N 197 
LYS CE  NZ   sing N N 198 
LYS CE  HE2  sing N N 199 
LYS CE  HE3  sing N N 200 
LYS NZ  HZ1  sing N N 201 
LYS NZ  HZ2  sing N N 202 
LYS NZ  HZ3  sing N N 203 
LYS OXT HXT  sing N N 204 
MET N   CA   sing N N 205 
MET N   H    sing N N 206 
MET N   H2   sing N N 207 
MET CA  C    sing N N 208 
MET CA  CB   sing N N 209 
MET CA  HA   sing N N 210 
MET C   O    doub N N 211 
MET C   OXT  sing N N 212 
MET CB  CG   sing N N 213 
MET CB  HB2  sing N N 214 
MET CB  HB3  sing N N 215 
MET CG  SD   sing N N 216 
MET CG  HG2  sing N N 217 
MET CG  HG3  sing N N 218 
MET SD  CE   sing N N 219 
MET CE  HE1  sing N N 220 
MET CE  HE2  sing N N 221 
MET CE  HE3  sing N N 222 
MET OXT HXT  sing N N 223 
PHE N   CA   sing N N 224 
PHE N   H    sing N N 225 
PHE N   H2   sing N N 226 
PHE CA  C    sing N N 227 
PHE CA  CB   sing N N 228 
PHE CA  HA   sing N N 229 
PHE C   O    doub N N 230 
PHE C   OXT  sing N N 231 
PHE CB  CG   sing N N 232 
PHE CB  HB2  sing N N 233 
PHE CB  HB3  sing N N 234 
PHE CG  CD1  doub Y N 235 
PHE CG  CD2  sing Y N 236 
PHE CD1 CE1  sing Y N 237 
PHE CD1 HD1  sing N N 238 
PHE CD2 CE2  doub Y N 239 
PHE CD2 HD2  sing N N 240 
PHE CE1 CZ   doub Y N 241 
PHE CE1 HE1  sing N N 242 
PHE CE2 CZ   sing Y N 243 
PHE CE2 HE2  sing N N 244 
PHE CZ  HZ   sing N N 245 
PHE OXT HXT  sing N N 246 
PRO N   CA   sing N N 247 
PRO N   CD   sing N N 248 
PRO N   H    sing N N 249 
PRO CA  C    sing N N 250 
PRO CA  CB   sing N N 251 
PRO CA  HA   sing N N 252 
PRO C   O    doub N N 253 
PRO C   OXT  sing N N 254 
PRO CB  CG   sing N N 255 
PRO CB  HB2  sing N N 256 
PRO CB  HB3  sing N N 257 
PRO CG  CD   sing N N 258 
PRO CG  HG2  sing N N 259 
PRO CG  HG3  sing N N 260 
PRO CD  HD2  sing N N 261 
PRO CD  HD3  sing N N 262 
PRO OXT HXT  sing N N 263 
SER N   CA   sing N N 264 
SER N   H    sing N N 265 
SER N   H2   sing N N 266 
SER CA  C    sing N N 267 
SER CA  CB   sing N N 268 
SER CA  HA   sing N N 269 
SER C   O    doub N N 270 
SER C   OXT  sing N N 271 
SER CB  OG   sing N N 272 
SER CB  HB2  sing N N 273 
SER CB  HB3  sing N N 274 
SER OG  HG   sing N N 275 
SER OXT HXT  sing N N 276 
THR N   CA   sing N N 277 
THR N   H    sing N N 278 
THR N   H2   sing N N 279 
THR CA  C    sing N N 280 
THR CA  CB   sing N N 281 
THR CA  HA   sing N N 282 
THR C   O    doub N N 283 
THR C   OXT  sing N N 284 
THR CB  OG1  sing N N 285 
THR CB  CG2  sing N N 286 
THR CB  HB   sing N N 287 
THR OG1 HG1  sing N N 288 
THR CG2 HG21 sing N N 289 
THR CG2 HG22 sing N N 290 
THR CG2 HG23 sing N N 291 
THR OXT HXT  sing N N 292 
TRP N   CA   sing N N 293 
TRP N   H    sing N N 294 
TRP N   H2   sing N N 295 
TRP CA  C    sing N N 296 
TRP CA  CB   sing N N 297 
TRP CA  HA   sing N N 298 
TRP C   O    doub N N 299 
TRP C   OXT  sing N N 300 
TRP CB  CG   sing N N 301 
TRP CB  HB2  sing N N 302 
TRP CB  HB3  sing N N 303 
TRP CG  CD1  doub Y N 304 
TRP CG  CD2  sing Y N 305 
TRP CD1 NE1  sing Y N 306 
TRP CD1 HD1  sing N N 307 
TRP CD2 CE2  doub Y N 308 
TRP CD2 CE3  sing Y N 309 
TRP NE1 CE2  sing Y N 310 
TRP NE1 HE1  sing N N 311 
TRP CE2 CZ2  sing Y N 312 
TRP CE3 CZ3  doub Y N 313 
TRP CE3 HE3  sing N N 314 
TRP CZ2 CH2  doub Y N 315 
TRP CZ2 HZ2  sing N N 316 
TRP CZ3 CH2  sing Y N 317 
TRP CZ3 HZ3  sing N N 318 
TRP CH2 HH2  sing N N 319 
TRP OXT HXT  sing N N 320 
TYR N   CA   sing N N 321 
TYR N   H    sing N N 322 
TYR N   H2   sing N N 323 
TYR CA  C    sing N N 324 
TYR CA  CB   sing N N 325 
TYR CA  HA   sing N N 326 
TYR C   O    doub N N 327 
TYR C   OXT  sing N N 328 
TYR CB  CG   sing N N 329 
TYR CB  HB2  sing N N 330 
TYR CB  HB3  sing N N 331 
TYR CG  CD1  doub Y N 332 
TYR CG  CD2  sing Y N 333 
TYR CD1 CE1  sing Y N 334 
TYR CD1 HD1  sing N N 335 
TYR CD2 CE2  doub Y N 336 
TYR CD2 HD2  sing N N 337 
TYR CE1 CZ   doub Y N 338 
TYR CE1 HE1  sing N N 339 
TYR CE2 CZ   sing Y N 340 
TYR CE2 HE2  sing N N 341 
TYR CZ  OH   sing N N 342 
TYR OH  HH   sing N N 343 
TYR OXT HXT  sing N N 344 
VAL N   CA   sing N N 345 
VAL N   H    sing N N 346 
VAL N   H2   sing N N 347 
VAL CA  C    sing N N 348 
VAL CA  CB   sing N N 349 
VAL CA  HA   sing N N 350 
VAL C   O    doub N N 351 
VAL C   OXT  sing N N 352 
VAL CB  CG1  sing N N 353 
VAL CB  CG2  sing N N 354 
VAL CB  HB   sing N N 355 
VAL CG1 HG11 sing N N 356 
VAL CG1 HG12 sing N N 357 
VAL CG1 HG13 sing N N 358 
VAL CG2 HG21 sing N N 359 
VAL CG2 HG22 sing N N 360 
VAL CG2 HG23 sing N N 361 
VAL OXT HXT  sing N N 362 
# 
_pdbx_initial_refinement_model.id               1 
_pdbx_initial_refinement_model.entity_id_list   ? 
_pdbx_initial_refinement_model.type             'experimental model' 
_pdbx_initial_refinement_model.source_name      PDB 
_pdbx_initial_refinement_model.accession_code   1TUA 
_pdbx_initial_refinement_model.details          ? 
# 
_atom_sites.entry_id                    2E3U 
_atom_sites.fract_transf_matrix[1][1]   -0.00900651 
_atom_sites.fract_transf_matrix[1][2]   -0.00542202 
_atom_sites.fract_transf_matrix[1][3]   0.01905552 
_atom_sites.fract_transf_matrix[2][1]   -0.00810387 
_atom_sites.fract_transf_matrix[2][2]   0.01938157 
_atom_sites.fract_transf_matrix[2][3]   0.00168454 
_atom_sites.fract_transf_matrix[3][1]   -0.00862034 
_atom_sites.fract_transf_matrix[3][2]   -0.00317180 
_atom_sites.fract_transf_matrix[3][3]   -0.00497687 
_atom_sites.fract_transf_vector[1]      0.341582 
_atom_sites.fract_transf_vector[2]      -0.057625 
_atom_sites.fract_transf_vector[3]      -0.200272 
# 
loop_
_atom_type.symbol 
C 
N 
O 
S 
# 
loop_
_atom_site.group_PDB 
_atom_site.id 
_atom_site.type_symbol 
_atom_site.label_atom_id 
_atom_site.label_alt_id 
_atom_site.label_comp_id 
_atom_site.label_asym_id 
_atom_site.label_entity_id 
_atom_site.label_seq_id 
_atom_site.pdbx_PDB_ins_code 
_atom_site.Cartn_x 
_atom_site.Cartn_y 
_atom_site.Cartn_z 
_atom_site.occupancy 
_atom_site.B_iso_or_equiv 
_atom_site.pdbx_formal_charge 
_atom_site.auth_seq_id 
_atom_site.auth_comp_id 
_atom_site.auth_asym_id 
_atom_site.auth_atom_id 
_atom_site.pdbx_PDB_model_num 
ATOM   1    N N   . LYS A 1 33  ? -26.029 5.589   -0.699  1.00 32.29 ? 33  LYS A N   1 
ATOM   2    C CA  . LYS A 1 33  ? -25.283 5.504   -1.996  1.00 32.49 ? 33  LYS A CA  1 
ATOM   3    C C   . LYS A 1 33  ? -23.902 6.234   -1.991  1.00 32.13 ? 33  LYS A C   1 
ATOM   4    O O   . LYS A 1 33  ? -23.755 7.356   -1.453  1.00 31.90 ? 33  LYS A O   1 
ATOM   5    C CB  . LYS A 1 33  ? -26.181 5.948   -3.159  1.00 33.39 ? 33  LYS A CB  1 
ATOM   6    C CG  . LYS A 1 33  ? -25.597 5.766   -4.569  1.00 35.18 ? 33  LYS A CG  1 
ATOM   7    C CD  . LYS A 1 33  ? -24.694 4.528   -4.679  1.00 39.47 ? 33  LYS A CD  1 
ATOM   8    C CE  . LYS A 1 33  ? -23.530 4.741   -5.655  1.00 37.77 ? 33  LYS A CE  1 
ATOM   9    N NZ  . LYS A 1 33  ? -22.990 3.418   -6.049  1.00 40.61 ? 33  LYS A NZ  1 
ATOM   10   N N   . GLN A 1 34  ? -22.894 5.545   -2.534  1.00 30.81 ? 34  GLN A N   1 
ATOM   11   C CA  . GLN A 1 34  ? -21.501 6.012   -2.538  1.00 29.87 ? 34  GLN A CA  1 
ATOM   12   C C   . GLN A 1 34  ? -20.679 5.220   -3.539  1.00 28.73 ? 34  GLN A C   1 
ATOM   13   O O   . GLN A 1 34  ? -20.832 4.009   -3.650  1.00 28.44 ? 34  GLN A O   1 
ATOM   14   C CB  . GLN A 1 34  ? -20.876 5.851   -1.158  1.00 29.37 ? 34  GLN A CB  1 
ATOM   15   C CG  . GLN A 1 34  ? -19.661 6.683   -0.917  1.00 30.88 ? 34  GLN A CG  1 
ATOM   16   C CD  . GLN A 1 34  ? -19.096 6.465   0.491   1.00 34.18 ? 34  GLN A CD  1 
ATOM   17   O OE1 . GLN A 1 34  ? -19.774 5.920   1.366   1.00 35.17 ? 34  GLN A OE1 1 
ATOM   18   N NE2 . GLN A 1 34  ? -17.845 6.867   0.699   1.00 32.51 ? 34  GLN A NE2 1 
ATOM   19   N N   . GLU A 1 35  ? -19.809 5.931   -4.256  1.00 27.93 ? 35  GLU A N   1 
ATOM   20   C CA  . GLU A 1 35  ? -18.965 5.373   -5.286  1.00 27.37 ? 35  GLU A CA  1 
ATOM   21   C C   . GLU A 1 35  ? -17.561 5.955   -5.215  1.00 26.35 ? 35  GLU A C   1 
ATOM   22   O O   . GLU A 1 35  ? -17.384 7.174   -5.290  1.00 25.58 ? 35  GLU A O   1 
ATOM   23   C CB  . GLU A 1 35  ? -19.584 5.682   -6.666  1.00 27.78 ? 35  GLU A CB  1 
ATOM   24   C CG  . GLU A 1 35  ? -18.982 4.923   -7.844  1.00 28.29 ? 35  GLU A CG  1 
ATOM   25   C CD  . GLU A 1 35  ? -19.464 5.476   -9.191  1.00 29.51 ? 35  GLU A CD  1 
ATOM   26   O OE1 . GLU A 1 35  ? -18.710 6.272   -9.805  1.00 30.52 ? 35  GLU A OE1 1 
ATOM   27   O OE2 . GLU A 1 35  ? -20.604 5.139   -9.628  1.00 33.98 ? 35  GLU A OE2 1 
ATOM   28   N N   . GLU A 1 36  ? -16.555 5.084   -5.109  1.00 25.64 ? 36  GLU A N   1 
ATOM   29   C CA  . GLU A 1 36  ? -15.158 5.512   -5.287  1.00 25.10 ? 36  GLU A CA  1 
ATOM   30   C C   . GLU A 1 36  ? -14.606 4.934   -6.576  1.00 24.60 ? 36  GLU A C   1 
ATOM   31   O O   . GLU A 1 36  ? -14.853 3.776   -6.931  1.00 23.66 ? 36  GLU A O   1 
ATOM   32   C CB  . GLU A 1 36  ? -14.265 5.100   -4.110  1.00 25.03 ? 36  GLU A CB  1 
ATOM   33   C CG  . GLU A 1 36  ? -14.733 5.594   -2.754  1.00 28.19 ? 36  GLU A CG  1 
ATOM   34   C CD  . GLU A 1 36  ? -14.690 7.127   -2.598  1.00 33.52 ? 36  GLU A CD  1 
ATOM   35   O OE1 . GLU A 1 36  ? -13.701 7.752   -3.085  1.00 33.66 ? 36  GLU A OE1 1 
ATOM   36   O OE2 . GLU A 1 36  ? -15.642 7.687   -1.980  1.00 34.10 ? 36  GLU A OE2 1 
ATOM   37   N N   . TYR A 1 37  ? -13.857 5.747   -7.293  1.00 24.45 ? 37  TYR A N   1 
ATOM   38   C CA  . TYR A 1 37  ? -13.328 5.302   -8.578  1.00 24.10 ? 37  TYR A CA  1 
ATOM   39   C C   . TYR A 1 37  ? -11.820 5.357   -8.517  1.00 23.21 ? 37  TYR A C   1 
ATOM   40   O O   . TYR A 1 37  ? -11.268 6.398   -8.183  1.00 23.68 ? 37  TYR A O   1 
ATOM   41   C CB  . TYR A 1 37  ? -13.836 6.207   -9.704  1.00 23.40 ? 37  TYR A CB  1 
ATOM   42   C CG  . TYR A 1 37  ? -13.010 6.174   -10.969 1.00 22.18 ? 37  TYR A CG  1 
ATOM   43   C CD1 . TYR A 1 37  ? -11.878 6.983   -11.113 1.00 22.87 ? 37  TYR A CD1 1 
ATOM   44   C CD2 . TYR A 1 37  ? -13.376 5.362   -12.032 1.00 23.08 ? 37  TYR A CD2 1 
ATOM   45   C CE1 . TYR A 1 37  ? -11.114 6.978   -12.290 1.00 24.21 ? 37  TYR A CE1 1 
ATOM   46   C CE2 . TYR A 1 37  ? -12.640 5.353   -13.234 1.00 25.03 ? 37  TYR A CE2 1 
ATOM   47   C CZ  . TYR A 1 37  ? -11.509 6.161   -13.352 1.00 24.48 ? 37  TYR A CZ  1 
ATOM   48   O OH  . TYR A 1 37  ? -10.769 6.139   -14.510 1.00 24.03 ? 37  TYR A OH  1 
ATOM   49   N N   . VAL A 1 38  ? -11.151 4.262   -8.860  1.00 22.79 ? 38  VAL A N   1 
ATOM   50   C CA  . VAL A 1 38  ? -9.673  4.316   -8.982  1.00 23.12 ? 38  VAL A CA  1 
ATOM   51   C C   . VAL A 1 38  ? -9.139  3.644   -10.241 1.00 23.28 ? 38  VAL A C   1 
ATOM   52   O O   . VAL A 1 38  ? -9.890  3.099   -11.026 1.00 23.46 ? 38  VAL A O   1 
ATOM   53   C CB  . VAL A 1 38  ? -8.922  3.758   -7.704  1.00 22.57 ? 38  VAL A CB  1 
ATOM   54   C CG1 . VAL A 1 38  ? -9.287  4.556   -6.462  1.00 21.96 ? 38  VAL A CG1 1 
ATOM   55   C CG2 . VAL A 1 38  ? -9.157  2.270   -7.499  1.00 21.40 ? 38  VAL A CG2 1 
ATOM   56   N N   . LYS A 1 39  ? -7.827  3.675   -10.418 1.00 24.28 ? 39  LYS A N   1 
ATOM   57   C CA  . LYS A 1 39  ? -7.204  2.993   -11.539 1.00 25.01 ? 39  LYS A CA  1 
ATOM   58   C C   . LYS A 1 39  ? -5.941  2.356   -11.013 1.00 25.09 ? 39  LYS A C   1 
ATOM   59   O O   . LYS A 1 39  ? -5.137  3.040   -10.383 1.00 25.40 ? 39  LYS A O   1 
ATOM   60   C CB  . LYS A 1 39  ? -6.880  4.018   -12.646 1.00 25.44 ? 39  LYS A CB  1 
ATOM   61   C CG  . LYS A 1 39  ? -6.638  3.446   -14.041 1.00 27.57 ? 39  LYS A CG  1 
ATOM   62   C CD  . LYS A 1 39  ? -7.257  4.370   -15.101 1.00 28.45 ? 39  LYS A CD  1 
ATOM   63   C CE  . LYS A 1 39  ? -6.928  3.913   -16.517 1.00 32.49 ? 39  LYS A CE  1 
ATOM   64   N NZ  . LYS A 1 39  ? -7.176  4.961   -17.586 1.00 32.26 ? 39  LYS A NZ  1 
ATOM   65   N N   . ILE A 1 40  ? -5.783  1.048   -11.255 1.00 24.97 ? 40  ILE A N   1 
ATOM   66   C CA  . ILE A 1 40  ? -4.589  0.284   -10.865 1.00 24.23 ? 40  ILE A CA  1 
ATOM   67   C C   . ILE A 1 40  ? -3.889  -0.199  -12.147 1.00 24.97 ? 40  ILE A C   1 
ATOM   68   O O   . ILE A 1 40  ? -4.510  -0.219  -13.203 1.00 25.01 ? 40  ILE A O   1 
ATOM   69   C CB  . ILE A 1 40  ? -4.922  -0.899  -9.879  1.00 24.59 ? 40  ILE A CB  1 
ATOM   70   C CG1 . ILE A 1 40  ? -5.680  -2.059  -10.587 1.00 23.42 ? 40  ILE A CG1 1 
ATOM   71   C CG2 . ILE A 1 40  ? -5.693  -0.373  -8.655  1.00 21.89 ? 40  ILE A CG2 1 
ATOM   72   C CD1 . ILE A 1 40  ? -5.691  -3.399  -9.744  1.00 23.87 ? 40  ILE A CD1 1 
ATOM   73   N N   . PRO A 1 41  ? -2.587  -0.551  -12.069 1.00 25.27 ? 41  PRO A N   1 
ATOM   74   C CA  . PRO A 1 41  ? -1.884  -1.029  -13.274 1.00 25.88 ? 41  PRO A CA  1 
ATOM   75   C C   . PRO A 1 41  ? -2.498  -2.296  -13.810 1.00 26.13 ? 41  PRO A C   1 
ATOM   76   O O   . PRO A 1 41  ? -2.951  -3.126  -13.024 1.00 26.04 ? 41  PRO A O   1 
ATOM   77   C CB  . PRO A 1 41  ? -0.450  -1.346  -12.776 1.00 25.26 ? 41  PRO A CB  1 
ATOM   78   C CG  . PRO A 1 41  ? -0.323  -0.728  -11.440 1.00 24.89 ? 41  PRO A CG  1 
ATOM   79   C CD  . PRO A 1 41  ? -1.706  -0.510  -10.880 1.00 25.13 ? 41  PRO A CD  1 
ATOM   80   N N   . LYS A 1 42  ? -2.478  -2.460  -15.132 1.00 27.98 ? 42  LYS A N   1 
ATOM   81   C CA  . LYS A 1 42  ? -2.920  -3.710  -15.780 1.00 29.57 ? 42  LYS A CA  1 
ATOM   82   C C   . LYS A 1 42  ? -2.178  -4.936  -15.218 1.00 30.36 ? 42  LYS A C   1 
ATOM   83   O O   . LYS A 1 42  ? -2.754  -6.023  -15.028 1.00 30.76 ? 42  LYS A O   1 
ATOM   84   C CB  . LYS A 1 42  ? -2.743  -3.616  -17.292 1.00 30.08 ? 42  LYS A CB  1 
ATOM   85   C CG  . LYS A 1 42  ? -3.943  -3.001  -18.053 1.00 32.66 ? 42  LYS A CG  1 
ATOM   86   C CD  . LYS A 1 42  ? -3.954  -1.462  -18.042 1.00 35.60 ? 42  LYS A CD  1 
ATOM   87   C CE  . LYS A 1 42  ? -3.096  -0.834  -19.160 1.00 35.76 ? 42  LYS A CE  1 
ATOM   88   N NZ  . LYS A 1 42  ? -3.587  -1.087  -20.562 1.00 38.08 ? 42  LYS A NZ  1 
ATOM   89   N N   . ASP A 1 43  ? -0.890  -4.736  -14.969 1.00 30.91 ? 43  ASP A N   1 
ATOM   90   C CA  . ASP A 1 43  ? -0.051  -5.629  -14.176 1.00 31.77 ? 43  ASP A CA  1 
ATOM   91   C C   . ASP A 1 43  ? -0.739  -6.241  -12.917 1.00 30.22 ? 43  ASP A C   1 
ATOM   92   O O   . ASP A 1 43  ? -0.517  -7.411  -12.554 1.00 29.60 ? 43  ASP A O   1 
ATOM   93   C CB  . ASP A 1 43  ? 1.211   -4.836  -13.765 1.00 32.58 ? 43  ASP A CB  1 
ATOM   94   C CG  . ASP A 1 43  ? 2.444   -5.707  -13.653 1.00 36.53 ? 43  ASP A CG  1 
ATOM   95   O OD1 . ASP A 1 43  ? 2.867   -5.983  -12.499 1.00 41.48 ? 43  ASP A OD1 1 
ATOM   96   O OD2 . ASP A 1 43  ? 2.992   -6.111  -14.712 1.00 37.93 ? 43  ASP A OD2 1 
ATOM   97   N N   . ARG A 1 44  ? -1.581  -5.461  -12.261 1.00 28.79 ? 44  ARG A N   1 
ATOM   98   C CA  . ARG A 1 44  ? -2.095  -5.879  -10.947 1.00 28.04 ? 44  ARG A CA  1 
ATOM   99   C C   . ARG A 1 44  ? -3.508  -6.449  -10.915 1.00 27.82 ? 44  ARG A C   1 
ATOM   100  O O   . ARG A 1 44  ? -3.937  -7.018  -9.893  1.00 28.19 ? 44  ARG A O   1 
ATOM   101  C CB  . ARG A 1 44  ? -1.926  -4.750  -9.923  1.00 26.63 ? 44  ARG A CB  1 
ATOM   102  C CG  . ARG A 1 44  ? -0.470  -4.363  -9.731  1.00 26.40 ? 44  ARG A CG  1 
ATOM   103  C CD  . ARG A 1 44  ? 0.343   -5.509  -9.175  1.00 22.26 ? 44  ARG A CD  1 
ATOM   104  N NE  . ARG A 1 44  ? -0.040  -5.789  -7.786  1.00 22.79 ? 44  ARG A NE  1 
ATOM   105  C CZ  . ARG A 1 44  ? 0.487   -6.763  -7.046  1.00 23.28 ? 44  ARG A CZ  1 
ATOM   106  N NH1 . ARG A 1 44  ? 0.090   -6.932  -5.796  1.00 21.06 ? 44  ARG A NH1 1 
ATOM   107  N NH2 . ARG A 1 44  ? 1.445   -7.547  -7.543  1.00 21.06 ? 44  ARG A NH2 1 
ATOM   108  N N   . ILE A 1 45  ? -4.222  -6.315  -12.023 1.00 27.57 ? 45  ILE A N   1 
ATOM   109  C CA  . ILE A 1 45  ? -5.654  -6.625  -12.080 1.00 27.47 ? 45  ILE A CA  1 
ATOM   110  C C   . ILE A 1 45  ? -5.896  -8.092  -11.715 1.00 27.66 ? 45  ILE A C   1 
ATOM   111  O O   . ILE A 1 45  ? -6.794  -8.411  -10.892 1.00 26.41 ? 45  ILE A O   1 
ATOM   112  C CB  . ILE A 1 45  ? -6.217  -6.297  -13.481 1.00 27.80 ? 45  ILE A CB  1 
ATOM   113  C CG1 . ILE A 1 45  ? -6.401  -4.782  -13.635 1.00 27.65 ? 45  ILE A CG1 1 
ATOM   114  C CG2 . ILE A 1 45  ? -7.544  -7.092  -13.787 1.00 26.23 ? 45  ILE A CG2 1 
ATOM   115  C CD1 . ILE A 1 45  ? -6.722  -4.353  -15.110 1.00 28.90 ? 45  ILE A CD1 1 
ATOM   116  N N   . ALA A 1 46  ? -5.082  -8.962  -12.328 1.00 27.03 ? 46  ALA A N   1 
ATOM   117  C CA  . ALA A 1 46  ? -5.138  -10.393 -12.095 1.00 27.45 ? 46  ALA A CA  1 
ATOM   118  C C   . ALA A 1 46  ? -4.978  -10.745 -10.601 1.00 27.80 ? 46  ALA A C   1 
ATOM   119  O O   . ALA A 1 46  ? -5.656  -11.645 -10.111 1.00 27.09 ? 46  ALA A O   1 
ATOM   120  C CB  . ALA A 1 46  ? -4.095  -11.159 -12.999 1.00 27.08 ? 46  ALA A CB  1 
ATOM   121  N N   . VAL A 1 47  ? -4.118  -10.020 -9.877  1.00 28.72 ? 47  VAL A N   1 
ATOM   122  C CA  . VAL A 1 47  ? -3.997  -10.220 -8.417  1.00 29.36 ? 47  VAL A CA  1 
ATOM   123  C C   . VAL A 1 47  ? -5.189  -9.671  -7.607  1.00 28.72 ? 47  VAL A C   1 
ATOM   124  O O   . VAL A 1 47  ? -5.608  -10.287 -6.599  1.00 28.78 ? 47  VAL A O   1 
ATOM   125  C CB  . VAL A 1 47  ? -2.596  -9.784  -7.841  1.00 29.81 ? 47  VAL A CB  1 
ATOM   126  C CG1 . VAL A 1 47  ? -2.362  -8.346  -8.029  1.00 31.99 ? 47  VAL A CG1 1 
ATOM   127  C CG2 . VAL A 1 47  ? -2.487  -10.084 -6.368  1.00 31.18 ? 47  VAL A CG2 1 
ATOM   128  N N   . LEU A 1 48  ? -5.747  -8.543  -8.045  1.00 28.52 ? 48  LEU A N   1 
ATOM   129  C CA  . LEU A 1 48  ? -6.968  -8.016  -7.432  1.00 28.22 ? 48  LEU A CA  1 
ATOM   130  C C   . LEU A 1 48  ? -8.152  -9.004  -7.586  1.00 28.22 ? 48  LEU A C   1 
ATOM   131  O O   . LEU A 1 48  ? -8.877  -9.223  -6.632  1.00 27.38 ? 48  LEU A O   1 
ATOM   132  C CB  . LEU A 1 48  ? -7.329  -6.623  -7.982  1.00 28.36 ? 48  LEU A CB  1 
ATOM   133  C CG  . LEU A 1 48  ? -8.661  -5.971  -7.536  1.00 28.56 ? 48  LEU A CG  1 
ATOM   134  C CD1 . LEU A 1 48  ? -8.609  -5.627  -6.068  1.00 25.57 ? 48  LEU A CD1 1 
ATOM   135  C CD2 . LEU A 1 48  ? -8.966  -4.719  -8.321  1.00 26.72 ? 48  LEU A CD2 1 
ATOM   136  N N   . ILE A 1 49  ? -8.299  -9.614  -8.771  1.00 28.81 ? 49  ILE A N   1 
ATOM   137  C CA  . ILE A 1 49  ? -9.376  -10.571 -9.041  1.00 29.04 ? 49  ILE A CA  1 
ATOM   138  C C   . ILE A 1 49  ? -9.081  -11.892 -8.349  1.00 29.90 ? 49  ILE A C   1 
ATOM   139  O O   . ILE A 1 49  ? -9.924  -12.411 -7.604  1.00 29.31 ? 49  ILE A O   1 
ATOM   140  C CB  . ILE A 1 49  ? -9.617  -10.785 -10.578 1.00 29.37 ? 49  ILE A CB  1 
ATOM   141  C CG1 . ILE A 1 49  ? -10.111 -9.495  -11.231 1.00 29.33 ? 49  ILE A CG1 1 
ATOM   142  C CG2 . ILE A 1 49  ? -10.635 -11.915 -10.847 1.00 28.72 ? 49  ILE A CG2 1 
ATOM   143  C CD1 . ILE A 1 49  ? -10.247 -9.547  -12.770 1.00 28.05 ? 49  ILE A CD1 1 
ATOM   144  N N   . GLY A 1 50  ? -7.876  -12.420 -8.587  1.00 31.34 ? 50  GLY A N   1 
ATOM   145  C CA  . GLY A 1 50  ? -7.427  -13.694 -8.009  1.00 32.83 ? 50  GLY A CA  1 
ATOM   146  C C   . GLY A 1 50  ? -8.019  -14.928 -8.667  1.00 34.65 ? 50  GLY A C   1 
ATOM   147  O O   . GLY A 1 50  ? -8.724  -14.818 -9.677  1.00 34.80 ? 50  GLY A O   1 
ATOM   148  N N   . LYS A 1 51  ? -7.747  -16.093 -8.062  1.00 35.95 ? 51  LYS A N   1 
ATOM   149  C CA  . LYS A 1 51  ? -8.290  -17.405 -8.473  1.00 37.17 ? 51  LYS A CA  1 
ATOM   150  C C   . LYS A 1 51  ? -9.830  -17.432 -8.534  1.00 37.67 ? 51  LYS A C   1 
ATOM   151  O O   . LYS A 1 51  ? -10.507 -17.421 -7.498  1.00 37.94 ? 51  LYS A O   1 
ATOM   152  C CB  . LYS A 1 51  ? -7.752  -18.521 -7.547  1.00 37.32 ? 51  LYS A CB  1 
ATOM   153  C CG  . LYS A 1 51  ? -8.447  -19.887 -7.705  1.00 37.48 ? 51  LYS A CG  1 
ATOM   154  C CD  . LYS A 1 51  ? -7.885  -20.964 -6.769  1.00 37.51 ? 51  LYS A CD  1 
ATOM   155  C CE  . LYS A 1 51  ? -8.703  -22.242 -6.906  1.00 38.23 ? 51  LYS A CE  1 
ATOM   156  N NZ  . LYS A 1 51  ? -8.438  -23.240 -5.840  1.00 39.22 ? 51  LYS A NZ  1 
ATOM   157  N N   . LYS A 1 52  ? -10.352 -17.485 -9.764  1.00 37.81 ? 52  LYS A N   1 
ATOM   158  C CA  . LYS A 1 52  ? -11.792 -17.363 -10.073 1.00 38.02 ? 52  LYS A CA  1 
ATOM   159  C C   . LYS A 1 52  ? -12.533 -16.335 -9.198  1.00 37.37 ? 52  LYS A C   1 
ATOM   160  O O   . LYS A 1 52  ? -13.549 -16.641 -8.545  1.00 37.07 ? 52  LYS A O   1 
ATOM   161  C CB  . LYS A 1 52  ? -12.486 -18.734 -10.077 1.00 38.52 ? 52  LYS A CB  1 
ATOM   162  C CG  . LYS A 1 52  ? -13.649 -18.842 -11.069 1.00 40.30 ? 52  LYS A CG  1 
ATOM   163  C CD  . LYS A 1 52  ? -13.176 -19.121 -12.507 1.00 41.84 ? 52  LYS A CD  1 
ATOM   164  C CE  . LYS A 1 52  ? -14.343 -19.180 -13.493 1.00 40.47 ? 52  LYS A CE  1 
ATOM   165  N NZ  . LYS A 1 52  ? -14.860 -20.563 -13.686 1.00 42.76 ? 52  LYS A NZ  1 
ATOM   166  N N   . GLY A 1 53  ? -12.000 -15.116 -9.207  1.00 36.44 ? 53  GLY A N   1 
ATOM   167  C CA  . GLY A 1 53  ? -12.588 -13.978 -8.501  1.00 35.80 ? 53  GLY A CA  1 
ATOM   168  C C   . GLY A 1 53  ? -12.534 -14.055 -6.987  1.00 35.00 ? 53  GLY A C   1 
ATOM   169  O O   . GLY A 1 53  ? -13.173 -13.266 -6.305  1.00 34.91 ? 53  GLY A O   1 
ATOM   170  N N   . GLN A 1 54  ? -11.755 -14.995 -6.463  1.00 34.67 ? 54  GLN A N   1 
ATOM   171  C CA  . GLN A 1 54  ? -11.747 -15.290 -5.031  1.00 34.69 ? 54  GLN A CA  1 
ATOM   172  C C   . GLN A 1 54  ? -11.276 -14.116 -4.178  1.00 34.12 ? 54  GLN A C   1 
ATOM   173  O O   . GLN A 1 54  ? -11.829 -13.897 -3.097  1.00 35.04 ? 54  GLN A O   1 
ATOM   174  C CB  . GLN A 1 54  ? -10.886 -16.518 -4.736  1.00 35.00 ? 54  GLN A CB  1 
ATOM   175  C CG  . GLN A 1 54  ? -11.577 -17.625 -3.936  1.00 37.11 ? 54  GLN A CG  1 
ATOM   176  C CD  . GLN A 1 54  ? -12.383 -18.574 -4.809  1.00 39.72 ? 54  GLN A CD  1 
ATOM   177  O OE1 . GLN A 1 54  ? -13.492 -18.246 -5.231  1.00 42.94 ? 54  GLN A OE1 1 
ATOM   178  N NE2 . GLN A 1 54  ? -11.839 -19.765 -5.070  1.00 38.03 ? 54  GLN A NE2 1 
ATOM   179  N N   . THR A 1 55  ? -10.279 -13.367 -4.658  1.00 32.77 ? 55  THR A N   1 
ATOM   180  C CA  . THR A 1 55  ? -9.730  -12.225 -3.920  1.00 31.45 ? 55  THR A CA  1 
ATOM   181  C C   . THR A 1 55  ? -10.720 -11.046 -3.959  1.00 31.46 ? 55  THR A C   1 
ATOM   182  O O   . THR A 1 55  ? -11.107 -10.541 -2.900  1.00 30.82 ? 55  THR A O   1 
ATOM   183  C CB  . THR A 1 55  ? -8.325  -11.829 -4.431  1.00 31.19 ? 55  THR A CB  1 
ATOM   184  O OG1 . THR A 1 55  ? -7.453  -12.965 -4.337  1.00 31.25 ? 55  THR A OG1 1 
ATOM   185  C CG2 . THR A 1 55  ? -7.728  -10.650 -3.651  1.00 29.68 ? 55  THR A CG2 1 
ATOM   186  N N   . LYS A 1 56  ? -11.125 -10.636 -5.167  1.00 31.35 ? 56  LYS A N   1 
ATOM   187  C CA  . LYS A 1 56  ? -12.207 -9.653  -5.356  1.00 31.12 ? 56  LYS A CA  1 
ATOM   188  C C   . LYS A 1 56  ? -13.379 -9.910  -4.402  1.00 30.32 ? 56  LYS A C   1 
ATOM   189  O O   . LYS A 1 56  ? -13.801 -8.993  -3.686  1.00 29.84 ? 56  LYS A O   1 
ATOM   190  C CB  . LYS A 1 56  ? -12.760 -9.655  -6.792  1.00 31.29 ? 56  LYS A CB  1 
ATOM   191  C CG  . LYS A 1 56  ? -13.551 -8.349  -7.141  1.00 32.37 ? 56  LYS A CG  1 
ATOM   192  C CD  . LYS A 1 56  ? -14.373 -8.447  -8.440  1.00 30.49 ? 56  LYS A CD  1 
ATOM   193  C CE  . LYS A 1 56  ? -15.798 -8.787  -8.117  1.00 29.16 ? 56  LYS A CE  1 
ATOM   194  N NZ  . LYS A 1 56  ? -16.693 -8.421  -9.196  1.00 28.05 ? 56  LYS A NZ  1 
ATOM   195  N N   . LYS A 1 57  ? -13.886 -11.142 -4.403  1.00 29.27 ? 57  LYS A N   1 
ATOM   196  C CA  . LYS A 1 57  ? -14.981 -11.527 -3.511  1.00 29.85 ? 57  LYS A CA  1 
ATOM   197  C C   . LYS A 1 57  ? -14.635 -11.522 -2.029  1.00 28.76 ? 57  LYS A C   1 
ATOM   198  O O   . LYS A 1 57  ? -15.521 -11.337 -1.194  1.00 28.96 ? 57  LYS A O   1 
ATOM   199  C CB  . LYS A 1 57  ? -15.559 -12.893 -3.877  1.00 29.90 ? 57  LYS A CB  1 
ATOM   200  C CG  . LYS A 1 57  ? -16.555 -12.836 -4.993  1.00 33.57 ? 57  LYS A CG  1 
ATOM   201  C CD  . LYS A 1 57  ? -17.982 -12.488 -4.514  1.00 37.09 ? 57  LYS A CD  1 
ATOM   202  C CE  . LYS A 1 57  ? -19.034 -13.109 -5.458  1.00 38.14 ? 57  LYS A CE  1 
ATOM   203  N NZ  . LYS A 1 57  ? -20.399 -13.217 -4.836  1.00 39.13 ? 57  LYS A NZ  1 
ATOM   204  N N   . GLU A 1 58  ? -13.367 -11.745 -1.702  1.00 27.75 ? 58  GLU A N   1 
ATOM   205  C CA  . GLU A 1 58  ? -12.939 -11.647 -0.323  1.00 27.53 ? 58  GLU A CA  1 
ATOM   206  C C   . GLU A 1 58  ? -12.974 -10.213 0.150   1.00 26.22 ? 58  GLU A C   1 
ATOM   207  O O   . GLU A 1 58  ? -13.380 -9.943  1.264   1.00 26.08 ? 58  GLU A O   1 
ATOM   208  C CB  . GLU A 1 58  ? -11.540 -12.260 -0.103  1.00 28.21 ? 58  GLU A CB  1 
ATOM   209  C CG  . GLU A 1 58  ? -11.552 -13.543 0.655   1.00 31.57 ? 58  GLU A CG  1 
ATOM   210  C CD  . GLU A 1 58  ? -12.038 -13.370 2.089   1.00 35.52 ? 58  GLU A CD  1 
ATOM   211  O OE1 . GLU A 1 58  ? -11.966 -12.240 2.604   1.00 37.42 ? 58  GLU A OE1 1 
ATOM   212  O OE2 . GLU A 1 58  ? -12.486 -14.361 2.701   1.00 37.24 ? 58  GLU A OE2 1 
ATOM   213  N N   . ILE A 1 59  ? -12.521 -9.297  -0.694  1.00 25.63 ? 59  ILE A N   1 
ATOM   214  C CA  . ILE A 1 59  ? -12.662 -7.854  -0.409  1.00 24.69 ? 59  ILE A CA  1 
ATOM   215  C C   . ILE A 1 59  ? -14.116 -7.398  -0.290  1.00 24.93 ? 59  ILE A C   1 
ATOM   216  O O   . ILE A 1 59  ? -14.468 -6.690  0.656   1.00 25.36 ? 59  ILE A O   1 
ATOM   217  C CB  . ILE A 1 59  ? -11.887 -6.954  -1.426  1.00 24.45 ? 59  ILE A CB  1 
ATOM   218  C CG1 . ILE A 1 59  ? -10.419 -7.395  -1.546  1.00 22.92 ? 59  ILE A CG1 1 
ATOM   219  C CG2 . ILE A 1 59  ? -12.005 -5.466  -1.015  1.00 22.59 ? 59  ILE A CG2 1 
ATOM   220  C CD1 . ILE A 1 59  ? -9.727  -6.965  -2.876  1.00 23.43 ? 59  ILE A CD1 1 
ATOM   221  N N   . GLU A 1 60  ? -14.966 -7.792  -1.236  1.00 24.89 ? 60  GLU A N   1 
ATOM   222  C CA  . GLU A 1 60  ? -16.394 -7.507  -1.122  1.00 25.15 ? 60  GLU A CA  1 
ATOM   223  C C   . GLU A 1 60  ? -17.034 -7.974  0.188   1.00 25.32 ? 60  GLU A C   1 
ATOM   224  O O   . GLU A 1 60  ? -17.827 -7.240  0.786   1.00 25.15 ? 60  GLU A O   1 
ATOM   225  C CB  . GLU A 1 60  ? -17.144 -8.097  -2.310  1.00 25.32 ? 60  GLU A CB  1 
ATOM   226  C CG  . GLU A 1 60  ? -16.739 -7.412  -3.588  1.00 27.29 ? 60  GLU A CG  1 
ATOM   227  C CD  . GLU A 1 60  ? -17.385 -7.993  -4.784  1.00 27.95 ? 60  GLU A CD  1 
ATOM   228  O OE1 . GLU A 1 60  ? -17.696 -9.194  -4.773  1.00 30.17 ? 60  GLU A OE1 1 
ATOM   229  O OE2 . GLU A 1 60  ? -17.579 -7.237  -5.737  1.00 27.94 ? 60  GLU A OE2 1 
ATOM   230  N N   . LYS A 1 61  ? -16.685 -9.185  0.621   1.00 25.19 ? 61  LYS A N   1 
ATOM   231  C CA  . LYS A 1 61  ? -17.267 -9.801  1.803   1.00 26.10 ? 61  LYS A CA  1 
ATOM   232  C C   . LYS A 1 61  ? -16.802 -9.106  3.106   1.00 26.57 ? 61  LYS A C   1 
ATOM   233  O O   . LYS A 1 61  ? -17.606 -8.847  4.003   1.00 27.39 ? 61  LYS A O   1 
ATOM   234  C CB  . LYS A 1 61  ? -16.949 -11.302 1.806   1.00 25.52 ? 61  LYS A CB  1 
ATOM   235  C CG  . LYS A 1 61  ? -17.094 -11.997 3.166   1.00 28.05 ? 61  LYS A CG  1 
ATOM   236  C CD  . LYS A 1 61  ? -17.012 -13.524 3.123   1.00 27.18 ? 61  LYS A CD  1 
ATOM   237  C CE  . LYS A 1 61  ? -16.765 -14.046 4.550   1.00 31.78 ? 61  LYS A CE  1 
ATOM   238  N NZ  . LYS A 1 61  ? -17.149 -15.494 4.771   1.00 33.08 ? 61  LYS A NZ  1 
ATOM   239  N N   . ARG A 1 62  ? -15.516 -8.787  3.192   1.00 26.60 ? 62  ARG A N   1 
ATOM   240  C CA  . ARG A 1 62  ? -14.949 -8.139  4.373   1.00 26.90 ? 62  ARG A CA  1 
ATOM   241  C C   . ARG A 1 62  ? -15.317 -6.657  4.567   1.00 26.33 ? 62  ARG A C   1 
ATOM   242  O O   . ARG A 1 62  ? -15.287 -6.142  5.686   1.00 26.78 ? 62  ARG A O   1 
ATOM   243  C CB  . ARG A 1 62  ? -13.437 -8.324  4.384   1.00 27.28 ? 62  ARG A CB  1 
ATOM   244  C CG  . ARG A 1 62  ? -12.980 -9.786  4.385   1.00 28.49 ? 62  ARG A CG  1 
ATOM   245  C CD  . ARG A 1 62  ? -11.609 -9.874  5.036   1.00 32.67 ? 62  ARG A CD  1 
ATOM   246  N NE  . ARG A 1 62  ? -10.869 -11.060 4.632   1.00 33.33 ? 62  ARG A NE  1 
ATOM   247  C CZ  . ARG A 1 62  ? -9.684  -11.411 5.120   1.00 35.21 ? 62  ARG A CZ  1 
ATOM   248  N NH1 . ARG A 1 62  ? -9.097  -12.525 4.664   1.00 35.53 ? 62  ARG A NH1 1 
ATOM   249  N NH2 . ARG A 1 62  ? -9.092  -10.660 6.059   1.00 32.38 ? 62  ARG A NH2 1 
ATOM   250  N N   . THR A 1 63  ? -15.662 -5.980  3.482   1.00 26.20 ? 63  THR A N   1 
ATOM   251  C CA  . THR A 1 63  ? -16.023 -4.555  3.532   1.00 25.34 ? 63  THR A CA  1 
ATOM   252  C C   . THR A 1 63  ? -17.516 -4.300  3.284   1.00 25.72 ? 63  THR A C   1 
ATOM   253  O O   . THR A 1 63  ? -18.039 -3.236  3.650   1.00 26.24 ? 63  THR A O   1 
ATOM   254  C CB  . THR A 1 63  ? -15.199 -3.740  2.506   1.00 25.61 ? 63  THR A CB  1 
ATOM   255  O OG1 . THR A 1 63  ? -15.461 -4.225  1.178   1.00 22.63 ? 63  THR A OG1 1 
ATOM   256  C CG2 . THR A 1 63  ? -13.690 -3.833  2.830   1.00 24.00 ? 63  THR A CG2 1 
ATOM   257  N N   . LYS A 1 64  ? -18.190 -5.275  2.678   1.00 24.50 ? 64  LYS A N   1 
ATOM   258  C CA  . LYS A 1 64  ? -19.615 -5.197  2.354   1.00 25.05 ? 64  LYS A CA  1 
ATOM   259  C C   . LYS A 1 64  ? -19.847 -4.152  1.277   1.00 24.29 ? 64  LYS A C   1 
ATOM   260  O O   . LYS A 1 64  ? -20.779 -3.335  1.339   1.00 24.17 ? 64  LYS A O   1 
ATOM   261  C CB  . LYS A 1 64  ? -20.493 -4.985  3.598   1.00 25.82 ? 64  LYS A CB  1 
ATOM   262  C CG  . LYS A 1 64  ? -20.337 -6.084  4.680   1.00 26.68 ? 64  LYS A CG  1 
ATOM   263  C CD  . LYS A 1 64  ? -21.275 -5.860  5.873   1.00 28.18 ? 64  LYS A CD  1 
ATOM   264  C CE  . LYS A 1 64  ? -20.671 -6.393  7.196   1.00 33.02 ? 64  LYS A CE  1 
ATOM   265  N NZ  . LYS A 1 64  ? -19.746 -5.372  7.846   1.00 35.98 ? 64  LYS A NZ  1 
ATOM   266  N N   . THR A 1 65  ? -18.972 -4.213  0.269   1.00 22.84 ? 65  THR A N   1 
ATOM   267  C CA  . THR A 1 65  ? -19.037 -3.331  -0.880  1.00 21.91 ? 65  THR A CA  1 
ATOM   268  C C   . THR A 1 65  ? -19.057 -4.155  -2.160  1.00 21.33 ? 65  THR A C   1 
ATOM   269  O O   . THR A 1 65  ? -18.825 -5.372  -2.165  1.00 21.41 ? 65  THR A O   1 
ATOM   270  C CB  . THR A 1 65  ? -17.823 -2.372  -0.920  1.00 21.61 ? 65  THR A CB  1 
ATOM   271  O OG1 . THR A 1 65  ? -16.605 -3.144  -0.969  1.00 22.07 ? 65  THR A OG1 1 
ATOM   272  C CG2 . THR A 1 65  ? -17.856 -1.388  0.299   1.00 18.22 ? 65  THR A CG2 1 
ATOM   273  N N   . LYS A 1 66  ? -19.323 -3.486  -3.255  1.00 20.89 ? 66  LYS A N   1 
ATOM   274  C CA  . LYS A 1 66  ? -19.300 -4.137  -4.548  1.00 20.38 ? 66  LYS A CA  1 
ATOM   275  C C   . LYS A 1 66  ? -18.107 -3.505  -5.219  1.00 20.15 ? 66  LYS A C   1 
ATOM   276  O O   . LYS A 1 66  ? -17.978 -2.290  -5.232  1.00 20.24 ? 66  LYS A O   1 
ATOM   277  C CB  . LYS A 1 66  ? -20.607 -3.871  -5.315  1.00 21.11 ? 66  LYS A CB  1 
ATOM   278  C CG  . LYS A 1 66  ? -20.588 -4.289  -6.789  1.00 22.60 ? 66  LYS A CG  1 
ATOM   279  C CD  . LYS A 1 66  ? -21.663 -3.565  -7.595  1.00 28.15 ? 66  LYS A CD  1 
ATOM   280  C CE  . LYS A 1 66  ? -23.084 -3.791  -7.052  1.00 29.53 ? 66  LYS A CE  1 
ATOM   281  N NZ  . LYS A 1 66  ? -23.510 -5.221  -7.188  1.00 30.65 ? 66  LYS A NZ  1 
ATOM   282  N N   . ILE A 1 67  ? -17.229 -4.345  -5.746  1.00 20.48 ? 67  ILE A N   1 
ATOM   283  C CA  . ILE A 1 67  ? -16.088 -3.930  -6.555  1.00 21.51 ? 67  ILE A CA  1 
ATOM   284  C C   . ILE A 1 67  ? -16.343 -4.286  -8.014  1.00 21.97 ? 67  ILE A C   1 
ATOM   285  O O   . ILE A 1 67  ? -16.703 -5.421  -8.335  1.00 22.14 ? 67  ILE A O   1 
ATOM   286  C CB  . ILE A 1 67  ? -14.784 -4.577  -5.970  1.00 22.18 ? 67  ILE A CB  1 
ATOM   287  C CG1 . ILE A 1 67  ? -14.548 -3.933  -4.578  1.00 21.67 ? 67  ILE A CG1 1 
ATOM   288  C CG2 . ILE A 1 67  ? -13.604 -4.425  -6.920  1.00 19.53 ? 67  ILE A CG2 1 
ATOM   289  C CD1 . ILE A 1 67  ? -13.730 -4.734  -3.641  1.00 23.39 ? 67  ILE A CD1 1 
ATOM   290  N N   . THR A 1 68  ? -16.214 -3.305  -8.898  1.00 21.86 ? 68  THR A N   1 
ATOM   291  C CA  . THR A 1 68  ? -16.420 -3.562  -10.309 1.00 21.84 ? 68  THR A CA  1 
ATOM   292  C C   . THR A 1 68  ? -15.114 -3.276  -11.017 1.00 23.02 ? 68  THR A C   1 
ATOM   293  O O   . THR A 1 68  ? -14.575 -2.187  -10.885 1.00 24.10 ? 68  THR A O   1 
ATOM   294  C CB  . THR A 1 68  ? -17.553 -2.691  -10.903 1.00 20.92 ? 68  THR A CB  1 
ATOM   295  O OG1 . THR A 1 68  ? -18.747 -2.881  -10.136 1.00 19.62 ? 68  THR A OG1 1 
ATOM   296  C CG2 . THR A 1 68  ? -17.827 -3.080  -12.383 1.00 19.25 ? 68  THR A CG2 1 
ATOM   297  N N   . ILE A 1 69  ? -14.600 -4.250  -11.767 1.00 24.14 ? 69  ILE A N   1 
ATOM   298  C CA  . ILE A 1 69  ? -13.304 -4.083  -12.418 1.00 24.22 ? 69  ILE A CA  1 
ATOM   299  C C   . ILE A 1 69  ? -13.422 -4.036  -13.947 1.00 25.44 ? 69  ILE A C   1 
ATOM   300  O O   . ILE A 1 69  ? -14.095 -4.866  -14.552 1.00 26.16 ? 69  ILE A O   1 
ATOM   301  C CB  . ILE A 1 69  ? -12.318 -5.166  -11.993 1.00 24.06 ? 69  ILE A CB  1 
ATOM   302  C CG1 . ILE A 1 69  ? -12.252 -5.262  -10.459 1.00 22.04 ? 69  ILE A CG1 1 
ATOM   303  C CG2 . ILE A 1 69  ? -10.902 -4.879  -12.604 1.00 23.69 ? 69  ILE A CG2 1 
ATOM   304  C CD1 . ILE A 1 69  ? -11.486 -6.440  -9.955  1.00 22.17 ? 69  ILE A CD1 1 
ATOM   305  N N   . ASP A 1 70  ? -12.785 -3.049  -14.568 1.00 25.84 ? 70  ASP A N   1 
ATOM   306  C CA  . ASP A 1 70  ? -12.563 -3.106  -16.017 1.00 27.36 ? 70  ASP A CA  1 
ATOM   307  C C   . ASP A 1 70  ? -11.187 -3.779  -16.245 1.00 27.27 ? 70  ASP A C   1 
ATOM   308  O O   . ASP A 1 70  ? -10.154 -3.220  -15.886 1.00 27.08 ? 70  ASP A O   1 
ATOM   309  C CB  . ASP A 1 70  ? -12.576 -1.686  -16.561 1.00 27.02 ? 70  ASP A CB  1 
ATOM   310  C CG  . ASP A 1 70  ? -12.775 -1.613  -18.046 1.00 30.16 ? 70  ASP A CG  1 
ATOM   311  O OD1 . ASP A 1 70  ? -13.461 -0.645  -18.464 1.00 32.85 ? 70  ASP A OD1 1 
ATOM   312  O OD2 . ASP A 1 70  ? -12.245 -2.469  -18.802 1.00 32.93 ? 70  ASP A OD2 1 
ATOM   313  N N   . SER A 1 71  ? -11.184 -4.971  -16.829 1.00 28.11 ? 71  SER A N   1 
ATOM   314  C CA  . SER A 1 71  ? -9.951  -5.735  -17.059 1.00 29.28 ? 71  SER A CA  1 
ATOM   315  C C   . SER A 1 71  ? -9.081  -5.165  -18.178 1.00 29.97 ? 71  SER A C   1 
ATOM   316  O O   . SER A 1 71  ? -7.894  -5.490  -18.274 1.00 30.64 ? 71  SER A O   1 
ATOM   317  C CB  . SER A 1 71  ? -10.276 -7.207  -17.356 1.00 29.52 ? 71  SER A CB  1 
ATOM   318  O OG  . SER A 1 71  ? -10.466 -7.936  -16.144 1.00 30.47 ? 71  SER A OG  1 
ATOM   319  N N   . GLU A 1 72  ? -9.664  -4.321  -19.028 1.00 30.27 ? 72  GLU A N   1 
ATOM   320  C CA  . GLU A 1 72  ? -8.919  -3.721  -20.122 1.00 30.64 ? 72  GLU A CA  1 
ATOM   321  C C   . GLU A 1 72  ? -8.202  -2.432  -19.725 1.00 29.85 ? 72  GLU A C   1 
ATOM   322  O O   . GLU A 1 72  ? -7.167  -2.087  -20.305 1.00 30.19 ? 72  GLU A O   1 
ATOM   323  C CB  . GLU A 1 72  ? -9.830  -3.470  -21.325 1.00 30.79 ? 72  GLU A CB  1 
ATOM   324  C CG  . GLU A 1 72  ? -10.045 -4.697  -22.233 1.00 32.22 ? 72  GLU A CG  1 
ATOM   325  C CD  . GLU A 1 72  ? -10.553 -4.324  -23.618 1.00 33.02 ? 72  GLU A CD  1 
ATOM   326  O OE1 . GLU A 1 72  ? -10.314 -3.171  -24.062 1.00 36.76 ? 72  GLU A OE1 1 
ATOM   327  O OE2 . GLU A 1 72  ? -11.178 -5.191  -24.279 1.00 36.73 ? 72  GLU A OE2 1 
ATOM   328  N N   . THR A 1 73  ? -8.752  -1.714  -18.750 1.00 28.63 ? 73  THR A N   1 
ATOM   329  C CA  . THR A 1 73  ? -8.242  -0.385  -18.429 1.00 27.20 ? 73  THR A CA  1 
ATOM   330  C C   . THR A 1 73  ? -7.606  -0.310  -17.038 1.00 26.23 ? 73  THR A C   1 
ATOM   331  O O   . THR A 1 73  ? -6.857  0.614   -16.744 1.00 26.57 ? 73  THR A O   1 
ATOM   332  C CB  . THR A 1 73  ? -9.331  0.718   -18.600 1.00 28.11 ? 73  THR A CB  1 
ATOM   333  O OG1 . THR A 1 73  ? -10.380 0.519   -17.646 1.00 28.19 ? 73  THR A OG1 1 
ATOM   334  C CG2 . THR A 1 73  ? -9.928  0.740   -20.067 1.00 26.25 ? 73  THR A CG2 1 
ATOM   335  N N   . GLY A 1 74  ? -7.892  -1.283  -16.192 1.00 24.84 ? 74  GLY A N   1 
ATOM   336  C CA  . GLY A 1 74  ? -7.433  -1.238  -14.798 1.00 23.55 ? 74  GLY A CA  1 
ATOM   337  C C   . GLY A 1 74  ? -8.307  -0.326  -13.966 1.00 22.82 ? 74  GLY A C   1 
ATOM   338  O O   . GLY A 1 74  ? -7.981  -0.065  -12.838 1.00 22.41 ? 74  GLY A O   1 
ATOM   339  N N   . GLU A 1 75  ? -9.434  0.145   -14.531 1.00 21.59 ? 75  GLU A N   1 
ATOM   340  C CA  . GLU A 1 75  ? -10.342 0.995   -13.801 1.00 20.83 ? 75  GLU A CA  1 
ATOM   341  C C   . GLU A 1 75  ? -11.151 0.199   -12.784 1.00 19.72 ? 75  GLU A C   1 
ATOM   342  O O   . GLU A 1 75  ? -11.686 -0.853  -13.123 1.00 20.49 ? 75  GLU A O   1 
ATOM   343  C CB  . GLU A 1 75  ? -11.284 1.716   -14.774 1.00 21.16 ? 75  GLU A CB  1 
ATOM   344  C CG  . GLU A 1 75  ? -10.630 2.918   -15.456 1.00 20.47 ? 75  GLU A CG  1 
ATOM   345  C CD  . GLU A 1 75  ? -11.485 3.491   -16.554 1.00 19.39 ? 75  GLU A CD  1 
ATOM   346  O OE1 . GLU A 1 75  ? -11.698 2.788   -17.559 1.00 20.95 ? 75  GLU A OE1 1 
ATOM   347  O OE2 . GLU A 1 75  ? -11.945 4.644   -16.424 1.00 18.57 ? 75  GLU A OE2 1 
ATOM   348  N N   . VAL A 1 76  ? -11.259 0.704   -11.548 1.00 17.55 ? 76  VAL A N   1 
ATOM   349  C CA  . VAL A 1 76  ? -12.036 0.017   -10.510 1.00 14.59 ? 76  VAL A CA  1 
ATOM   350  C C   . VAL A 1 76  ? -12.996 0.956   -9.808  1.00 14.79 ? 76  VAL A C   1 
ATOM   351  O O   . VAL A 1 76  ? -12.620 2.055   -9.412  1.00 13.46 ? 76  VAL A O   1 
ATOM   352  C CB  . VAL A 1 76  ? -11.141 -0.700  -9.443  1.00 14.91 ? 76  VAL A CB  1 
ATOM   353  C CG1 . VAL A 1 76  ? -11.985 -1.636  -8.534  1.00 9.30  ? 76  VAL A CG1 1 
ATOM   354  C CG2 . VAL A 1 76  ? -9.964  -1.489  -10.114 1.00 11.13 ? 76  VAL A CG2 1 
ATOM   355  N N   . TRP A 1 77  ? -14.243 0.494   -9.678  1.00 15.04 ? 77  TRP A N   1 
ATOM   356  C CA  . TRP A 1 77  ? -15.308 1.179   -8.962  1.00 16.31 ? 77  TRP A CA  1 
ATOM   357  C C   . TRP A 1 77  ? -15.639 0.449   -7.649  1.00 16.84 ? 77  TRP A C   1 
ATOM   358  O O   . TRP A 1 77  ? -15.951 -0.732  -7.652  1.00 18.10 ? 77  TRP A O   1 
ATOM   359  C CB  . TRP A 1 77  ? -16.582 1.274   -9.849  1.00 15.68 ? 77  TRP A CB  1 
ATOM   360  C CG  . TRP A 1 77  ? -16.415 2.121   -11.058 1.00 16.96 ? 77  TRP A CG  1 
ATOM   361  C CD1 . TRP A 1 77  ? -16.782 3.422   -11.183 1.00 16.20 ? 77  TRP A CD1 1 
ATOM   362  C CD2 . TRP A 1 77  ? -15.866 1.733   -12.352 1.00 16.61 ? 77  TRP A CD2 1 
ATOM   363  N NE1 . TRP A 1 77  ? -16.471 3.879   -12.433 1.00 15.18 ? 77  TRP A NE1 1 
ATOM   364  C CE2 . TRP A 1 77  ? -15.926 2.868   -13.178 1.00 14.79 ? 77  TRP A CE2 1 
ATOM   365  C CE3 . TRP A 1 77  ? -15.338 0.536   -12.878 1.00 16.57 ? 77  TRP A CE3 1 
ATOM   366  C CZ2 . TRP A 1 77  ? -15.458 2.870   -14.519 1.00 16.48 ? 77  TRP A CZ2 1 
ATOM   367  C CZ3 . TRP A 1 77  ? -14.884 0.525   -14.216 1.00 16.43 ? 77  TRP A CZ3 1 
ATOM   368  C CH2 . TRP A 1 77  ? -14.951 1.688   -15.021 1.00 16.02 ? 77  TRP A CH2 1 
ATOM   369  N N   . ILE A 1 78  ? -15.598 1.169   -6.536  1.00 17.86 ? 78  ILE A N   1 
ATOM   370  C CA  . ILE A 1 78  ? -15.973 0.631   -5.260  1.00 18.18 ? 78  ILE A CA  1 
ATOM   371  C C   . ILE A 1 78  ? -17.281 1.270   -4.849  1.00 19.24 ? 78  ILE A C   1 
ATOM   372  O O   . ILE A 1 78  ? -17.349 2.473   -4.622  1.00 19.37 ? 78  ILE A O   1 
ATOM   373  C CB  . ILE A 1 78  ? -14.872 0.820   -4.173  1.00 18.10 ? 78  ILE A CB  1 
ATOM   374  C CG1 . ILE A 1 78  ? -13.537 0.202   -4.615  1.00 18.26 ? 78  ILE A CG1 1 
ATOM   375  C CG2 . ILE A 1 78  ? -15.338 0.208   -2.827  1.00 16.06 ? 78  ILE A CG2 1 
ATOM   376  C CD1 . ILE A 1 78  ? -12.572 1.157   -5.420  1.00 16.72 ? 78  ILE A CD1 1 
ATOM   377  N N   . THR A 1 79  ? -18.330 0.461   -4.771  1.00 20.61 ? 79  THR A N   1 
ATOM   378  C CA  . THR A 1 79  ? -19.662 0.989   -4.504  1.00 22.18 ? 79  THR A CA  1 
ATOM   379  C C   . THR A 1 79  ? -20.282 0.401   -3.234  1.00 22.35 ? 79  THR A C   1 
ATOM   380  O O   . THR A 1 79  ? -20.055 -0.761  -2.879  1.00 21.73 ? 79  THR A O   1 
ATOM   381  C CB  . THR A 1 79  ? -20.628 0.853   -5.729  1.00 21.89 ? 79  THR A CB  1 
ATOM   382  O OG1 . THR A 1 79  ? -20.642 -0.500  -6.173  1.00 27.86 ? 79  THR A OG1 1 
ATOM   383  C CG2 . THR A 1 79  ? -20.170 1.673   -6.900  1.00 23.03 ? 79  THR A CG2 1 
ATOM   384  N N   . SER A 1 80  ? -21.065 1.218   -2.535  1.00 22.45 ? 80  SER A N   1 
ATOM   385  C CA  . SER A 1 80  ? -21.660 0.730   -1.311  1.00 23.24 ? 80  SER A CA  1 
ATOM   386  C C   . SER A 1 80  ? -22.898 -0.090  -1.678  1.00 23.26 ? 80  SER A C   1 
ATOM   387  O O   . SER A 1 80  ? -23.408 0.043   -2.773  1.00 23.07 ? 80  SER A O   1 
ATOM   388  C CB  . SER A 1 80  ? -21.998 1.899   -0.382  1.00 22.63 ? 80  SER A CB  1 
ATOM   389  O OG  . SER A 1 80  ? -23.030 2.662   -0.937  1.00 21.53 ? 80  SER A OG  1 
ATOM   390  N N   . THR A 1 81  ? -23.335 -0.957  -0.766  1.00 24.33 ? 81  THR A N   1 
ATOM   391  C CA  . THR A 1 81  ? -24.553 -1.748  -0.902  1.00 24.86 ? 81  THR A CA  1 
ATOM   392  C C   . THR A 1 81  ? -25.442 -1.467  0.338   1.00 25.79 ? 81  THR A C   1 
ATOM   393  O O   . THR A 1 81  ? -25.073 -0.664  1.214   1.00 25.50 ? 81  THR A O   1 
ATOM   394  C CB  . THR A 1 81  ? -24.232 -3.245  -0.979  1.00 24.92 ? 81  THR A CB  1 
ATOM   395  O OG1 . THR A 1 81  ? -23.769 -3.695  0.296   1.00 25.96 ? 81  THR A OG1 1 
ATOM   396  C CG2 . THR A 1 81  ? -23.163 -3.544  -2.016  1.00 24.70 ? 81  THR A CG2 1 
ATOM   397  N N   . LYS A 1 82  ? -26.594 -2.129  0.440   1.00 26.14 ? 82  LYS A N   1 
ATOM   398  C CA  . LYS A 1 82  ? -27.398 -1.990  1.651   1.00 27.69 ? 82  LYS A CA  1 
ATOM   399  C C   . LYS A 1 82  ? -26.678 -2.481  2.920   1.00 27.59 ? 82  LYS A C   1 
ATOM   400  O O   . LYS A 1 82  ? -26.994 -2.030  4.020   1.00 28.20 ? 82  LYS A O   1 
ATOM   401  C CB  . LYS A 1 82  ? -28.806 -2.626  1.495   1.00 27.70 ? 82  LYS A CB  1 
ATOM   402  C CG  . LYS A 1 82  ? -28.837 -4.106  1.112   1.00 29.06 ? 82  LYS A CG  1 
ATOM   403  C CD  . LYS A 1 82  ? -30.284 -4.589  0.872   1.00 29.28 ? 82  LYS A CD  1 
ATOM   404  C CE  . LYS A 1 82  ? -30.367 -5.491  -0.347  1.00 32.65 ? 82  LYS A CE  1 
ATOM   405  N NZ  . LYS A 1 82  ? -29.882 -6.891  -0.095  1.00 34.06 ? 82  LYS A NZ  1 
ATOM   406  N N   . GLU A 1 83  ? -25.722 -3.395  2.759   1.00 27.68 ? 83  GLU A N   1 
ATOM   407  C CA  . GLU A 1 83  ? -24.948 -3.948  3.868   1.00 28.24 ? 83  GLU A CA  1 
ATOM   408  C C   . GLU A 1 83  ? -23.784 -3.060  4.347   1.00 27.28 ? 83  GLU A C   1 
ATOM   409  O O   . GLU A 1 83  ? -23.209 -3.332  5.401   1.00 27.56 ? 83  GLU A O   1 
ATOM   410  C CB  . GLU A 1 83  ? -24.403 -5.337  3.514   1.00 27.89 ? 83  GLU A CB  1 
ATOM   411  C CG  . GLU A 1 83  ? -25.342 -6.505  3.856   1.00 31.35 ? 83  GLU A CG  1 
ATOM   412  C CD  . GLU A 1 83  ? -24.788 -7.892  3.444   1.00 32.13 ? 83  GLU A CD  1 
ATOM   413  O OE1 . GLU A 1 83  ? -25.247 -8.904  4.036   1.00 35.21 ? 83  GLU A OE1 1 
ATOM   414  O OE2 . GLU A 1 83  ? -23.913 -7.977  2.527   1.00 37.50 ? 83  GLU A OE2 1 
ATOM   415  N N   . THR A 1 84  ? -23.419 -2.024  3.589   1.00 25.80 ? 84  THR A N   1 
ATOM   416  C CA  . THR A 1 84  ? -22.230 -1.240  3.924   1.00 25.02 ? 84  THR A CA  1 
ATOM   417  C C   . THR A 1 84  ? -22.417 -0.575  5.281   1.00 25.06 ? 84  THR A C   1 
ATOM   418  O O   . THR A 1 84  ? -23.408 0.133   5.495   1.00 25.49 ? 84  THR A O   1 
ATOM   419  C CB  . THR A 1 84  ? -21.869 -0.194  2.820   1.00 24.92 ? 84  THR A CB  1 
ATOM   420  O OG1 . THR A 1 84  ? -21.861 -0.841  1.550   1.00 21.89 ? 84  THR A OG1 1 
ATOM   421  C CG2 . THR A 1 84  ? -20.441 0.468   3.070   1.00 24.11 ? 84  THR A CG2 1 
ATOM   422  N N   . GLU A 1 85  ? -21.484 -0.805  6.202   1.00 25.12 ? 85  GLU A N   1 
ATOM   423  C CA  . GLU A 1 85  ? -21.571 -0.181  7.540   1.00 25.22 ? 85  GLU A CA  1 
ATOM   424  C C   . GLU A 1 85  ? -21.682 1.341   7.476   1.00 24.62 ? 85  GLU A C   1 
ATOM   425  O O   . GLU A 1 85  ? -22.598 1.938   8.046   1.00 26.09 ? 85  GLU A O   1 
ATOM   426  C CB  . GLU A 1 85  ? -20.377 -0.572  8.409   1.00 26.06 ? 85  GLU A CB  1 
ATOM   427  C CG  . GLU A 1 85  ? -20.393 0.074   9.803   1.00 27.24 ? 85  GLU A CG  1 
ATOM   428  C CD  . GLU A 1 85  ? -19.359 -0.494  10.770  1.00 26.51 ? 85  GLU A CD  1 
ATOM   429  O OE1 . GLU A 1 85  ? -19.486 -0.182  11.969  1.00 28.62 ? 85  GLU A OE1 1 
ATOM   430  O OE2 . GLU A 1 85  ? -18.452 -1.266  10.355  1.00 26.95 ? 85  GLU A OE2 1 
ATOM   431  N N   . ASP A 1 86  ? -20.768 1.989   6.759   1.00 23.34 ? 86  ASP A N   1 
ATOM   432  C CA  . ASP A 1 86  ? -20.637 3.439   6.856   1.00 20.64 ? 86  ASP A CA  1 
ATOM   433  C C   . ASP A 1 86  ? -19.708 3.861   5.718   1.00 19.69 ? 86  ASP A C   1 
ATOM   434  O O   . ASP A 1 86  ? -19.162 3.000   5.031   1.00 20.10 ? 86  ASP A O   1 
ATOM   435  C CB  . ASP A 1 86  ? -20.065 3.794   8.244   1.00 20.38 ? 86  ASP A CB  1 
ATOM   436  C CG  . ASP A 1 86  ? -18.698 3.157   8.484   1.00 20.42 ? 86  ASP A CG  1 
ATOM   437  O OD1 . ASP A 1 86  ? -18.011 2.887   7.488   1.00 24.68 ? 86  ASP A OD1 1 
ATOM   438  O OD2 . ASP A 1 86  ? -18.294 2.910   9.625   1.00 19.58 ? 86  ASP A OD2 1 
ATOM   439  N N   . PRO A 1 87  ? -19.582 5.177   5.453   1.00 18.27 ? 87  PRO A N   1 
ATOM   440  C CA  . PRO A 1 87  ? -18.634 5.665   4.444   1.00 17.00 ? 87  PRO A CA  1 
ATOM   441  C C   . PRO A 1 87  ? -17.218 5.103   4.481   1.00 15.64 ? 87  PRO A C   1 
ATOM   442  O O   . PRO A 1 87  ? -16.633 4.916   3.436   1.00 14.86 ? 87  PRO A O   1 
ATOM   443  C CB  . PRO A 1 87  ? -18.655 7.183   4.678   1.00 16.67 ? 87  PRO A CB  1 
ATOM   444  C CG  . PRO A 1 87  ? -20.106 7.439   4.978   1.00 17.33 ? 87  PRO A CG  1 
ATOM   445  C CD  . PRO A 1 87  ? -20.430 6.283   5.948   1.00 17.84 ? 87  PRO A CD  1 
ATOM   446  N N   . LEU A 1 88  ? -16.685 4.831   5.665   1.00 15.83 ? 88  LEU A N   1 
ATOM   447  C CA  . LEU A 1 88  ? -15.308 4.368   5.813   1.00 15.46 ? 88  LEU A CA  1 
ATOM   448  C C   . LEU A 1 88  ? -15.107 2.951   5.242   1.00 15.51 ? 88  LEU A C   1 
ATOM   449  O O   . LEU A 1 88  ? -13.996 2.598   4.804   1.00 15.89 ? 88  LEU A O   1 
ATOM   450  C CB  . LEU A 1 88  ? -14.896 4.413   7.295   1.00 15.98 ? 88  LEU A CB  1 
ATOM   451  C CG  . LEU A 1 88  ? -13.525 3.889   7.724   1.00 15.25 ? 88  LEU A CG  1 
ATOM   452  C CD1 . LEU A 1 88  ? -12.439 4.828   7.215   1.00 16.50 ? 88  LEU A CD1 1 
ATOM   453  C CD2 . LEU A 1 88  ? -13.445 3.813   9.276   1.00 14.93 ? 88  LEU A CD2 1 
ATOM   454  N N   . ALA A 1 89  ? -16.170 2.158   5.233   1.00 14.43 ? 89  ALA A N   1 
ATOM   455  C CA  . ALA A 1 89  ? -16.096 0.851   4.622   1.00 15.70 ? 89  ALA A CA  1 
ATOM   456  C C   . ALA A 1 89  ? -15.733 0.913   3.140   1.00 15.10 ? 89  ALA A C   1 
ATOM   457  O O   . ALA A 1 89  ? -14.934 0.118   2.669   1.00 15.25 ? 89  ALA A O   1 
ATOM   458  C CB  . ALA A 1 89  ? -17.395 0.067   4.849   1.00 14.78 ? 89  ALA A CB  1 
ATOM   459  N N   . VAL A 1 90  ? -16.298 1.884   2.426   1.00 16.14 ? 90  VAL A N   1 
ATOM   460  C CA  . VAL A 1 90  ? -15.972 2.124   1.017   1.00 16.21 ? 90  VAL A CA  1 
ATOM   461  C C   . VAL A 1 90  ? -14.531 2.618   0.841   1.00 16.40 ? 90  VAL A C   1 
ATOM   462  O O   . VAL A 1 90  ? -13.814 2.142   -0.040  1.00 16.07 ? 90  VAL A O   1 
ATOM   463  C CB  . VAL A 1 90  ? -17.000 3.139   0.424   1.00 16.98 ? 90  VAL A CB  1 
ATOM   464  C CG1 . VAL A 1 90  ? -16.717 3.501   -1.017  1.00 14.62 ? 90  VAL A CG1 1 
ATOM   465  C CG2 . VAL A 1 90  ? -18.433 2.575   0.541   1.00 17.85 ? 90  VAL A CG2 1 
ATOM   466  N N   . TRP A 1 91  ? -14.126 3.614   1.644   1.00 16.55 ? 91  TRP A N   1 
ATOM   467  C CA  . TRP A 1 91  ? -12.736 4.156   1.588   1.00 15.71 ? 91  TRP A CA  1 
ATOM   468  C C   . TRP A 1 91  ? -11.712 3.062   1.850   1.00 14.97 ? 91  TRP A C   1 
ATOM   469  O O   . TRP A 1 91  ? -10.689 3.033   1.226   1.00 14.55 ? 91  TRP A O   1 
ATOM   470  C CB  . TRP A 1 91  ? -12.513 5.318   2.597   1.00 14.85 ? 91  TRP A CB  1 
ATOM   471  C CG  . TRP A 1 91  ? -13.512 6.405   2.479   1.00 15.17 ? 91  TRP A CG  1 
ATOM   472  C CD1 . TRP A 1 91  ? -14.186 6.788   1.339   1.00 14.89 ? 91  TRP A CD1 1 
ATOM   473  C CD2 . TRP A 1 91  ? -13.951 7.285   3.522   1.00 14.70 ? 91  TRP A CD2 1 
ATOM   474  N NE1 . TRP A 1 91  ? -15.015 7.842   1.613   1.00 14.68 ? 91  TRP A NE1 1 
ATOM   475  C CE2 . TRP A 1 91  ? -14.907 8.168   2.944   1.00 16.56 ? 91  TRP A CE2 1 
ATOM   476  C CE3 . TRP A 1 91  ? -13.637 7.413   4.886   1.00 13.09 ? 91  TRP A CE3 1 
ATOM   477  C CZ2 . TRP A 1 91  ? -15.579 9.163   3.698   1.00 14.65 ? 91  TRP A CZ2 1 
ATOM   478  C CZ3 . TRP A 1 91  ? -14.315 8.382   5.649   1.00 13.92 ? 91  TRP A CZ3 1 
ATOM   479  C CH2 . TRP A 1 91  ? -15.275 9.246   5.047   1.00 15.14 ? 91  TRP A CH2 1 
ATOM   480  N N   . LYS A 1 92  ? -12.030 2.151   2.772   1.00 14.85 ? 92  LYS A N   1 
ATOM   481  C CA  . LYS A 1 92  ? -11.139 1.083   3.129   1.00 14.99 ? 92  LYS A CA  1 
ATOM   482  C C   . LYS A 1 92  ? -11.019 0.047   2.028   1.00 15.41 ? 92  LYS A C   1 
ATOM   483  O O   . LYS A 1 92  ? -9.915  -0.446  1.751   1.00 15.40 ? 92  LYS A O   1 
ATOM   484  C CB  . LYS A 1 92  ? -11.583 0.449   4.469   1.00 15.15 ? 92  LYS A CB  1 
ATOM   485  C CG  . LYS A 1 92  ? -11.063 1.216   5.732   1.00 14.49 ? 92  LYS A CG  1 
ATOM   486  C CD  . LYS A 1 92  ? -11.483 0.461   7.015   1.00 15.74 ? 92  LYS A CD  1 
ATOM   487  C CE  . LYS A 1 92  ? -10.916 1.076   8.284   1.00 16.56 ? 92  LYS A CE  1 
ATOM   488  N NZ  . LYS A 1 92  ? -9.463  1.450   8.197   1.00 18.32 ? 92  LYS A NZ  1 
ATOM   489  N N   . ALA A 1 93  ? -12.149 -0.309  1.412   1.00 15.19 ? 93  ALA A N   1 
ATOM   490  C CA  . ALA A 1 93  ? -12.100 -1.161  0.230   1.00 15.53 ? 93  ALA A CA  1 
ATOM   491  C C   . ALA A 1 93  ? -11.312 -0.489  -0.894  1.00 15.23 ? 93  ALA A C   1 
ATOM   492  O O   . ALA A 1 93  ? -10.541 -1.143  -1.571  1.00 14.89 ? 93  ALA A O   1 
ATOM   493  C CB  . ALA A 1 93  ? -13.516 -1.554  -0.256  1.00 14.67 ? 93  ALA A CB  1 
ATOM   494  N N   . ARG A 1 94  ? -11.503 0.817   -1.087  1.00 14.48 ? 94  ARG A N   1 
ATOM   495  C CA  . ARG A 1 94  ? -10.789 1.515   -2.131  1.00 14.77 ? 94  ARG A CA  1 
ATOM   496  C C   . ARG A 1 94  ? -9.269  1.478   -1.886  1.00 14.94 ? 94  ARG A C   1 
ATOM   497  O O   . ARG A 1 94  ? -8.469  1.256   -2.807  1.00 14.59 ? 94  ARG A O   1 
ATOM   498  C CB  . ARG A 1 94  ? -11.262 2.976   -2.203  1.00 14.67 ? 94  ARG A CB  1 
ATOM   499  C CG  . ARG A 1 94  ? -10.377 3.834   -3.140  1.00 17.08 ? 94  ARG A CG  1 
ATOM   500  C CD  . ARG A 1 94  ? -10.337 5.293   -2.754  1.00 18.53 ? 94  ARG A CD  1 
ATOM   501  N NE  . ARG A 1 94  ? -9.808  5.489   -1.422  1.00 19.78 ? 94  ARG A NE  1 
ATOM   502  C CZ  . ARG A 1 94  ? -10.202 6.463   -0.597  1.00 23.57 ? 94  ARG A CZ  1 
ATOM   503  N NH1 . ARG A 1 94  ? -11.145 7.302   -0.961  1.00 21.94 ? 94  ARG A NH1 1 
ATOM   504  N NH2 . ARG A 1 94  ? -9.650  6.591   0.611   1.00 25.34 ? 94  ARG A NH2 1 
ATOM   505  N N   . ASP A 1 95  ? -8.887  1.699   -0.625  1.00 15.15 ? 95  ASP A N   1 
ATOM   506  C CA  . ASP A 1 95  ? -7.505  1.742   -0.219  1.00 15.54 ? 95  ASP A CA  1 
ATOM   507  C C   . ASP A 1 95  ? -6.859  0.359   -0.324  1.00 15.38 ? 95  ASP A C   1 
ATOM   508  O O   . ASP A 1 95  ? -5.702  0.261   -0.673  1.00 16.36 ? 95  ASP A O   1 
ATOM   509  C CB  . ASP A 1 95  ? -7.395  2.305   1.198   1.00 15.18 ? 95  ASP A CB  1 
ATOM   510  C CG  . ASP A 1 95  ? -7.680  3.787   1.254   1.00 18.35 ? 95  ASP A CG  1 
ATOM   511  O OD1 . ASP A 1 95  ? -7.816  4.455   0.190   1.00 22.34 ? 95  ASP A OD1 1 
ATOM   512  O OD2 . ASP A 1 95  ? -7.770  4.313   2.375   1.00 22.74 ? 95  ASP A OD2 1 
ATOM   513  N N   . ILE A 1 96  ? -7.615  -0.692  -0.071  1.00 14.54 ? 96  ILE A N   1 
ATOM   514  C CA  . ILE A 1 96  ? -7.132  -2.054  -0.277  1.00 14.73 ? 96  ILE A CA  1 
ATOM   515  C C   . ILE A 1 96  ? -6.838  -2.329  -1.742  1.00 15.11 ? 96  ILE A C   1 
ATOM   516  O O   . ILE A 1 96  ? -5.774  -2.876  -2.073  1.00 15.98 ? 96  ILE A O   1 
ATOM   517  C CB  . ILE A 1 96  ? -8.151  -3.104  0.249   1.00 14.25 ? 96  ILE A CB  1 
ATOM   518  C CG1 . ILE A 1 96  ? -8.199  -3.051  1.766   1.00 13.66 ? 96  ILE A CG1 1 
ATOM   519  C CG2 . ILE A 1 96  ? -7.816  -4.528  -0.272  1.00 15.55 ? 96  ILE A CG2 1 
ATOM   520  C CD1 . ILE A 1 96  ? -9.439  -3.781  2.358   1.00 14.78 ? 96  ILE A CD1 1 
ATOM   521  N N   . VAL A 1 97  ? -7.797  -1.980  -2.608  1.00 14.63 ? 97  VAL A N   1 
ATOM   522  C CA  . VAL A 1 97  ? -7.593  -1.961  -4.064  1.00 14.50 ? 97  VAL A CA  1 
ATOM   523  C C   . VAL A 1 97  ? -6.336  -1.194  -4.504  1.00 15.15 ? 97  VAL A C   1 
ATOM   524  O O   . VAL A 1 97  ? -5.508  -1.719  -5.299  1.00 14.93 ? 97  VAL A O   1 
ATOM   525  C CB  . VAL A 1 97  ? -8.818  -1.340  -4.795  1.00 13.93 ? 97  VAL A CB  1 
ATOM   526  C CG1 . VAL A 1 97  ? -8.554  -1.176  -6.290  1.00 11.32 ? 97  VAL A CG1 1 
ATOM   527  C CG2 . VAL A 1 97  ? -10.067 -2.201  -4.537  1.00 11.61 ? 97  VAL A CG2 1 
ATOM   528  N N   . LEU A 1 98  ? -6.228  0.053   -4.037  1.00 14.38 ? 98  LEU A N   1 
ATOM   529  C CA  . LEU A 1 98  ? -5.021  0.879   -4.281  1.00 14.20 ? 98  LEU A CA  1 
ATOM   530  C C   . LEU A 1 98  ? -3.710  0.263   -3.766  1.00 14.23 ? 98  LEU A C   1 
ATOM   531  O O   . LEU A 1 98  ? -2.687  0.363   -4.437  1.00 13.19 ? 98  LEU A O   1 
ATOM   532  C CB  . LEU A 1 98  ? -5.165  2.271   -3.640  1.00 13.90 ? 98  LEU A CB  1 
ATOM   533  C CG  . LEU A 1 98  ? -6.153  3.219   -4.287  1.00 14.01 ? 98  LEU A CG  1 
ATOM   534  C CD1 . LEU A 1 98  ? -6.229  4.456   -3.403  1.00 9.90  ? 98  LEU A CD1 1 
ATOM   535  C CD2 . LEU A 1 98  ? -5.643  3.553   -5.743  1.00 12.19 ? 98  LEU A CD2 1 
ATOM   536  N N   . ALA A 1 99  ? -3.759  -0.326  -2.559  1.00 13.89 ? 99  ALA A N   1 
ATOM   537  C CA  . ALA A 1 99  ? -2.618  -1.008  -1.951  1.00 15.22 ? 99  ALA A CA  1 
ATOM   538  C C   . ALA A 1 99  ? -2.162  -2.228  -2.804  1.00 15.85 ? 99  ALA A C   1 
ATOM   539  O O   . ALA A 1 99  ? -0.981  -2.379  -3.079  1.00 15.44 ? 99  ALA A O   1 
ATOM   540  C CB  . ALA A 1 99  ? -2.961  -1.448  -0.507  1.00 14.73 ? 99  ALA A CB  1 
ATOM   541  N N   . ILE A 1 100 ? -3.110  -3.087  -3.197  1.00 16.66 ? 100 ILE A N   1 
ATOM   542  C CA  . ILE A 1 100 ? -2.839  -4.170  -4.154  1.00 17.55 ? 100 ILE A CA  1 
ATOM   543  C C   . ILE A 1 100 ? -2.249  -3.625  -5.485  1.00 18.19 ? 100 ILE A C   1 
ATOM   544  O O   . ILE A 1 100 ? -1.258  -4.125  -5.993  1.00 19.23 ? 100 ILE A O   1 
ATOM   545  C CB  . ILE A 1 100 ? -4.126  -5.020  -4.410  1.00 18.19 ? 100 ILE A CB  1 
ATOM   546  C CG1 . ILE A 1 100 ? -4.589  -5.655  -3.088  1.00 16.87 ? 100 ILE A CG1 1 
ATOM   547  C CG2 . ILE A 1 100 ? -3.875  -6.127  -5.509  1.00 17.90 ? 100 ILE A CG2 1 
ATOM   548  C CD1 . ILE A 1 100 ? -5.998  -6.310  -3.168  1.00 16.34 ? 100 ILE A CD1 1 
ATOM   549  N N   . GLY A 1 101 ? -2.861  -2.594  -6.030  1.00 17.95 ? 101 GLY A N   1 
ATOM   550  C CA  . GLY A 1 101 ? -2.365  -1.962  -7.219  1.00 18.06 ? 101 GLY A CA  1 
ATOM   551  C C   . GLY A 1 101 ? -0.963  -1.440  -7.111  1.00 18.61 ? 101 GLY A C   1 
ATOM   552  O O   . GLY A 1 101 ? -0.232  -1.460  -8.112  1.00 19.94 ? 101 GLY A O   1 
ATOM   553  N N   . ARG A 1 102 ? -0.574  -0.975  -5.921  1.00 18.69 ? 102 ARG A N   1 
ATOM   554  C CA  . ARG A 1 102 ? 0.782   -0.474  -5.682  1.00 19.77 ? 102 ARG A CA  1 
ATOM   555  C C   . ARG A 1 102 ? 1.763   -1.548  -5.155  1.00 18.84 ? 102 ARG A C   1 
ATOM   556  O O   . ARG A 1 102 ? 2.779   -1.254  -4.485  1.00 18.05 ? 102 ARG A O   1 
ATOM   557  C CB  . ARG A 1 102 ? 0.712   0.731   -4.736  1.00 20.40 ? 102 ARG A CB  1 
ATOM   558  C CG  . ARG A 1 102 ? 0.086   1.962   -5.366  1.00 24.86 ? 102 ARG A CG  1 
ATOM   559  C CD  . ARG A 1 102 ? 1.058   2.573   -6.382  1.00 31.07 ? 102 ARG A CD  1 
ATOM   560  N NE  . ARG A 1 102 ? 0.841   2.141   -7.751  1.00 30.51 ? 102 ARG A NE  1 
ATOM   561  C CZ  . ARG A 1 102 ? 1.797   2.028   -8.675  1.00 33.52 ? 102 ARG A CZ  1 
ATOM   562  N NH1 . ARG A 1 102 ? 3.080   2.251   -8.384  1.00 34.65 ? 102 ARG A NH1 1 
ATOM   563  N NH2 . ARG A 1 102 ? 1.468   1.650   -9.900  1.00 32.89 ? 102 ARG A NH2 1 
ATOM   564  N N   . GLY A 1 103 ? 1.412   -2.802  -5.390  1.00 18.06 ? 103 GLY A N   1 
ATOM   565  C CA  . GLY A 1 103 ? 2.343   -3.877  -5.125  1.00 17.76 ? 103 GLY A CA  1 
ATOM   566  C C   . GLY A 1 103 ? 2.205   -4.672  -3.846  1.00 17.77 ? 103 GLY A C   1 
ATOM   567  O O   . GLY A 1 103 ? 2.955   -5.629  -3.681  1.00 17.43 ? 103 GLY A O   1 
ATOM   568  N N   . PHE A 1 104 ? 1.275   -4.312  -2.946  1.00 17.06 ? 104 PHE A N   1 
ATOM   569  C CA  . PHE A 1 104 ? 1.000   -5.173  -1.773  1.00 17.72 ? 104 PHE A CA  1 
ATOM   570  C C   . PHE A 1 104 ? 0.255   -6.440  -2.213  1.00 18.53 ? 104 PHE A C   1 
ATOM   571  O O   . PHE A 1 104 ? -0.650  -6.363  -3.052  1.00 19.12 ? 104 PHE A O   1 
ATOM   572  C CB  . PHE A 1 104 ? 0.159   -4.435  -0.692  1.00 16.24 ? 104 PHE A CB  1 
ATOM   573  C CG  . PHE A 1 104 ? 0.954   -3.460  0.162   1.00 14.66 ? 104 PHE A CG  1 
ATOM   574  C CD1 . PHE A 1 104 ? 0.790   -2.082  0.012   1.00 12.53 ? 104 PHE A CD1 1 
ATOM   575  C CD2 . PHE A 1 104 ? 1.856   -3.916  1.113   1.00 13.61 ? 104 PHE A CD2 1 
ATOM   576  C CE1 . PHE A 1 104 ? 1.489   -1.165  0.813   1.00 11.78 ? 104 PHE A CE1 1 
ATOM   577  C CE2 . PHE A 1 104 ? 2.593   -3.029  1.892   1.00 14.19 ? 104 PHE A CE2 1 
ATOM   578  C CZ  . PHE A 1 104 ? 2.414   -1.635  1.745   1.00 12.70 ? 104 PHE A CZ  1 
ATOM   579  N N   . SER A 1 105 ? 0.594   -7.593  -1.638  1.00 18.93 ? 105 SER A N   1 
ATOM   580  C CA  . SER A 1 105 ? -0.263  -8.771  -1.780  1.00 19.31 ? 105 SER A CA  1 
ATOM   581  C C   . SER A 1 105 ? -1.580  -8.435  -1.136  1.00 19.56 ? 105 SER A C   1 
ATOM   582  O O   . SER A 1 105 ? -1.631  -7.513  -0.304  1.00 20.93 ? 105 SER A O   1 
ATOM   583  C CB  . SER A 1 105 ? 0.337   -10.024 -1.108  1.00 19.60 ? 105 SER A CB  1 
ATOM   584  O OG  . SER A 1 105 ? 0.177   -9.974  0.317   1.00 20.43 ? 105 SER A OG  1 
ATOM   585  N N   . PRO A 1 106 ? -2.666  -9.149  -1.519  1.00 19.74 ? 106 PRO A N   1 
ATOM   586  C CA  . PRO A 1 106 ? -3.968  -9.001  -0.873  1.00 19.48 ? 106 PRO A CA  1 
ATOM   587  C C   . PRO A 1 106 ? -3.978  -9.249  0.637   1.00 20.02 ? 106 PRO A C   1 
ATOM   588  O O   . PRO A 1 106 ? -4.634  -8.476  1.377   1.00 19.12 ? 106 PRO A O   1 
ATOM   589  C CB  . PRO A 1 106 ? -4.821  -10.028 -1.600  1.00 19.90 ? 106 PRO A CB  1 
ATOM   590  C CG  . PRO A 1 106 ? -4.204  -10.057 -2.995  1.00 19.98 ? 106 PRO A CG  1 
ATOM   591  C CD  . PRO A 1 106 ? -2.748  -10.075 -2.670  1.00 19.76 ? 106 PRO A CD  1 
ATOM   592  N N   . GLU A 1 107 ? -3.275  -10.302 1.085   1.00 20.21 ? 107 GLU A N   1 
ATOM   593  C CA  . GLU A 1 107 ? -3.122  -10.610 2.520   1.00 20.46 ? 107 GLU A CA  1 
ATOM   594  C C   . GLU A 1 107 ? -2.559  -9.424  3.307   1.00 19.24 ? 107 GLU A C   1 
ATOM   595  O O   . GLU A 1 107 ? -3.001  -9.150  4.419   1.00 18.94 ? 107 GLU A O   1 
ATOM   596  C CB  . GLU A 1 107 ? -2.218  -11.843 2.745   1.00 22.09 ? 107 GLU A CB  1 
ATOM   597  C CG  . GLU A 1 107 ? -2.707  -13.147 2.032   1.00 26.51 ? 107 GLU A CG  1 
ATOM   598  C CD  . GLU A 1 107 ? -3.806  -13.896 2.801   1.00 33.24 ? 107 GLU A CD  1 
ATOM   599  O OE1 . GLU A 1 107 ? -4.743  -13.212 3.293   1.00 36.36 ? 107 GLU A OE1 1 
ATOM   600  O OE2 . GLU A 1 107 ? -3.742  -15.165 2.900   1.00 35.79 ? 107 GLU A OE2 1 
ATOM   601  N N   . ARG A 1 108 ? -1.559  -8.763  2.725   1.00 18.82 ? 108 ARG A N   1 
ATOM   602  C CA  . ARG A 1 108 ? -0.887  -7.586  3.295   1.00 18.50 ? 108 ARG A CA  1 
ATOM   603  C C   . ARG A 1 108 ? -1.732  -6.320  3.211   1.00 18.58 ? 108 ARG A C   1 
ATOM   604  O O   . ARG A 1 108 ? -1.816  -5.602  4.204   1.00 18.07 ? 108 ARG A O   1 
ATOM   605  C CB  . ARG A 1 108 ? 0.491   -7.384  2.659   1.00 18.86 ? 108 ARG A CB  1 
ATOM   606  C CG  . ARG A 1 108 ? 1.505   -8.525  3.071   1.00 20.49 ? 108 ARG A CG  1 
ATOM   607  C CD  . ARG A 1 108 ? 2.854   -7.962  3.505   1.00 20.24 ? 108 ARG A CD  1 
ATOM   608  N NE  . ARG A 1 108 ? 3.505   -7.081  2.508   1.00 20.67 ? 108 ARG A NE  1 
ATOM   609  C CZ  . ARG A 1 108 ? 4.457   -6.192  2.814   1.00 21.78 ? 108 ARG A CZ  1 
ATOM   610  N NH1 . ARG A 1 108 ? 5.030   -5.444  1.864   1.00 23.81 ? 108 ARG A NH1 1 
ATOM   611  N NH2 . ARG A 1 108 ? 4.854   -6.055  4.076   1.00 19.22 ? 108 ARG A NH2 1 
ATOM   612  N N   . ALA A 1 109 ? -2.384  -6.065  2.057   1.00 18.44 ? 109 ALA A N   1 
ATOM   613  C CA  . ALA A 1 109 ? -3.396  -4.970  1.939   1.00 18.20 ? 109 ALA A CA  1 
ATOM   614  C C   . ALA A 1 109 ? -4.554  -5.050  2.951   1.00 19.12 ? 109 ALA A C   1 
ATOM   615  O O   . ALA A 1 109 ? -5.046  -4.010  3.423   1.00 18.77 ? 109 ALA A O   1 
ATOM   616  C CB  . ALA A 1 109 ? -3.951  -4.911  0.543   1.00 16.85 ? 109 ALA A CB  1 
ATOM   617  N N   . PHE A 1 110 ? -5.013  -6.271  3.282   1.00 20.13 ? 110 PHE A N   1 
ATOM   618  C CA  . PHE A 1 110 ? -6.106  -6.445  4.273   1.00 20.25 ? 110 PHE A CA  1 
ATOM   619  C C   . PHE A 1 110 ? -5.791  -5.914  5.673   1.00 20.13 ? 110 PHE A C   1 
ATOM   620  O O   . PHE A 1 110 ? -6.703  -5.722  6.487   1.00 21.28 ? 110 PHE A O   1 
ATOM   621  C CB  . PHE A 1 110 ? -6.544  -7.901  4.411   1.00 22.02 ? 110 PHE A CB  1 
ATOM   622  C CG  . PHE A 1 110 ? -7.467  -8.383  3.323   1.00 22.67 ? 110 PHE A CG  1 
ATOM   623  C CD1 . PHE A 1 110 ? -8.566  -7.632  2.931   1.00 24.86 ? 110 PHE A CD1 1 
ATOM   624  C CD2 . PHE A 1 110 ? -7.265  -9.629  2.743   1.00 27.46 ? 110 PHE A CD2 1 
ATOM   625  C CE1 . PHE A 1 110 ? -9.421  -8.081  1.931   1.00 26.40 ? 110 PHE A CE1 1 
ATOM   626  C CE2 . PHE A 1 110 ? -8.128  -10.113 1.735   1.00 27.83 ? 110 PHE A CE2 1 
ATOM   627  C CZ  . PHE A 1 110 ? -9.205  -9.338  1.339   1.00 26.43 ? 110 PHE A CZ  1 
ATOM   628  N N   . ARG A 1 111 ? -4.522  -5.667  5.965   1.00 19.02 ? 111 ARG A N   1 
ATOM   629  C CA  . ARG A 1 111 ? -4.156  -4.840  7.136   1.00 17.98 ? 111 ARG A CA  1 
ATOM   630  C C   . ARG A 1 111 ? -5.009  -3.556  7.249   1.00 16.97 ? 111 ARG A C   1 
ATOM   631  O O   . ARG A 1 111 ? -5.396  -3.158  8.350   1.00 16.95 ? 111 ARG A O   1 
ATOM   632  C CB  . ARG A 1 111 ? -2.666  -4.458  7.106   1.00 17.99 ? 111 ARG A CB  1 
ATOM   633  C CG  . ARG A 1 111 ? -2.164  -3.824  8.429   1.00 18.72 ? 111 ARG A CG  1 
ATOM   634  C CD  . ARG A 1 111 ? -0.730  -3.326  8.325   1.00 16.82 ? 111 ARG A CD  1 
ATOM   635  N NE  . ARG A 1 111 ? -0.442  -2.533  9.516   1.00 12.29 ? 111 ARG A NE  1 
ATOM   636  C CZ  . ARG A 1 111 ? 0.757   -2.356  10.066  1.00 11.18 ? 111 ARG A CZ  1 
ATOM   637  N NH1 . ARG A 1 111 ? 0.819   -1.622  11.155  1.00 5.42  ? 111 ARG A NH1 1 
ATOM   638  N NH2 . ARG A 1 111 ? 1.877   -2.915  9.540   1.00 7.81  ? 111 ARG A NH2 1 
ATOM   639  N N   . LEU A 1 112 ? -5.327  -2.946  6.110   1.00 16.37 ? 112 LEU A N   1 
ATOM   640  C CA  . LEU A 1 112 ? -6.044  -1.692  6.060   1.00 16.82 ? 112 LEU A CA  1 
ATOM   641  C C   . LEU A 1 112 ? -7.450  -1.774  6.667   1.00 18.39 ? 112 LEU A C   1 
ATOM   642  O O   . LEU A 1 112 ? -8.039  -0.734  6.962   1.00 18.75 ? 112 LEU A O   1 
ATOM   643  C CB  . LEU A 1 112 ? -6.141  -1.177  4.635   1.00 16.20 ? 112 LEU A CB  1 
ATOM   644  C CG  . LEU A 1 112 ? -4.868  -0.532  4.097   1.00 16.36 ? 112 LEU A CG  1 
ATOM   645  C CD1 . LEU A 1 112 ? -4.972  -0.578  2.580   1.00 12.67 ? 112 LEU A CD1 1 
ATOM   646  C CD2 . LEU A 1 112 ? -4.783  0.887   4.598   1.00 11.52 ? 112 LEU A CD2 1 
ATOM   647  N N   . LEU A 1 113 ? -7.983  -2.993  6.843   1.00 19.62 ? 113 LEU A N   1 
ATOM   648  C CA  . LEU A 1 113 ? -9.279  -3.199  7.511   1.00 21.22 ? 113 LEU A CA  1 
ATOM   649  C C   . LEU A 1 113 ? -9.231  -2.857  8.983   1.00 22.46 ? 113 LEU A C   1 
ATOM   650  O O   . LEU A 1 113 ? -10.262 -2.616  9.582   1.00 23.61 ? 113 LEU A O   1 
ATOM   651  C CB  . LEU A 1 113 ? -9.755  -4.646  7.344   1.00 22.04 ? 113 LEU A CB  1 
ATOM   652  C CG  . LEU A 1 113 ? -10.088 -5.096  5.913   1.00 22.03 ? 113 LEU A CG  1 
ATOM   653  C CD1 . LEU A 1 113 ? -10.331 -6.583  5.862   1.00 24.19 ? 113 LEU A CD1 1 
ATOM   654  C CD2 . LEU A 1 113 ? -11.312 -4.347  5.478   1.00 23.30 ? 113 LEU A CD2 1 
ATOM   655  N N   . ASN A 1 114 ? -8.033  -2.852  9.578   1.00 24.19 ? 114 ASN A N   1 
ATOM   656  C CA  . ASN A 1 114 ? -7.874  -2.527  10.996  1.00 25.13 ? 114 ASN A CA  1 
ATOM   657  C C   . ASN A 1 114 ? -8.109  -1.038  11.206  1.00 26.02 ? 114 ASN A C   1 
ATOM   658  O O   . ASN A 1 114 ? -7.660  -0.194  10.412  1.00 26.01 ? 114 ASN A O   1 
ATOM   659  C CB  . ASN A 1 114 ? -6.469  -2.895  11.540  1.00 24.98 ? 114 ASN A CB  1 
ATOM   660  C CG  . ASN A 1 114 ? -6.109  -4.386  11.385  1.00 26.41 ? 114 ASN A CG  1 
ATOM   661  O OD1 . ASN A 1 114 ? -4.920  -4.742  11.298  1.00 28.85 ? 114 ASN A OD1 1 
ATOM   662  N ND2 . ASN A 1 114 ? -7.108  -5.245  11.347  1.00 25.98 ? 114 ASN A ND2 1 
ATOM   663  N N   . GLU A 1 115 ? -8.803  -0.700  12.286  1.00 27.09 ? 115 GLU A N   1 
ATOM   664  C CA  . GLU A 1 115 ? -9.069  0.711   12.585  1.00 27.53 ? 115 GLU A CA  1 
ATOM   665  C C   . GLU A 1 115 ? -7.775  1.466   12.973  1.00 27.32 ? 115 GLU A C   1 
ATOM   666  O O   . GLU A 1 115 ? -6.829  0.887   13.549  1.00 27.72 ? 115 GLU A O   1 
ATOM   667  C CB  . GLU A 1 115 ? -10.215 0.853   13.617  1.00 28.16 ? 115 GLU A CB  1 
ATOM   668  C CG  . GLU A 1 115 ? -11.681 0.752   13.006  1.00 27.98 ? 115 GLU A CG  1 
ATOM   669  C CD  . GLU A 1 115 ? -12.156 -0.689  12.683  1.00 30.71 ? 115 GLU A CD  1 
ATOM   670  O OE1 . GLU A 1 115 ? -11.350 -1.656  12.697  1.00 32.25 ? 115 GLU A OE1 1 
ATOM   671  O OE2 . GLU A 1 115 ? -13.360 -0.872  12.383  1.00 29.60 ? 115 GLU A OE2 1 
ATOM   672  N N   . GLY A 1 116 ? -7.725  2.743   12.600  1.00 26.68 ? 116 GLY A N   1 
ATOM   673  C CA  . GLY A 1 116 ? -6.527  3.549   12.735  1.00 26.78 ? 116 GLY A CA  1 
ATOM   674  C C   . GLY A 1 116 ? -5.463  3.249   11.696  1.00 26.95 ? 116 GLY A C   1 
ATOM   675  O O   . GLY A 1 116 ? -4.403  3.827   11.728  1.00 27.35 ? 116 GLY A O   1 
ATOM   676  N N   . GLU A 1 117 ? -5.719  2.329   10.773  1.00 27.27 ? 117 GLU A N   1 
ATOM   677  C CA  . GLU A 1 117 ? -4.699  2.007   9.766   1.00 27.63 ? 117 GLU A CA  1 
ATOM   678  C C   . GLU A 1 117 ? -5.017  2.756   8.476   1.00 27.27 ? 117 GLU A C   1 
ATOM   679  O O   . GLU A 1 117 ? -6.184  2.825   8.061   1.00 27.65 ? 117 GLU A O   1 
ATOM   680  C CB  . GLU A 1 117 ? -4.605  0.501   9.528   1.00 27.46 ? 117 GLU A CB  1 
ATOM   681  C CG  . GLU A 1 117 ? -3.199  -0.016  9.529   1.00 29.87 ? 117 GLU A CG  1 
ATOM   682  C CD  . GLU A 1 117 ? -2.732  -0.516  10.865  1.00 30.44 ? 117 GLU A CD  1 
ATOM   683  O OE1 . GLU A 1 117 ? -3.368  -0.312  11.899  1.00 32.92 ? 117 GLU A OE1 1 
ATOM   684  O OE2 . GLU A 1 117 ? -1.678  -1.130  10.891  1.00 35.33 ? 117 GLU A OE2 1 
ATOM   685  N N   . TYR A 1 118 ? -3.979  3.328   7.869   1.00 26.21 ? 118 TYR A N   1 
ATOM   686  C CA  . TYR A 1 118 ? -4.105  4.164   6.677   1.00 24.44 ? 118 TYR A CA  1 
ATOM   687  C C   . TYR A 1 118 ? -3.092  3.720   5.633   1.00 23.76 ? 118 TYR A C   1 
ATOM   688  O O   . TYR A 1 118 ? -2.138  2.999   5.939   1.00 23.33 ? 118 TYR A O   1 
ATOM   689  C CB  . TYR A 1 118 ? -3.841  5.640   7.013   1.00 24.61 ? 118 TYR A CB  1 
ATOM   690  C CG  . TYR A 1 118 ? -4.821  6.250   8.009   1.00 25.45 ? 118 TYR A CG  1 
ATOM   691  C CD1 . TYR A 1 118 ? -5.878  7.056   7.583   1.00 24.47 ? 118 TYR A CD1 1 
ATOM   692  C CD2 . TYR A 1 118 ? -4.690  6.010   9.369   1.00 25.68 ? 118 TYR A CD2 1 
ATOM   693  C CE1 . TYR A 1 118 ? -6.776  7.607   8.504   1.00 26.09 ? 118 TYR A CE1 1 
ATOM   694  C CE2 . TYR A 1 118 ? -5.583  6.551   10.295  1.00 26.38 ? 118 TYR A CE2 1 
ATOM   695  C CZ  . TYR A 1 118 ? -6.625  7.334   9.855   1.00 26.01 ? 118 TYR A CZ  1 
ATOM   696  O OH  . TYR A 1 118 ? -7.482  7.879   10.795  1.00 28.71 ? 118 TYR A OH  1 
ATOM   697  N N   . LEU A 1 119 ? -3.318  4.182   4.413   1.00 22.05 ? 119 LEU A N   1 
ATOM   698  C CA  . LEU A 1 119 ? -2.487  3.900   3.276   1.00 22.75 ? 119 LEU A CA  1 
ATOM   699  C C   . LEU A 1 119 ? -1.879  5.222   2.880   1.00 22.49 ? 119 LEU A C   1 
ATOM   700  O O   . LEU A 1 119 ? -2.579  6.216   2.866   1.00 21.58 ? 119 LEU A O   1 
ATOM   701  C CB  . LEU A 1 119 ? -3.326  3.352   2.110   1.00 21.08 ? 119 LEU A CB  1 
ATOM   702  C CG  . LEU A 1 119 ? -2.597  3.182   0.799   1.00 21.91 ? 119 LEU A CG  1 
ATOM   703  C CD1 . LEU A 1 119 ? -1.396  2.193   0.870   1.00 19.13 ? 119 LEU A CD1 1 
ATOM   704  C CD2 . LEU A 1 119 ? -3.617  2.777   -0.317  1.00 21.42 ? 119 LEU A CD2 1 
ATOM   705  N N   . GLU A 1 120 ? -0.585  5.227   2.572   1.00 23.25 ? 120 GLU A N   1 
ATOM   706  C CA  . GLU A 1 120 ? 0.066   6.399   2.024   1.00 25.30 ? 120 GLU A CA  1 
ATOM   707  C C   . GLU A 1 120 ? 0.911   5.983   0.830   1.00 25.48 ? 120 GLU A C   1 
ATOM   708  O O   . GLU A 1 120 ? 1.773   5.136   0.961   1.00 25.66 ? 120 GLU A O   1 
ATOM   709  C CB  . GLU A 1 120 ? 0.908   7.164   3.085   1.00 24.92 ? 120 GLU A CB  1 
ATOM   710  C CG  . GLU A 1 120 ? 1.933   8.166   2.449   1.00 26.67 ? 120 GLU A CG  1 
ATOM   711  C CD  . GLU A 1 120 ? 2.173   9.459   3.226   1.00 27.97 ? 120 GLU A CD  1 
ATOM   712  O OE1 . GLU A 1 120 ? 2.643   10.444  2.605   1.00 35.18 ? 120 GLU A OE1 1 
ATOM   713  O OE2 . GLU A 1 120 ? 1.921   9.529   4.448   1.00 31.59 ? 120 GLU A OE2 1 
ATOM   714  N N   . ILE A 1 121 ? 0.645   6.574   -0.329  1.00 26.72 ? 121 ILE A N   1 
ATOM   715  C CA  . ILE A 1 121 ? 1.449   6.341   -1.537  1.00 28.00 ? 121 ILE A CA  1 
ATOM   716  C C   . ILE A 1 121 ? 2.363   7.529   -1.853  1.00 28.52 ? 121 ILE A C   1 
ATOM   717  O O   . ILE A 1 121 ? 1.922   8.666   -1.989  1.00 27.82 ? 121 ILE A O   1 
ATOM   718  C CB  . ILE A 1 121 ? 0.602   6.095   -2.807  1.00 27.83 ? 121 ILE A CB  1 
ATOM   719  C CG1 . ILE A 1 121 ? -0.639  5.243   -2.541  1.00 30.11 ? 121 ILE A CG1 1 
ATOM   720  C CG2 . ILE A 1 121 ? 1.463   5.519   -3.942  1.00 28.92 ? 121 ILE A CG2 1 
ATOM   721  C CD1 . ILE A 1 121 ? -0.371  3.862   -2.186  1.00 34.90 ? 121 ILE A CD1 1 
ATOM   722  N N   . ILE A 1 122 ? 3.645   7.228   -2.006  1.00 29.71 ? 122 ILE A N   1 
ATOM   723  C CA  . ILE A 1 122 ? 4.670   8.221   -2.281  1.00 30.39 ? 122 ILE A CA  1 
ATOM   724  C C   . ILE A 1 122 ? 5.225   8.000   -3.686  1.00 30.64 ? 122 ILE A C   1 
ATOM   725  O O   . ILE A 1 122 ? 5.644   6.894   -4.016  1.00 30.06 ? 122 ILE A O   1 
ATOM   726  C CB  . ILE A 1 122 ? 5.836   8.093   -1.238  1.00 30.45 ? 122 ILE A CB  1 
ATOM   727  C CG1 . ILE A 1 122 ? 5.357   8.447   0.174   1.00 31.91 ? 122 ILE A CG1 1 
ATOM   728  C CG2 . ILE A 1 122 ? 7.000   8.974   -1.602  1.00 29.90 ? 122 ILE A CG2 1 
ATOM   729  C CD1 . ILE A 1 122 ? 4.607   9.800   0.247   1.00 34.30 ? 122 ILE A CD1 1 
ATOM   730  N N   . ASN A 1 123 ? 5.233   9.048   -4.508  1.00 31.71 ? 123 ASN A N   1 
ATOM   731  C CA  . ASN A 1 123 ? 5.935   8.973   -5.790  1.00 32.36 ? 123 ASN A CA  1 
ATOM   732  C C   . ASN A 1 123 ? 7.420   9.140   -5.518  1.00 31.46 ? 123 ASN A C   1 
ATOM   733  O O   . ASN A 1 123 ? 7.840   10.130  -4.932  1.00 30.50 ? 123 ASN A O   1 
ATOM   734  C CB  . ASN A 1 123 ? 5.440   10.036  -6.786  1.00 33.55 ? 123 ASN A CB  1 
ATOM   735  C CG  . ASN A 1 123 ? 3.954   9.871   -7.155  1.00 36.53 ? 123 ASN A CG  1 
ATOM   736  O OD1 . ASN A 1 123 ? 3.544   8.849   -7.728  1.00 39.62 ? 123 ASN A OD1 1 
ATOM   737  N ND2 . ASN A 1 123 ? 3.150   10.899  -6.852  1.00 36.26 ? 123 ASN A ND2 1 
ATOM   738  N N   . LEU A 1 124 ? 8.198   8.145   -5.928  1.00 31.89 ? 124 LEU A N   1 
ATOM   739  C CA  . LEU A 1 124 ? 9.637   8.095   -5.672  1.00 32.95 ? 124 LEU A CA  1 
ATOM   740  C C   . LEU A 1 124 ? 10.313  9.333   -6.202  1.00 34.34 ? 124 LEU A C   1 
ATOM   741  O O   . LEU A 1 124 ? 11.330  9.794   -5.664  1.00 34.77 ? 124 LEU A O   1 
ATOM   742  C CB  . LEU A 1 124 ? 10.262  6.866   -6.320  1.00 32.47 ? 124 LEU A CB  1 
ATOM   743  C CG  . LEU A 1 124 ? 10.079  5.527   -5.613  1.00 32.39 ? 124 LEU A CG  1 
ATOM   744  C CD1 . LEU A 1 124 ? 10.751  4.411   -6.382  1.00 32.42 ? 124 LEU A CD1 1 
ATOM   745  C CD2 . LEU A 1 124 ? 10.590  5.612   -4.209  1.00 31.25 ? 124 LEU A CD2 1 
ATOM   746  N N   . THR A 1 125 ? 9.704   9.884   -7.240  1.00 35.58 ? 125 THR A N   1 
ATOM   747  C CA  . THR A 1 125 ? 10.211  11.052  -7.909  1.00 37.31 ? 125 THR A CA  1 
ATOM   748  C C   . THR A 1 125 ? 10.320  12.287  -7.017  1.00 38.40 ? 125 THR A C   1 
ATOM   749  O O   . THR A 1 125 ? 11.210  13.110  -7.223  1.00 38.80 ? 125 THR A O   1 
ATOM   750  C CB  . THR A 1 125 ? 9.414   11.336  -9.192  1.00 36.69 ? 125 THR A CB  1 
ATOM   751  O OG1 . THR A 1 125 ? 10.332  11.749  -10.181 1.00 37.26 ? 125 THR A OG1 1 
ATOM   752  C CG2 . THR A 1 125 ? 8.334   12.401  -9.002  1.00 36.85 ? 125 THR A CG2 1 
ATOM   753  N N   . ASP A 1 126 ? 9.445   12.430  -6.020  1.00 39.52 ? 126 ASP A N   1 
ATOM   754  C CA  . ASP A 1 126 ? 9.522   13.660  -5.239  1.00 40.62 ? 126 ASP A CA  1 
ATOM   755  C C   . ASP A 1 126 ? 10.052  13.478  -3.827  1.00 41.09 ? 126 ASP A C   1 
ATOM   756  O O   . ASP A 1 126 ? 9.762   14.288  -2.933  1.00 41.56 ? 126 ASP A O   1 
ATOM   757  C CB  . ASP A 1 126 ? 8.262   14.547  -5.358  1.00 41.01 ? 126 ASP A CB  1 
ATOM   758  C CG  . ASP A 1 126 ? 6.994   13.823  -5.013  1.00 40.91 ? 126 ASP A CG  1 
ATOM   759  O OD1 . ASP A 1 126 ? 6.792   13.557  -3.814  1.00 41.25 ? 126 ASP A OD1 1 
ATOM   760  O OD2 . ASP A 1 126 ? 6.185   13.564  -5.932  1.00 41.06 ? 126 ASP A OD2 1 
ATOM   761  N N   . ILE A 1 127 ? 10.861  12.429  -3.652  1.00 41.33 ? 127 ILE A N   1 
ATOM   762  C CA  . ILE A 1 127 ? 11.618  12.231  -2.411  1.00 41.67 ? 127 ILE A CA  1 
ATOM   763  C C   . ILE A 1 127 ? 13.128  12.191  -2.669  1.00 42.31 ? 127 ILE A C   1 
ATOM   764  O O   . ILE A 1 127 ? 13.918  12.005  -1.732  1.00 42.84 ? 127 ILE A O   1 
ATOM   765  C CB  . ILE A 1 127 ? 11.133  11.003  -1.585  1.00 41.72 ? 127 ILE A CB  1 
ATOM   766  C CG1 . ILE A 1 127 ? 11.319  9.693   -2.360  1.00 41.34 ? 127 ILE A CG1 1 
ATOM   767  C CG2 . ILE A 1 127 ? 9.685   11.213  -1.115  1.00 42.09 ? 127 ILE A CG2 1 
ATOM   768  C CD1 . ILE A 1 127 ? 10.941  8.463   -1.606  1.00 41.09 ? 127 ILE A CD1 1 
ATOM   769  N N   . ILE A 1 128 ? 13.512  12.373  -3.938  1.00 42.52 ? 128 ILE A N   1 
ATOM   770  C CA  . ILE A 1 128 ? 14.914  12.485  -4.358  1.00 42.72 ? 128 ILE A CA  1 
ATOM   771  C C   . ILE A 1 128 ? 15.253  13.916  -4.810  1.00 42.80 ? 128 ILE A C   1 
ATOM   772  O O   . ILE A 1 128 ? 14.554  14.521  -5.634  1.00 42.50 ? 128 ILE A O   1 
ATOM   773  C CB  . ILE A 1 128 ? 15.271  11.468  -5.484  1.00 43.03 ? 128 ILE A CB  1 
ATOM   774  C CG1 . ILE A 1 128 ? 16.480  11.942  -6.308  1.00 43.31 ? 128 ILE A CG1 1 
ATOM   775  C CG2 . ILE A 1 128 ? 14.090  11.243  -6.433  1.00 43.36 ? 128 ILE A CG2 1 
ATOM   776  C CD1 . ILE A 1 128 ? 17.850  11.526  -5.756  1.00 45.48 ? 128 ILE A CD1 1 
ATOM   777  N N   . ALA A 1 135 ? 18.915  6.498   -11.615 1.00 46.19 ? 135 ALA A N   1 
ATOM   778  C CA  . ALA A 1 135 ? 18.018  7.461   -10.972 1.00 47.06 ? 135 ALA A CA  1 
ATOM   779  C C   . ALA A 1 135 ? 16.911  6.799   -10.130 1.00 46.75 ? 135 ALA A C   1 
ATOM   780  O O   . ALA A 1 135 ? 16.861  6.985   -8.906  1.00 47.30 ? 135 ALA A O   1 
ATOM   781  C CB  . ALA A 1 135 ? 17.404  8.433   -11.958 1.00 47.02 ? 135 ALA A CB  1 
ATOM   782  N N   . LEU A 1 136 ? 16.039  6.014   -10.776 1.00 46.66 ? 136 LEU A N   1 
ATOM   783  C CA  . LEU A 1 136 ? 14.926  5.319   -10.078 1.00 46.40 ? 136 LEU A CA  1 
ATOM   784  C C   . LEU A 1 136 ? 15.257  3.903   -9.578  1.00 45.26 ? 136 LEU A C   1 
ATOM   785  O O   . LEU A 1 136 ? 14.993  3.594   -8.430  1.00 45.66 ? 136 LEU A O   1 
ATOM   786  C CB  . LEU A 1 136 ? 13.642  5.299   -10.934 1.00 46.92 ? 136 LEU A CB  1 
ATOM   787  C CG  . LEU A 1 136 ? 12.586  6.412   -10.755 1.00 47.66 ? 136 LEU A CG  1 
ATOM   788  C CD1 . LEU A 1 136 ? 11.541  6.012   -9.789  1.00 46.28 ? 136 LEU A CD1 1 
ATOM   789  C CD2 . LEU A 1 136 ? 13.214  7.768   -10.345 1.00 48.82 ? 136 LEU A CD2 1 
ATOM   790  N N   . PRO A 1 137 ? 15.822  3.029   -10.438 1.00 44.44 ? 137 PRO A N   1 
ATOM   791  C CA  . PRO A 1 137 ? 16.218  1.705   -9.908  1.00 43.57 ? 137 PRO A CA  1 
ATOM   792  C C   . PRO A 1 137 ? 17.217  1.782   -8.736  1.00 42.77 ? 137 PRO A C   1 
ATOM   793  O O   . PRO A 1 137 ? 17.293  0.854   -7.920  1.00 42.10 ? 137 PRO A O   1 
ATOM   794  C CB  . PRO A 1 137 ? 16.870  1.013   -11.113 1.00 43.47 ? 137 PRO A CB  1 
ATOM   795  C CG  . PRO A 1 137 ? 17.108  2.109   -12.125 1.00 44.21 ? 137 PRO A CG  1 
ATOM   796  C CD  . PRO A 1 137 ? 16.105  3.163   -11.883 1.00 44.15 ? 137 PRO A CD  1 
ATOM   797  N N   . ARG A 1 138 ? 17.972  2.883   -8.684  1.00 41.99 ? 138 ARG A N   1 
ATOM   798  C CA  . ARG A 1 138 ? 18.950  3.146   -7.628  1.00 40.91 ? 138 ARG A CA  1 
ATOM   799  C C   . ARG A 1 138 ? 18.269  3.577   -6.325  1.00 39.35 ? 138 ARG A C   1 
ATOM   800  O O   . ARG A 1 138 ? 18.728  3.220   -5.240  1.00 39.27 ? 138 ARG A O   1 
ATOM   801  C CB  . ARG A 1 138 ? 19.953  4.213   -8.075  1.00 41.32 ? 138 ARG A CB  1 
ATOM   802  C CG  . ARG A 1 138 ? 20.253  4.228   -9.587  1.00 43.71 ? 138 ARG A CG  1 
ATOM   803  C CD  . ARG A 1 138 ? 21.126  3.062   -10.030 1.00 45.66 ? 138 ARG A CD  1 
ATOM   804  N NE  . ARG A 1 138 ? 22.550  3.370   -9.942  1.00 47.05 ? 138 ARG A NE  1 
ATOM   805  C CZ  . ARG A 1 138 ? 23.317  3.712   -10.973 1.00 47.30 ? 138 ARG A CZ  1 
ATOM   806  N NH1 . ARG A 1 138 ? 22.806  3.795   -12.197 1.00 48.05 ? 138 ARG A NH1 1 
ATOM   807  N NH2 . ARG A 1 138 ? 24.604  3.962   -10.778 1.00 46.81 ? 138 ARG A NH2 1 
ATOM   808  N N   . VAL A 1 139 ? 17.189  4.345   -6.432  1.00 37.49 ? 139 VAL A N   1 
ATOM   809  C CA  . VAL A 1 139 ? 16.421  4.716   -5.268  1.00 36.53 ? 139 VAL A CA  1 
ATOM   810  C C   . VAL A 1 139 ? 15.723  3.481   -4.681  1.00 35.54 ? 139 VAL A C   1 
ATOM   811  O O   . VAL A 1 139 ? 15.791  3.242   -3.464  1.00 34.97 ? 139 VAL A O   1 
ATOM   812  C CB  . VAL A 1 139 ? 15.461  5.930   -5.504  1.00 37.05 ? 139 VAL A CB  1 
ATOM   813  C CG1 . VAL A 1 139 ? 14.328  5.605   -6.468  1.00 38.43 ? 139 VAL A CG1 1 
ATOM   814  C CG2 . VAL A 1 139 ? 14.891  6.413   -4.180  1.00 35.51 ? 139 VAL A CG2 1 
ATOM   815  N N   . ARG A 1 140 ? 15.114  2.680   -5.552  1.00 33.80 ? 140 ARG A N   1 
ATOM   816  C CA  . ARG A 1 140 ? 14.460  1.450   -5.129  1.00 32.63 ? 140 ARG A CA  1 
ATOM   817  C C   . ARG A 1 140 ? 15.404  0.529   -4.386  1.00 31.41 ? 140 ARG A C   1 
ATOM   818  O O   . ARG A 1 140 ? 15.001  -0.079  -3.410  1.00 30.74 ? 140 ARG A O   1 
ATOM   819  C CB  . ARG A 1 140 ? 13.833  0.730   -6.314  1.00 32.53 ? 140 ARG A CB  1 
ATOM   820  C CG  . ARG A 1 140 ? 12.752  1.566   -6.976  1.00 34.58 ? 140 ARG A CG  1 
ATOM   821  C CD  . ARG A 1 140 ? 11.808  0.754   -7.816  1.00 36.75 ? 140 ARG A CD  1 
ATOM   822  N NE  . ARG A 1 140 ? 12.094  0.850   -9.251  1.00 40.96 ? 140 ARG A NE  1 
ATOM   823  C CZ  . ARG A 1 140 ? 12.808  -0.054  -9.913  1.00 42.98 ? 140 ARG A CZ  1 
ATOM   824  N NH1 . ARG A 1 140 ? 13.014  0.087   -11.214 1.00 42.13 ? 140 ARG A NH1 1 
ATOM   825  N NH2 . ARG A 1 140 ? 13.325  -1.098  -9.259  1.00 43.72 ? 140 ARG A NH2 1 
ATOM   826  N N   . GLY A 1 141 ? 16.657  0.457   -4.838  1.00 30.78 ? 141 GLY A N   1 
ATOM   827  C CA  . GLY A 1 141 ? 17.665  -0.431  -4.255  1.00 29.70 ? 141 GLY A CA  1 
ATOM   828  C C   . GLY A 1 141 ? 18.132  0.064   -2.906  1.00 29.10 ? 141 GLY A C   1 
ATOM   829  O O   . GLY A 1 141 ? 18.442  -0.711  -2.012  1.00 29.02 ? 141 GLY A O   1 
ATOM   830  N N   . ARG A 1 142 ? 18.183  1.377   -2.770  1.00 29.37 ? 142 ARG A N   1 
ATOM   831  C CA  . ARG A 1 142 ? 18.517  2.024   -1.513  1.00 29.42 ? 142 ARG A CA  1 
ATOM   832  C C   . ARG A 1 142 ? 17.458  1.788   -0.452  1.00 28.41 ? 142 ARG A C   1 
ATOM   833  O O   . ARG A 1 142 ? 17.798  1.638   0.722   1.00 29.03 ? 142 ARG A O   1 
ATOM   834  C CB  . ARG A 1 142 ? 18.661  3.524   -1.720  1.00 30.07 ? 142 ARG A CB  1 
ATOM   835  C CG  . ARG A 1 142 ? 19.955  3.970   -2.350  1.00 32.73 ? 142 ARG A CG  1 
ATOM   836  C CD  . ARG A 1 142 ? 19.825  5.468   -2.626  1.00 35.84 ? 142 ARG A CD  1 
ATOM   837  N NE  . ARG A 1 142 ? 21.102  6.117   -2.900  1.00 40.23 ? 142 ARG A NE  1 
ATOM   838  C CZ  . ARG A 1 142 ? 21.604  6.320   -4.114  1.00 41.61 ? 142 ARG A CZ  1 
ATOM   839  N NH1 . ARG A 1 142 ? 20.951  5.913   -5.195  1.00 42.17 ? 142 ARG A NH1 1 
ATOM   840  N NH2 . ARG A 1 142 ? 22.777  6.933   -4.242  1.00 42.72 ? 142 ARG A NH2 1 
ATOM   841  N N   . ILE A 1 143 ? 16.188  1.777   -0.856  1.00 27.06 ? 143 ILE A N   1 
ATOM   842  C CA  . ILE A 1 143 ? 15.083  1.495   0.088   1.00 26.82 ? 143 ILE A CA  1 
ATOM   843  C C   . ILE A 1 143 ? 15.000  -0.009  0.462   1.00 27.24 ? 143 ILE A C   1 
ATOM   844  O O   . ILE A 1 143 ? 14.822  -0.361  1.637   1.00 27.47 ? 143 ILE A O   1 
ATOM   845  C CB  . ILE A 1 143 ? 13.699  2.048   -0.433  1.00 26.30 ? 143 ILE A CB  1 
ATOM   846  C CG1 . ILE A 1 143 ? 13.778  3.568   -0.615  1.00 26.37 ? 143 ILE A CG1 1 
ATOM   847  C CG2 . ILE A 1 143 ? 12.563  1.723   0.529   1.00 24.81 ? 143 ILE A CG2 1 
ATOM   848  C CD1 . ILE A 1 143 ? 12.871  4.149   -1.726  1.00 26.95 ? 143 ILE A CD1 1 
ATOM   849  N N   . ILE A 1 144 ? 15.138  -0.870  -0.547  1.00 27.29 ? 144 ILE A N   1 
ATOM   850  C CA  . ILE A 1 144 ? 14.972  -2.314  -0.442  1.00 27.89 ? 144 ILE A CA  1 
ATOM   851  C C   . ILE A 1 144 ? 16.173  -2.960  0.265   1.00 28.49 ? 144 ILE A C   1 
ATOM   852  O O   . ILE A 1 144 ? 15.984  -3.805  1.129   1.00 28.64 ? 144 ILE A O   1 
ATOM   853  C CB  . ILE A 1 144 ? 14.736  -2.903  -1.868  1.00 28.36 ? 144 ILE A CB  1 
ATOM   854  C CG1 . ILE A 1 144 ? 13.318  -2.545  -2.340  1.00 30.17 ? 144 ILE A CG1 1 
ATOM   855  C CG2 . ILE A 1 144 ? 14.909  -4.429  -1.941  1.00 28.70 ? 144 ILE A CG2 1 
ATOM   856  C CD1 . ILE A 1 144 ? 13.046  -2.894  -3.766  1.00 30.39 ? 144 ILE A CD1 1 
ATOM   857  N N   . GLY A 1 145 ? 17.391  -2.539  -0.100  1.00 28.03 ? 145 GLY A N   1 
ATOM   858  C CA  . GLY A 1 145 ? 18.620  -3.091  0.417   1.00 28.22 ? 145 GLY A CA  1 
ATOM   859  C C   . GLY A 1 145 ? 19.037  -4.398  -0.252  1.00 29.11 ? 145 GLY A C   1 
ATOM   860  O O   . GLY A 1 145 ? 18.345  -4.928  -1.140  1.00 29.58 ? 145 GLY A O   1 
ATOM   861  N N   . ARG A 1 146 ? 20.162  -4.934  0.192   1.00 28.73 ? 146 ARG A N   1 
ATOM   862  C CA  . ARG A 1 146 ? 20.626  -6.234  -0.266  1.00 29.44 ? 146 ARG A CA  1 
ATOM   863  C C   . ARG A 1 146 ? 19.651  -7.293  0.206   1.00 28.82 ? 146 ARG A C   1 
ATOM   864  O O   . ARG A 1 146 ? 19.363  -7.356  1.390   1.00 29.46 ? 146 ARG A O   1 
ATOM   865  C CB  . ARG A 1 146 ? 22.031  -6.519  0.286   1.00 29.51 ? 146 ARG A CB  1 
ATOM   866  C CG  . ARG A 1 146 ? 22.485  -7.947  0.128   1.00 30.89 ? 146 ARG A CG  1 
ATOM   867  C CD  . ARG A 1 146 ? 23.838  -8.162  0.813   1.00 34.14 ? 146 ARG A CD  1 
ATOM   868  N NE  . ARG A 1 146 ? 23.727  -8.529  2.233   1.00 34.26 ? 146 ARG A NE  1 
ATOM   869  C CZ  . ARG A 1 146 ? 23.470  -9.761  2.682   1.00 35.51 ? 146 ARG A CZ  1 
ATOM   870  N NH1 . ARG A 1 146 ? 23.266  -10.767 1.830   1.00 35.32 ? 146 ARG A NH1 1 
ATOM   871  N NH2 . ARG A 1 146 ? 23.427  -9.998  3.990   1.00 34.55 ? 146 ARG A NH2 1 
ATOM   872  N N   . LYS A 1 147 ? 19.150  -8.100  -0.734  1.00 28.27 ? 147 LYS A N   1 
ATOM   873  C CA  . LYS A 1 147 ? 18.118  -9.134  -0.517  1.00 27.24 ? 147 LYS A CA  1 
ATOM   874  C C   . LYS A 1 147 ? 16.912  -8.671  0.305   1.00 26.91 ? 147 LYS A C   1 
ATOM   875  O O   . LYS A 1 147 ? 16.363  -9.441  1.108   1.00 27.22 ? 147 LYS A O   1 
ATOM   876  C CB  . LYS A 1 147 ? 18.724  -10.411 0.079   1.00 27.59 ? 147 LYS A CB  1 
ATOM   877  C CG  . LYS A 1 147 ? 19.895  -10.998 -0.707  1.00 27.76 ? 147 LYS A CG  1 
ATOM   878  C CD  . LYS A 1 147 ? 19.853  -12.512 -0.663  1.00 30.01 ? 147 LYS A CD  1 
ATOM   879  C CE  . LYS A 1 147 ? 21.225  -13.133 -0.847  1.00 31.75 ? 147 LYS A CE  1 
ATOM   880  N NZ  . LYS A 1 147 ? 21.278  -14.465 -0.160  1.00 33.37 ? 147 LYS A NZ  1 
ATOM   881  N N   . GLY A 1 148 ? 16.522  -7.409  0.104   1.00 25.71 ? 148 GLY A N   1 
ATOM   882  C CA  . GLY A 1 148 ? 15.361  -6.801  0.776   1.00 24.31 ? 148 GLY A CA  1 
ATOM   883  C C   . GLY A 1 148 ? 15.495  -6.601  2.294   1.00 22.82 ? 148 GLY A C   1 
ATOM   884  O O   . GLY A 1 148 ? 14.492  -6.416  2.971   1.00 22.04 ? 148 GLY A O   1 
ATOM   885  N N   . ARG A 1 149 ? 16.726  -6.650  2.820   1.00 21.50 ? 149 ARG A N   1 
ATOM   886  C CA  . ARG A 1 149 ? 16.954  -6.549  4.274   1.00 20.42 ? 149 ARG A CA  1 
ATOM   887  C C   . ARG A 1 149 ? 16.642  -5.179  4.849   1.00 19.98 ? 149 ARG A C   1 
ATOM   888  O O   . ARG A 1 149 ? 16.155  -5.098  5.980   1.00 19.95 ? 149 ARG A O   1 
ATOM   889  C CB  . ARG A 1 149 ? 18.387  -6.888  4.638   1.00 20.56 ? 149 ARG A CB  1 
ATOM   890  C CG  . ARG A 1 149 ? 18.780  -8.297  4.228   1.00 22.07 ? 149 ARG A CG  1 
ATOM   891  C CD  . ARG A 1 149 ? 20.252  -8.539  4.529   1.00 20.64 ? 149 ARG A CD  1 
ATOM   892  N NE  . ARG A 1 149 ? 20.600  -8.441  5.952   1.00 18.63 ? 149 ARG A NE  1 
ATOM   893  C CZ  . ARG A 1 149 ? 20.772  -9.481  6.783   1.00 19.58 ? 149 ARG A CZ  1 
ATOM   894  N NH1 . ARG A 1 149 ? 20.593  -10.754 6.377   1.00 15.21 ? 149 ARG A NH1 1 
ATOM   895  N NH2 . ARG A 1 149 ? 21.138  -9.253  8.047   1.00 13.59 ? 149 ARG A NH2 1 
ATOM   896  N N   . THR A 1 150 ? 16.946  -4.113  4.099   1.00 18.80 ? 150 THR A N   1 
ATOM   897  C CA  . THR A 1 150 ? 16.662  -2.772  4.563   1.00 18.55 ? 150 THR A CA  1 
ATOM   898  C C   . THR A 1 150 ? 15.165  -2.542  4.671   1.00 19.13 ? 150 THR A C   1 
ATOM   899  O O   . THR A 1 150 ? 14.713  -1.895  5.604   1.00 20.74 ? 150 THR A O   1 
ATOM   900  C CB  . THR A 1 150 ? 17.319  -1.677  3.649   1.00 18.73 ? 150 THR A CB  1 
ATOM   901  O OG1 . THR A 1 150 ? 18.702  -1.963  3.479   1.00 18.42 ? 150 THR A OG1 1 
ATOM   902  C CG2 . THR A 1 150 ? 17.166  -0.267  4.238   1.00 16.37 ? 150 THR A CG2 1 
ATOM   903  N N   . ARG A 1 151 ? 14.391  -3.061  3.725   1.00 19.06 ? 151 ARG A N   1 
ATOM   904  C CA  . ARG A 1 151 ? 12.948  -2.868  3.763   1.00 19.18 ? 151 ARG A CA  1 
ATOM   905  C C   . ARG A 1 151 ? 12.366  -3.655  4.945   1.00 18.50 ? 151 ARG A C   1 
ATOM   906  O O   . ARG A 1 151 ? 11.500  -3.167  5.640   1.00 17.68 ? 151 ARG A O   1 
ATOM   907  C CB  . ARG A 1 151 ? 12.298  -3.280  2.438   1.00 19.15 ? 151 ARG A CB  1 
ATOM   908  C CG  . ARG A 1 151 ? 10.781  -3.457  2.501   1.00 20.97 ? 151 ARG A CG  1 
ATOM   909  C CD  . ARG A 1 151 ? 10.348  -4.351  1.356   1.00 27.48 ? 151 ARG A CD  1 
ATOM   910  N NE  . ARG A 1 151 ? 9.233   -5.247  1.651   1.00 32.01 ? 151 ARG A NE  1 
ATOM   911  C CZ  . ARG A 1 151 ? 9.279   -6.316  2.455   1.00 36.55 ? 151 ARG A CZ  1 
ATOM   912  N NH1 . ARG A 1 151 ? 8.187   -7.076  2.617   1.00 38.22 ? 151 ARG A NH1 1 
ATOM   913  N NH2 . ARG A 1 151 ? 10.385  -6.636  3.124   1.00 35.97 ? 151 ARG A NH2 1 
ATOM   914  N N   . GLN A 1 152 ? 12.862  -4.864  5.178   1.00 17.89 ? 152 GLN A N   1 
ATOM   915  C CA  . GLN A 1 152 ? 12.519  -5.593  6.415   1.00 17.63 ? 152 GLN A CA  1 
ATOM   916  C C   . GLN A 1 152 ? 12.889  -4.837  7.732   1.00 17.18 ? 152 GLN A C   1 
ATOM   917  O O   . GLN A 1 152 ? 12.100  -4.793  8.675   1.00 17.60 ? 152 GLN A O   1 
ATOM   918  C CB  . GLN A 1 152 ? 13.202  -6.954  6.365   1.00 17.60 ? 152 GLN A CB  1 
ATOM   919  C CG  . GLN A 1 152 ? 12.671  -7.969  7.324   1.00 18.74 ? 152 GLN A CG  1 
ATOM   920  C CD  . GLN A 1 152 ? 13.246  -9.373  7.102   1.00 19.60 ? 152 GLN A CD  1 
ATOM   921  O OE1 . GLN A 1 152 ? 13.149  -10.212 7.996   1.00 24.46 ? 152 GLN A OE1 1 
ATOM   922  N NE2 . GLN A 1 152 ? 13.828  -9.634  5.908   1.00 21.49 ? 152 GLN A NE2 1 
ATOM   923  N N   . ILE A 1 153 ? 14.071  -4.224  7.789   1.00 15.86 ? 153 ILE A N   1 
ATOM   924  C CA  . ILE A 1 153 ? 14.441  -3.413  8.929   1.00 15.06 ? 153 ILE A CA  1 
ATOM   925  C C   . ILE A 1 153 ? 13.453  -2.220  9.144   1.00 16.28 ? 153 ILE A C   1 
ATOM   926  O O   . ILE A 1 153 ? 12.925  -2.029  10.275  1.00 15.07 ? 153 ILE A O   1 
ATOM   927  C CB  . ILE A 1 153 ? 15.893  -2.921  8.827   1.00 15.35 ? 153 ILE A CB  1 
ATOM   928  C CG1 . ILE A 1 153 ? 16.856  -4.147  8.874   1.00 14.17 ? 153 ILE A CG1 1 
ATOM   929  C CG2 . ILE A 1 153 ? 16.157  -1.833  9.936   1.00 12.83 ? 153 ILE A CG2 1 
ATOM   930  C CD1 . ILE A 1 153 ? 18.290  -3.884  8.499   1.00 13.75 ? 153 ILE A CD1 1 
ATOM   931  N N   . ILE A 1 154 ? 13.169  -1.472  8.059   1.00 15.63 ? 154 ILE A N   1 
ATOM   932  C CA  . ILE A 1 154 ? 12.152  -0.395  8.100   1.00 15.67 ? 154 ILE A CA  1 
ATOM   933  C C   . ILE A 1 154 ? 10.816  -0.878  8.642   1.00 15.44 ? 154 ILE A C   1 
ATOM   934  O O   . ILE A 1 154 ? 10.264  -0.245  9.504   1.00 15.96 ? 154 ILE A O   1 
ATOM   935  C CB  . ILE A 1 154 ? 11.926  0.329   6.730   1.00 15.74 ? 154 ILE A CB  1 
ATOM   936  C CG1 . ILE A 1 154 ? 13.248  0.864   6.189   1.00 14.96 ? 154 ILE A CG1 1 
ATOM   937  C CG2 . ILE A 1 154 ? 10.925  1.496   6.878   1.00 14.45 ? 154 ILE A CG2 1 
ATOM   938  C CD1 . ILE A 1 154 ? 13.158  1.365   4.788   1.00 16.14 ? 154 ILE A CD1 1 
ATOM   939  N N   . GLU A 1 155 ? 10.300  -1.999  8.156   1.00 15.96 ? 155 GLU A N   1 
ATOM   940  C CA  . GLU A 1 155 ? 9.005   -2.486  8.620   1.00 15.54 ? 155 GLU A CA  1 
ATOM   941  C C   . GLU A 1 155 ? 9.007   -2.919  10.099  1.00 16.77 ? 155 GLU A C   1 
ATOM   942  O O   . GLU A 1 155 ? 8.066   -2.599  10.857  1.00 14.62 ? 155 GLU A O   1 
ATOM   943  C CB  . GLU A 1 155 ? 8.538   -3.672  7.753   1.00 16.84 ? 155 GLU A CB  1 
ATOM   944  C CG  . GLU A 1 155 ? 8.305   -3.340  6.284   1.00 15.18 ? 155 GLU A CG  1 
ATOM   945  C CD  . GLU A 1 155 ? 7.639   -4.470  5.571   1.00 19.62 ? 155 GLU A CD  1 
ATOM   946  O OE1 . GLU A 1 155 ? 8.079   -5.620  5.773   1.00 23.12 ? 155 GLU A OE1 1 
ATOM   947  O OE2 . GLU A 1 155 ? 6.668   -4.234  4.811   1.00 19.81 ? 155 GLU A OE2 1 
ATOM   948  N N   . GLU A 1 156 ? 10.047  -3.669  10.502  1.00 17.52 ? 156 GLU A N   1 
ATOM   949  C CA  . GLU A 1 156 ? 10.131  -4.198  11.863  1.00 18.93 ? 156 GLU A CA  1 
ATOM   950  C C   . GLU A 1 156 ? 10.154  -3.039  12.847  1.00 19.50 ? 156 GLU A C   1 
ATOM   951  O O   . GLU A 1 156 ? 9.391   -3.026  13.809  1.00 18.80 ? 156 GLU A O   1 
ATOM   952  C CB  . GLU A 1 156 ? 11.391  -5.060  12.052  1.00 19.82 ? 156 GLU A CB  1 
ATOM   953  C CG  . GLU A 1 156 ? 11.522  -5.643  13.473  1.00 24.15 ? 156 GLU A CG  1 
ATOM   954  C CD  . GLU A 1 156 ? 10.367  -6.579  13.811  1.00 31.91 ? 156 GLU A CD  1 
ATOM   955  O OE1 . GLU A 1 156 ? 9.807   -6.492  14.932  1.00 34.77 ? 156 GLU A OE1 1 
ATOM   956  O OE2 . GLU A 1 156 ? 9.999   -7.396  12.929  1.00 35.32 ? 156 GLU A OE2 1 
ATOM   957  N N   . MET A 1 157 ? 11.009  -2.052  12.557  1.00 20.43 ? 157 MET A N   1 
ATOM   958  C CA  . MET A 1 157 ? 11.281  -0.957  13.486  1.00 22.27 ? 157 MET A CA  1 
ATOM   959  C C   . MET A 1 157 ? 10.224  0.127   13.514  1.00 20.89 ? 157 MET A C   1 
ATOM   960  O O   . MET A 1 157 ? 9.941   0.667   14.573  1.00 20.98 ? 157 MET A O   1 
ATOM   961  C CB  . MET A 1 157 ? 12.683  -0.396  13.272  1.00 21.93 ? 157 MET A CB  1 
ATOM   962  C CG  . MET A 1 157 ? 13.703  -1.188  14.152  1.00 24.99 ? 157 MET A CG  1 
ATOM   963  S SD  . MET A 1 157 ? 15.281  -0.425  14.050  1.00 28.38 ? 157 MET A SD  1 
ATOM   964  C CE  . MET A 1 157 ? 16.436  -1.588  14.771  1.00 27.03 ? 157 MET A CE  1 
ATOM   965  N N   . SER A 1 158 ? 9.633   0.430   12.367  1.00 19.52 ? 158 SER A N   1 
ATOM   966  C CA  . SER A 1 158 ? 8.523   1.390   12.305  1.00 19.77 ? 158 SER A CA  1 
ATOM   967  C C   . SER A 1 158 ? 7.138   0.758   12.621  1.00 19.11 ? 158 SER A C   1 
ATOM   968  O O   . SER A 1 158 ? 6.265   1.451   13.077  1.00 19.49 ? 158 SER A O   1 
ATOM   969  C CB  . SER A 1 158 ? 8.447   2.013   10.916  1.00 19.24 ? 158 SER A CB  1 
ATOM   970  O OG  . SER A 1 158 ? 7.938   1.050   9.994   1.00 17.38 ? 158 SER A OG  1 
ATOM   971  N N   . GLY A 1 159 ? 6.954   -0.530  12.354  1.00 18.46 ? 159 GLY A N   1 
ATOM   972  C CA  . GLY A 1 159 ? 5.654   -1.193  12.503  1.00 18.68 ? 159 GLY A CA  1 
ATOM   973  C C   . GLY A 1 159 ? 4.726   -1.035  11.271  1.00 18.80 ? 159 GLY A C   1 
ATOM   974  O O   . GLY A 1 159 ? 3.631   -1.621  11.217  1.00 20.03 ? 159 GLY A O   1 
ATOM   975  N N   . ALA A 1 160 ? 5.137   -0.224  10.305  1.00 17.01 ? 160 ALA A N   1 
ATOM   976  C CA  . ALA A 1 160 ? 4.425   -0.071  9.048   1.00 16.65 ? 160 ALA A CA  1 
ATOM   977  C C   . ALA A 1 160 ? 4.753   -1.214  8.043   1.00 16.13 ? 160 ALA A C   1 
ATOM   978  O O   . ALA A 1 160 ? 5.813   -1.815  8.099   1.00 15.89 ? 160 ALA A O   1 
ATOM   979  C CB  . ALA A 1 160 ? 4.742   1.293   8.420   1.00 16.02 ? 160 ALA A CB  1 
ATOM   980  N N   . SER A 1 161 ? 3.825   -1.501  7.136   1.00 16.35 ? 161 SER A N   1 
ATOM   981  C CA  . SER A 1 161 ? 4.082   -2.372  5.999   1.00 16.63 ? 161 SER A CA  1 
ATOM   982  C C   . SER A 1 161 ? 4.503   -1.467  4.845   1.00 16.65 ? 161 SER A C   1 
ATOM   983  O O   . SER A 1 161 ? 3.960   -0.375  4.691   1.00 16.96 ? 161 SER A O   1 
ATOM   984  C CB  . SER A 1 161 ? 2.811   -3.132  5.622   1.00 15.86 ? 161 SER A CB  1 
ATOM   985  O OG  . SER A 1 161 ? 2.357   -4.015  6.639   1.00 17.37 ? 161 SER A OG  1 
ATOM   986  N N   . VAL A 1 162 ? 5.433   -1.938  4.018   1.00 17.44 ? 162 VAL A N   1 
ATOM   987  C CA  . VAL A 1 162 ? 6.048   -1.114  2.954   1.00 17.79 ? 162 VAL A CA  1 
ATOM   988  C C   . VAL A 1 162 ? 6.129   -1.860  1.639   1.00 18.10 ? 162 VAL A C   1 
ATOM   989  O O   . VAL A 1 162 ? 6.618   -2.956  1.599   1.00 17.80 ? 162 VAL A O   1 
ATOM   990  C CB  . VAL A 1 162 ? 7.488   -0.691  3.314   1.00 17.94 ? 162 VAL A CB  1 
ATOM   991  C CG1 . VAL A 1 162 ? 8.160   0.025   2.111   1.00 15.35 ? 162 VAL A CG1 1 
ATOM   992  C CG2 . VAL A 1 162 ? 7.489   0.204   4.599   1.00 15.94 ? 162 VAL A CG2 1 
ATOM   993  N N   . SER A 1 163 ? 5.661   -1.240  0.566   1.00 17.46 ? 163 SER A N   1 
ATOM   994  C CA  . SER A 1 163 ? 5.726   -1.840  -0.765  1.00 18.18 ? 163 SER A CA  1 
ATOM   995  C C   . SER A 1 163 ? 6.419   -0.872  -1.751  1.00 18.96 ? 163 SER A C   1 
ATOM   996  O O   . SER A 1 163 ? 5.960   0.259   -1.965  1.00 17.88 ? 163 SER A O   1 
ATOM   997  C CB  . SER A 1 163 ? 4.302   -2.165  -1.256  1.00 17.11 ? 163 SER A CB  1 
ATOM   998  O OG  . SER A 1 163 ? 4.338   -2.577  -2.596  1.00 15.89 ? 163 SER A OG  1 
ATOM   999  N N   . VAL A 1 164 ? 7.549   -1.310  -2.294  1.00 20.49 ? 164 VAL A N   1 
ATOM   1000 C CA  . VAL A 1 164 ? 8.277   -0.556  -3.294  1.00 21.17 ? 164 VAL A CA  1 
ATOM   1001 C C   . VAL A 1 164 ? 7.935   -1.192  -4.650  1.00 22.58 ? 164 VAL A C   1 
ATOM   1002 O O   . VAL A 1 164 ? 8.160   -2.369  -4.887  1.00 23.17 ? 164 VAL A O   1 
ATOM   1003 C CB  . VAL A 1 164 ? 9.793   -0.540  -2.972  1.00 21.80 ? 164 VAL A CB  1 
ATOM   1004 C CG1 . VAL A 1 164 ? 10.554  0.413   -3.899  1.00 21.29 ? 164 VAL A CG1 1 
ATOM   1005 C CG2 . VAL A 1 164 ? 10.013  -0.113  -1.521  1.00 20.48 ? 164 VAL A CG2 1 
ATOM   1006 N N   . TYR A 1 165 ? 7.356   -0.407  -5.532  1.00 23.56 ? 165 TYR A N   1 
ATOM   1007 C CA  . TYR A 1 165 ? 6.773   -0.951  -6.740  1.00 25.21 ? 165 TYR A CA  1 
ATOM   1008 C C   . TYR A 1 165 ? 6.760   0.150   -7.797  1.00 25.14 ? 165 TYR A C   1 
ATOM   1009 O O   . TYR A 1 165 ? 6.182   1.211   -7.585  1.00 25.17 ? 165 TYR A O   1 
ATOM   1010 C CB  . TYR A 1 165 ? 5.344   -1.493  -6.465  1.00 26.17 ? 165 TYR A CB  1 
ATOM   1011 C CG  . TYR A 1 165 ? 4.728   -2.197  -7.648  1.00 27.34 ? 165 TYR A CG  1 
ATOM   1012 C CD1 . TYR A 1 165 ? 3.865   -1.520  -8.508  1.00 28.91 ? 165 TYR A CD1 1 
ATOM   1013 C CD2 . TYR A 1 165 ? 5.048   -3.531  -7.942  1.00 30.09 ? 165 TYR A CD2 1 
ATOM   1014 C CE1 . TYR A 1 165 ? 3.325   -2.147  -9.634  1.00 29.42 ? 165 TYR A CE1 1 
ATOM   1015 C CE2 . TYR A 1 165 ? 4.500   -4.178  -9.058  1.00 31.22 ? 165 TYR A CE2 1 
ATOM   1016 C CZ  . TYR A 1 165 ? 3.635   -3.475  -9.901  1.00 30.64 ? 165 TYR A CZ  1 
ATOM   1017 O OH  . TYR A 1 165 ? 3.067   -4.095  -11.009 1.00 30.76 ? 165 TYR A OH  1 
ATOM   1018 N N   . GLY A 1 166 ? 7.430   -0.105  -8.920  1.00 25.93 ? 166 GLY A N   1 
ATOM   1019 C CA  . GLY A 1 166 ? 7.533   0.859   -10.007 1.00 25.19 ? 166 GLY A CA  1 
ATOM   1020 C C   . GLY A 1 166 ? 7.995   2.212   -9.502  1.00 25.86 ? 166 GLY A C   1 
ATOM   1021 O O   . GLY A 1 166 ? 9.088   2.341   -8.928  1.00 25.84 ? 166 GLY A O   1 
ATOM   1022 N N   . LYS A 1 167 ? 7.136   3.210   -9.690  1.00 25.33 ? 167 LYS A N   1 
ATOM   1023 C CA  . LYS A 1 167 ? 7.464   4.595   -9.409  1.00 25.54 ? 167 LYS A CA  1 
ATOM   1024 C C   . LYS A 1 167 ? 7.007   5.066   -8.023  1.00 23.88 ? 167 LYS A C   1 
ATOM   1025 O O   . LYS A 1 167 ? 7.084   6.256   -7.713  1.00 24.02 ? 167 LYS A O   1 
ATOM   1026 C CB  . LYS A 1 167 ? 6.903   5.504   -10.528 1.00 25.90 ? 167 LYS A CB  1 
ATOM   1027 C CG  . LYS A 1 167 ? 7.560   5.273   -11.902 1.00 26.74 ? 167 LYS A CG  1 
ATOM   1028 C CD  . LYS A 1 167 ? 7.132   6.309   -12.937 1.00 28.18 ? 167 LYS A CD  1 
ATOM   1029 C CE  . LYS A 1 167 ? 8.003   7.578   -12.865 1.00 32.45 ? 167 LYS A CE  1 
ATOM   1030 N NZ  . LYS A 1 167 ? 7.779   8.483   -14.040 1.00 33.51 ? 167 LYS A NZ  1 
ATOM   1031 N N   . THR A 1 168 ? 6.544   4.142   -7.187  1.00 22.65 ? 168 THR A N   1 
ATOM   1032 C CA  . THR A 1 168 ? 6.030   4.513   -5.862  1.00 20.96 ? 168 THR A CA  1 
ATOM   1033 C C   . THR A 1 168 ? 6.616   3.665   -4.767  1.00 20.34 ? 168 THR A C   1 
ATOM   1034 O O   . THR A 1 168 ? 7.137   2.586   -5.019  1.00 19.56 ? 168 THR A O   1 
ATOM   1035 C CB  . THR A 1 168 ? 4.501   4.375   -5.751  1.00 21.00 ? 168 THR A CB  1 
ATOM   1036 O OG1 . THR A 1 168 ? 4.128   3.000   -5.928  1.00 21.52 ? 168 THR A OG1 1 
ATOM   1037 C CG2 . THR A 1 168 ? 3.751   5.271   -6.779  1.00 21.31 ? 168 THR A CG2 1 
ATOM   1038 N N   . VAL A 1 169 ? 6.510   4.175   -3.538  1.00 20.33 ? 169 VAL A N   1 
ATOM   1039 C CA  . VAL A 1 169 ? 6.607   3.384   -2.324  1.00 19.67 ? 169 VAL A CA  1 
ATOM   1040 C C   . VAL A 1 169 ? 5.259   3.565   -1.675  1.00 19.82 ? 169 VAL A C   1 
ATOM   1041 O O   . VAL A 1 169 ? 4.742   4.673   -1.668  1.00 20.99 ? 169 VAL A O   1 
ATOM   1042 C CB  . VAL A 1 169 ? 7.686   3.907   -1.309  1.00 20.02 ? 169 VAL A CB  1 
ATOM   1043 C CG1 . VAL A 1 169 ? 7.997   2.863   -0.236  1.00 16.79 ? 169 VAL A CG1 1 
ATOM   1044 C CG2 . VAL A 1 169 ? 8.927   4.246   -2.009  1.00 21.96 ? 169 VAL A CG2 1 
ATOM   1045 N N   . ALA A 1 170 ? 4.685   2.495   -1.125  1.00 19.24 ? 170 ALA A N   1 
ATOM   1046 C CA  . ALA A 1 170 ? 3.386   2.596   -0.437  1.00 18.93 ? 170 ALA A CA  1 
ATOM   1047 C C   . ALA A 1 170 ? 3.527   2.062   0.994   1.00 18.81 ? 170 ALA A C   1 
ATOM   1048 O O   . ALA A 1 170 ? 4.245   1.105   1.217   1.00 19.35 ? 170 ALA A O   1 
ATOM   1049 C CB  . ALA A 1 170 ? 2.295   1.849   -1.195  1.00 17.21 ? 170 ALA A CB  1 
ATOM   1050 N N   . ILE A 1 171 ? 2.846   2.698   1.941   1.00 17.69 ? 171 ILE A N   1 
ATOM   1051 C CA  . ILE A 1 171 ? 3.004   2.429   3.356   1.00 16.81 ? 171 ILE A CA  1 
ATOM   1052 C C   . ILE A 1 171 ? 1.632   2.217   3.977   1.00 16.41 ? 171 ILE A C   1 
ATOM   1053 O O   . ILE A 1 171 ? 0.677   2.903   3.623   1.00 16.13 ? 171 ILE A O   1 
ATOM   1054 C CB  . ILE A 1 171 ? 3.744   3.575   4.089   1.00 17.00 ? 171 ILE A CB  1 
ATOM   1055 C CG1 . ILE A 1 171 ? 4.984   4.017   3.289   1.00 17.04 ? 171 ILE A CG1 1 
ATOM   1056 C CG2 . ILE A 1 171 ? 4.131   3.129   5.515   1.00 16.01 ? 171 ILE A CG2 1 
ATOM   1057 C CD1 . ILE A 1 171 ? 5.767   5.248   3.872   1.00 18.07 ? 171 ILE A CD1 1 
ATOM   1058 N N   . ILE A 1 172 ? 1.533   1.221   4.860   1.00 15.86 ? 172 ILE A N   1 
ATOM   1059 C CA  . ILE A 1 172 ? 0.309   0.925   5.607   1.00 15.24 ? 172 ILE A CA  1 
ATOM   1060 C C   . ILE A 1 172 ? 0.661   0.892   7.067   1.00 14.29 ? 172 ILE A C   1 
ATOM   1061 O O   . ILE A 1 172 ? 1.596   0.214   7.457   1.00 13.86 ? 172 ILE A O   1 
ATOM   1062 C CB  . ILE A 1 172 ? -0.353  -0.436  5.212   1.00 15.67 ? 172 ILE A CB  1 
ATOM   1063 C CG1 . ILE A 1 172 ? -0.850  -0.403  3.768   1.00 15.51 ? 172 ILE A CG1 1 
ATOM   1064 C CG2 . ILE A 1 172 ? -1.527  -0.714  6.137   1.00 17.08 ? 172 ILE A CG2 1 
ATOM   1065 C CD1 . ILE A 1 172 ? -1.168  -1.797  3.180   1.00 14.01 ? 172 ILE A CD1 1 
ATOM   1066 N N   . GLY A 1 173 ? -0.052  1.672   7.861   1.00 14.46 ? 173 GLY A N   1 
ATOM   1067 C CA  . GLY A 1 173 ? 0.312   1.867   9.239   1.00 15.18 ? 173 GLY A CA  1 
ATOM   1068 C C   . GLY A 1 173 ? -0.651  2.787   9.922   1.00 15.81 ? 173 GLY A C   1 
ATOM   1069 O O   . GLY A 1 173 ? -1.455  3.430   9.267   1.00 15.87 ? 173 GLY A O   1 
ATOM   1070 N N   . ASN A 1 174 ? -0.575  2.876   11.243  1.00 16.32 ? 174 ASN A N   1 
ATOM   1071 C CA  . ASN A 1 174 ? -1.214  4.025   11.884  1.00 17.75 ? 174 ASN A CA  1 
ATOM   1072 C C   . ASN A 1 174 ? -0.392  5.289   11.521  1.00 18.92 ? 174 ASN A C   1 
ATOM   1073 O O   . ASN A 1 174 ? 0.732   5.165   11.038  1.00 18.19 ? 174 ASN A O   1 
ATOM   1074 C CB  . ASN A 1 174 ? -1.418  3.805   13.396  1.00 17.07 ? 174 ASN A CB  1 
ATOM   1075 C CG  . ASN A 1 174 ? -0.126  3.853   14.193  1.00 17.70 ? 174 ASN A CG  1 
ATOM   1076 O OD1 . ASN A 1 174 ? 0.024   3.153   15.197  1.00 18.93 ? 174 ASN A OD1 1 
ATOM   1077 N ND2 . ASN A 1 174 ? 0.795   4.691   13.774  1.00 14.33 ? 174 ASN A ND2 1 
ATOM   1078 N N   . PRO A 1 175 ? -0.953  6.505   11.717  1.00 20.02 ? 175 PRO A N   1 
ATOM   1079 C CA  . PRO A 1 175 ? -0.236  7.670   11.202  1.00 20.70 ? 175 PRO A CA  1 
ATOM   1080 C C   . PRO A 1 175 ? 1.188   7.804   11.725  1.00 21.15 ? 175 PRO A C   1 
ATOM   1081 O O   . PRO A 1 175 ? 2.051   8.356   11.037  1.00 22.28 ? 175 PRO A O   1 
ATOM   1082 C CB  . PRO A 1 175 ? -1.089  8.843   11.709  1.00 21.60 ? 175 PRO A CB  1 
ATOM   1083 C CG  . PRO A 1 175 ? -2.487  8.232   11.776  1.00 21.15 ? 175 PRO A CG  1 
ATOM   1084 C CD  . PRO A 1 175 ? -2.198  6.897   12.396  1.00 19.41 ? 175 PRO A CD  1 
ATOM   1085 N N   . ILE A 1 176 ? 1.450   7.291   12.918  1.00 21.21 ? 176 ILE A N   1 
ATOM   1086 C CA  . ILE A 1 176 ? 2.775   7.458   13.541  1.00 21.26 ? 176 ILE A CA  1 
ATOM   1087 C C   . ILE A 1 176 ? 3.767   6.511   12.886  1.00 20.30 ? 176 ILE A C   1 
ATOM   1088 O O   . ILE A 1 176 ? 4.823   6.930   12.444  1.00 21.37 ? 176 ILE A O   1 
ATOM   1089 C CB  . ILE A 1 176 ? 2.679   7.284   15.100  1.00 21.60 ? 176 ILE A CB  1 
ATOM   1090 C CG1 . ILE A 1 176 ? 2.035   8.526   15.697  1.00 22.66 ? 176 ILE A CG1 1 
ATOM   1091 C CG2 . ILE A 1 176 ? 4.070   7.032   15.772  1.00 21.82 ? 176 ILE A CG2 1 
ATOM   1092 C CD1 . ILE A 1 176 ? 1.294   8.272   17.027  1.00 26.71 ? 176 ILE A CD1 1 
ATOM   1093 N N   . GLN A 1 177 ? 3.399   5.240   12.800  1.00 19.13 ? 177 GLN A N   1 
ATOM   1094 C CA  . GLN A 1 177 ? 4.154   4.225   12.063  1.00 18.20 ? 177 GLN A CA  1 
ATOM   1095 C C   . GLN A 1 177 ? 4.493   4.664   10.633  1.00 18.12 ? 177 GLN A C   1 
ATOM   1096 O O   . GLN A 1 177 ? 5.636   4.535   10.215  1.00 17.42 ? 177 GLN A O   1 
ATOM   1097 C CB  . GLN A 1 177 ? 3.377   2.880   12.063  1.00 18.07 ? 177 GLN A CB  1 
ATOM   1098 C CG  . GLN A 1 177 ? 3.209   2.243   13.457  1.00 15.58 ? 177 GLN A CG  1 
ATOM   1099 C CD  . GLN A 1 177 ? 2.276   1.072   13.464  1.00 16.34 ? 177 GLN A CD  1 
ATOM   1100 O OE1 . GLN A 1 177 ? 1.406   0.922   12.586  1.00 17.76 ? 177 GLN A OE1 1 
ATOM   1101 N NE2 . GLN A 1 177 ? 2.427   0.224   14.456  1.00 13.58 ? 177 GLN A NE2 1 
ATOM   1102 N N   . ILE A 1 178 ? 3.494   5.156   9.889   1.00 18.17 ? 178 ILE A N   1 
ATOM   1103 C CA  . ILE A 1 178 ? 3.708   5.696   8.533   1.00 19.13 ? 178 ILE A CA  1 
ATOM   1104 C C   . ILE A 1 178 ? 4.772   6.814   8.505   1.00 20.21 ? 178 ILE A C   1 
ATOM   1105 O O   . ILE A 1 178 ? 5.657   6.842   7.650   1.00 19.84 ? 178 ILE A O   1 
ATOM   1106 C CB  . ILE A 1 178 ? 2.384   6.243   7.899   1.00 19.22 ? 178 ILE A CB  1 
ATOM   1107 C CG1 . ILE A 1 178 ? 1.418   5.094   7.574   1.00 18.08 ? 178 ILE A CG1 1 
ATOM   1108 C CG2 . ILE A 1 178 ? 2.680   7.063   6.629   1.00 16.94 ? 178 ILE A CG2 1 
ATOM   1109 C CD1 . ILE A 1 178 ? 0.065   5.567   7.021   1.00 19.46 ? 178 ILE A CD1 1 
ATOM   1110 N N   . GLU A 1 179 ? 4.639   7.753   9.437   1.00 21.52 ? 179 GLU A N   1 
ATOM   1111 C CA  . GLU A 1 179 ? 5.524   8.883   9.558   1.00 22.54 ? 179 GLU A CA  1 
ATOM   1112 C C   . GLU A 1 179 ? 6.985   8.446   9.797   1.00 22.77 ? 179 GLU A C   1 
ATOM   1113 O O   . GLU A 1 179 ? 7.916   9.004   9.197   1.00 23.35 ? 179 GLU A O   1 
ATOM   1114 C CB  . GLU A 1 179 ? 5.009   9.770   10.708  1.00 23.36 ? 179 GLU A CB  1 
ATOM   1115 C CG  . GLU A 1 179 ? 5.228   11.231  10.519  1.00 26.95 ? 179 GLU A CG  1 
ATOM   1116 C CD  . GLU A 1 179 ? 6.688   11.590  10.438  1.00 35.16 ? 179 GLU A CD  1 
ATOM   1117 O OE1 . GLU A 1 179 ? 7.036   12.395  9.538   1.00 38.79 ? 179 GLU A OE1 1 
ATOM   1118 O OE2 . GLU A 1 179 ? 7.483   11.069  11.273  1.00 38.20 ? 179 GLU A OE2 1 
ATOM   1119 N N   . ILE A 1 180 ? 7.184   7.450   10.666  1.00 22.24 ? 180 ILE A N   1 
ATOM   1120 C CA  . ILE A 1 180 ? 8.500   6.859   10.914  1.00 21.21 ? 180 ILE A CA  1 
ATOM   1121 C C   . ILE A 1 180 ? 9.109   6.152   9.670   1.00 21.34 ? 180 ILE A C   1 
ATOM   1122 O O   . ILE A 1 180 ? 10.292  6.354   9.362   1.00 19.96 ? 180 ILE A O   1 
ATOM   1123 C CB  . ILE A 1 180 ? 8.452   5.864   12.103  1.00 21.43 ? 180 ILE A CB  1 
ATOM   1124 C CG1 . ILE A 1 180 ? 8.129   6.587   13.412  1.00 22.04 ? 180 ILE A CG1 1 
ATOM   1125 C CG2 . ILE A 1 180 ? 9.810   5.073   12.248  1.00 21.73 ? 180 ILE A CG2 1 
ATOM   1126 C CD1 . ILE A 1 180 ? 7.753   5.651   14.532  1.00 23.75 ? 180 ILE A CD1 1 
ATOM   1127 N N   . ALA A 1 181 ? 8.320   5.291   9.001   1.00 21.13 ? 181 ALA A N   1 
ATOM   1128 C CA  . ALA A 1 181 ? 8.780   4.573   7.784   1.00 20.71 ? 181 ALA A CA  1 
ATOM   1129 C C   . ALA A 1 181 ? 9.015   5.580   6.694   1.00 20.79 ? 181 ALA A C   1 
ATOM   1130 O O   . ALA A 1 181 ? 10.046  5.554   6.044   1.00 22.35 ? 181 ALA A O   1 
ATOM   1131 C CB  . ALA A 1 181 ? 7.764   3.483   7.310   1.00 18.92 ? 181 ALA A CB  1 
ATOM   1132 N N   . LYS A 1 182 ? 8.067   6.482   6.495   1.00 21.02 ? 182 LYS A N   1 
ATOM   1133 C CA  . LYS A 1 182 ? 8.234   7.575   5.526   1.00 21.54 ? 182 LYS A CA  1 
ATOM   1134 C C   . LYS A 1 182 ? 9.561   8.321   5.689   1.00 21.25 ? 182 LYS A C   1 
ATOM   1135 O O   . LYS A 1 182 ? 10.299  8.510   4.714   1.00 20.90 ? 182 LYS A O   1 
ATOM   1136 C CB  . LYS A 1 182 ? 7.056   8.582   5.602   1.00 21.50 ? 182 LYS A CB  1 
ATOM   1137 C CG  . LYS A 1 182 ? 6.882   9.406   4.344   1.00 20.96 ? 182 LYS A CG  1 
ATOM   1138 C CD  . LYS A 1 182 ? 5.924   10.597  4.511   1.00 22.09 ? 182 LYS A CD  1 
ATOM   1139 C CE  . LYS A 1 182 ? 6.124   11.591  3.359   1.00 21.68 ? 182 LYS A CE  1 
ATOM   1140 N NZ  . LYS A 1 182 ? 4.924   12.426  3.073   1.00 27.53 ? 182 LYS A NZ  1 
ATOM   1141 N N   . THR A 1 183 ? 9.816   8.794   6.906   1.00 21.27 ? 183 THR A N   1 
ATOM   1142 C CA  . THR A 1 183 ? 11.079  9.496   7.241   1.00 22.21 ? 183 THR A CA  1 
ATOM   1143 C C   . THR A 1 183 ? 12.362  8.681   6.958   1.00 21.81 ? 183 THR A C   1 
ATOM   1144 O O   . THR A 1 183 ? 13.279  9.211   6.346   1.00 21.91 ? 183 THR A O   1 
ATOM   1145 C CB  . THR A 1 183 ? 11.079  9.982   8.695   1.00 21.62 ? 183 THR A CB  1 
ATOM   1146 O OG1 . THR A 1 183 ? 9.899   10.764  8.917   1.00 24.42 ? 183 THR A OG1 1 
ATOM   1147 C CG2 . THR A 1 183 ? 12.278  10.849  8.972   1.00 22.81 ? 183 THR A CG2 1 
ATOM   1148 N N   . ALA A 1 184 ? 12.401  7.405   7.368   1.00 22.18 ? 184 ALA A N   1 
ATOM   1149 C CA  . ALA A 1 184 ? 13.526  6.505   7.071   1.00 22.27 ? 184 ALA A CA  1 
ATOM   1150 C C   . ALA A 1 184 ? 13.744  6.357   5.564   1.00 22.47 ? 184 ALA A C   1 
ATOM   1151 O O   . ALA A 1 184 ? 14.866  6.435   5.080   1.00 22.37 ? 184 ALA A O   1 
ATOM   1152 C CB  . ALA A 1 184 ? 13.277  5.149   7.684   1.00 22.77 ? 184 ALA A CB  1 
ATOM   1153 N N   . ILE A 1 185 ? 12.648  6.145   4.838   1.00 23.16 ? 185 ILE A N   1 
ATOM   1154 C CA  . ILE A 1 185 ? 12.660  5.973   3.371   1.00 23.79 ? 185 ILE A CA  1 
ATOM   1155 C C   . ILE A 1 185 ? 13.204  7.232   2.663   1.00 24.97 ? 185 ILE A C   1 
ATOM   1156 O O   . ILE A 1 185 ? 14.018  7.122   1.762   1.00 25.16 ? 185 ILE A O   1 
ATOM   1157 C CB  . ILE A 1 185 ? 11.222  5.610   2.871   1.00 23.68 ? 185 ILE A CB  1 
ATOM   1158 C CG1 . ILE A 1 185 ? 10.873  4.162   3.232   1.00 23.07 ? 185 ILE A CG1 1 
ATOM   1159 C CG2 . ILE A 1 185 ? 11.001  5.925   1.369   1.00 23.08 ? 185 ILE A CG2 1 
ATOM   1160 C CD1 . ILE A 1 185 ? 9.349   3.858   3.073   1.00 22.10 ? 185 ILE A CD1 1 
ATOM   1161 N N   . GLU A 1 186 ? 12.736  8.410   3.086   1.00 25.97 ? 186 GLU A N   1 
ATOM   1162 C CA  . GLU A 1 186 ? 13.232  9.697   2.615   1.00 28.00 ? 186 GLU A CA  1 
ATOM   1163 C C   . GLU A 1 186 ? 14.751  9.857   2.819   1.00 28.18 ? 186 GLU A C   1 
ATOM   1164 O O   . GLU A 1 186 ? 15.465  10.178  1.878   1.00 28.58 ? 186 GLU A O   1 
ATOM   1165 C CB  . GLU A 1 186 ? 12.443  10.847  3.275   1.00 28.04 ? 186 GLU A CB  1 
ATOM   1166 C CG  . GLU A 1 186 ? 11.042  11.082  2.649   1.00 29.22 ? 186 GLU A CG  1 
ATOM   1167 C CD  . GLU A 1 186 ? 10.190  12.122  3.393   1.00 30.22 ? 186 GLU A CD  1 
ATOM   1168 O OE1 . GLU A 1 186 ? 10.465  12.439  4.584   1.00 34.95 ? 186 GLU A OE1 1 
ATOM   1169 O OE2 . GLU A 1 186 ? 9.217   12.611  2.791   1.00 31.58 ? 186 GLU A OE2 1 
ATOM   1170 N N   . LYS A 1 187 ? 15.238  9.616   4.038   1.00 28.39 ? 187 LYS A N   1 
ATOM   1171 C CA  . LYS A 1 187 ? 16.673  9.523   4.317   1.00 28.39 ? 187 LYS A CA  1 
ATOM   1172 C C   . LYS A 1 187 ? 17.461  8.590   3.383   1.00 28.63 ? 187 LYS A C   1 
ATOM   1173 O O   . LYS A 1 187 ? 18.491  8.964   2.845   1.00 29.03 ? 187 LYS A O   1 
ATOM   1174 C CB  . LYS A 1 187 ? 16.901  9.111   5.773   1.00 28.28 ? 187 LYS A CB  1 
ATOM   1175 C CG  . LYS A 1 187 ? 16.610  10.218  6.737   1.00 27.42 ? 187 LYS A CG  1 
ATOM   1176 C CD  . LYS A 1 187 ? 16.442  9.687   8.122   1.00 27.09 ? 187 LYS A CD  1 
ATOM   1177 C CE  . LYS A 1 187 ? 15.892  10.787  9.007   1.00 27.63 ? 187 LYS A CE  1 
ATOM   1178 N NZ  . LYS A 1 187 ? 16.996  11.725  9.399   1.00 28.86 ? 187 LYS A NZ  1 
ATOM   1179 N N   . LEU A 1 188 ? 16.970  7.374   3.208   1.00 29.62 ? 188 LEU A N   1 
ATOM   1180 C CA  . LEU A 1 188 ? 17.616  6.381   2.352   1.00 29.30 ? 188 LEU A CA  1 
ATOM   1181 C C   . LEU A 1 188 ? 17.623  6.818   0.891   1.00 29.72 ? 188 LEU A C   1 
ATOM   1182 O O   . LEU A 1 188 ? 18.606  6.588   0.199   1.00 29.89 ? 188 LEU A O   1 
ATOM   1183 C CB  . LEU A 1 188 ? 16.932  5.029   2.489   1.00 28.13 ? 188 LEU A CB  1 
ATOM   1184 C CG  . LEU A 1 188 ? 17.116  4.274   3.798   1.00 28.71 ? 188 LEU A CG  1 
ATOM   1185 C CD1 . LEU A 1 188 ? 15.967  3.267   3.959   1.00 25.65 ? 188 LEU A CD1 1 
ATOM   1186 C CD2 . LEU A 1 188 ? 18.494  3.601   3.898   1.00 27.69 ? 188 LEU A CD2 1 
ATOM   1187 N N   . ALA A 1 189 ? 16.529  7.440   0.437   1.00 30.26 ? 189 ALA A N   1 
ATOM   1188 C CA  . ALA A 1 189 ? 16.410  7.964   -0.948  1.00 31.20 ? 189 ALA A CA  1 
ATOM   1189 C C   . ALA A 1 189 ? 17.429  9.061   -1.239  1.00 31.29 ? 189 ALA A C   1 
ATOM   1190 O O   . ALA A 1 189 ? 18.002  9.107   -2.328  1.00 32.18 ? 189 ALA A O   1 
ATOM   1191 C CB  . ALA A 1 189 ? 14.987  8.468   -1.234  1.00 30.47 ? 189 ALA A CB  1 
ATOM   1192 N N   . ARG A 1 190 ? 17.652  9.935   -0.253  1.00 31.74 ? 190 ARG A N   1 
ATOM   1193 C CA  . ARG A 1 190 ? 18.654  11.023  -0.333  1.00 31.85 ? 190 ARG A CA  1 
ATOM   1194 C C   . ARG A 1 190 ? 20.120  10.601  -0.107  1.00 31.43 ? 190 ARG A C   1 
ATOM   1195 O O   . ARG A 1 190 ? 21.003  11.441  -0.080  1.00 32.12 ? 190 ARG A O   1 
ATOM   1196 C CB  . ARG A 1 190 ? 18.285  12.150  0.642   1.00 31.99 ? 190 ARG A CB  1 
ATOM   1197 C CG  . ARG A 1 190 ? 17.258  13.137  0.087   1.00 33.48 ? 190 ARG A CG  1 
ATOM   1198 C CD  . ARG A 1 190 ? 17.952  14.115  -0.923  1.00 38.58 ? 190 ARG A CD  1 
ATOM   1199 N NE  . ARG A 1 190 ? 19.351  14.364  -0.526  1.00 38.73 ? 190 ARG A NE  1 
ATOM   1200 C CZ  . ARG A 1 190 ? 19.720  15.375  0.302   1.00 39.20 ? 190 ARG A CZ  1 
ATOM   1201 N NH1 . ARG A 1 190 ? 21.012  15.478  0.617   1.00 37.38 ? 190 ARG A NH1 1 
ATOM   1202 N NH2 . ARG A 1 190 ? 18.800  16.291  0.793   1.00 39.47 ? 190 ARG A NH2 1 
ATOM   1203 N N   . GLY A 1 191 ? 20.377  9.310   0.058   1.00 31.17 ? 191 GLY A N   1 
ATOM   1204 C CA  . GLY A 1 191 ? 21.743  8.804   0.198   1.00 30.54 ? 191 GLY A CA  1 
ATOM   1205 C C   . GLY A 1 191 ? 22.307  8.720   1.607   1.00 30.38 ? 191 GLY A C   1 
ATOM   1206 O O   . GLY A 1 191 ? 23.488  8.443   1.770   1.00 30.69 ? 191 GLY A O   1 
ATOM   1207 N N   . SER A 1 192 ? 21.472  8.966   2.617   1.00 30.10 ? 192 SER A N   1 
ATOM   1208 C CA  . SER A 1 192 ? 21.836  8.808   4.016   1.00 30.00 ? 192 SER A CA  1 
ATOM   1209 C C   . SER A 1 192 ? 22.433  7.414   4.310   1.00 29.79 ? 192 SER A C   1 
ATOM   1210 O O   . SER A 1 192 ? 21.845  6.385   3.952   1.00 29.62 ? 192 SER A O   1 
ATOM   1211 C CB  . SER A 1 192 ? 20.623  9.038   4.936   1.00 30.43 ? 192 SER A CB  1 
ATOM   1212 O OG  . SER A 1 192 ? 20.444  10.400  5.282   1.00 31.64 ? 192 SER A OG  1 
ATOM   1213 N N   . PRO A 1 193 ? 23.609  7.385   4.967   1.00 28.90 ? 193 PRO A N   1 
ATOM   1214 C CA  . PRO A 1 193 ? 24.202  6.092   5.313   1.00 28.60 ? 193 PRO A CA  1 
ATOM   1215 C C   . PRO A 1 193 ? 23.240  5.247   6.153   1.00 28.86 ? 193 PRO A C   1 
ATOM   1216 O O   . PRO A 1 193 ? 22.401  5.797   6.877   1.00 28.88 ? 193 PRO A O   1 
ATOM   1217 C CB  . PRO A 1 193 ? 25.433  6.461   6.143   1.00 28.43 ? 193 PRO A CB  1 
ATOM   1218 C CG  . PRO A 1 193 ? 25.640  7.912   5.942   1.00 27.56 ? 193 PRO A CG  1 
ATOM   1219 C CD  . PRO A 1 193 ? 24.412  8.535   5.422   1.00 27.31 ? 193 PRO A CD  1 
ATOM   1220 N N   . HIS A 1 194 ? 23.366  3.921   6.042   1.00 28.66 ? 194 HIS A N   1 
ATOM   1221 C CA  . HIS A 1 194 ? 22.518  2.984   6.752   1.00 28.44 ? 194 HIS A CA  1 
ATOM   1222 C C   . HIS A 1 194 ? 22.544  3.175   8.262   1.00 28.02 ? 194 HIS A C   1 
ATOM   1223 O O   . HIS A 1 194 ? 21.508  3.098   8.911   1.00 27.76 ? 194 HIS A O   1 
ATOM   1224 C CB  . HIS A 1 194 ? 22.920  1.546   6.379   1.00 28.58 ? 194 HIS A CB  1 
ATOM   1225 C CG  . HIS A 1 194 ? 22.359  1.108   5.064   1.00 28.75 ? 194 HIS A CG  1 
ATOM   1226 N ND1 . HIS A 1 194 ? 22.390  -0.197  4.629   1.00 33.78 ? 194 HIS A ND1 1 
ATOM   1227 C CD2 . HIS A 1 194 ? 21.723  1.812   4.101   1.00 29.62 ? 194 HIS A CD2 1 
ATOM   1228 C CE1 . HIS A 1 194 ? 21.802  -0.276  3.448   1.00 33.16 ? 194 HIS A CE1 1 
ATOM   1229 N NE2 . HIS A 1 194 ? 21.390  0.932   3.108   1.00 32.00 ? 194 HIS A NE2 1 
ATOM   1230 N N   . GLY A 1 195 ? 23.731  3.427   8.801   1.00 27.34 ? 195 GLY A N   1 
ATOM   1231 C CA  . GLY A 1 195 ? 23.928  3.624   10.224  1.00 26.48 ? 195 GLY A CA  1 
ATOM   1232 C C   . GLY A 1 195 ? 23.117  4.771   10.769  1.00 26.13 ? 195 GLY A C   1 
ATOM   1233 O O   . GLY A 1 195 ? 22.508  4.645   11.833  1.00 26.15 ? 195 GLY A O   1 
ATOM   1234 N N   . SER A 1 196 ? 23.105  5.894   10.057  1.00 25.99 ? 196 SER A N   1 
ATOM   1235 C CA  . SER A 1 196 ? 22.263  7.007   10.467  1.00 25.96 ? 196 SER A CA  1 
ATOM   1236 C C   . SER A 1 196 ? 20.767  6.625   10.445  1.00 26.43 ? 196 SER A C   1 
ATOM   1237 O O   . SER A 1 196 ? 20.023  6.973   11.370  1.00 27.14 ? 196 SER A O   1 
ATOM   1238 C CB  . SER A 1 196 ? 22.533  8.246   9.624   1.00 25.38 ? 196 SER A CB  1 
ATOM   1239 O OG  . SER A 1 196 ? 22.129  8.033   8.300   1.00 26.10 ? 196 SER A OG  1 
ATOM   1240 N N   . VAL A 1 197 ? 20.327  5.918   9.403   1.00 26.00 ? 197 VAL A N   1 
ATOM   1241 C CA  . VAL A 1 197 ? 18.908  5.571   9.291   1.00 26.35 ? 197 VAL A CA  1 
ATOM   1242 C C   . VAL A 1 197 ? 18.520  4.564   10.362  1.00 26.07 ? 197 VAL A C   1 
ATOM   1243 O O   . VAL A 1 197 ? 17.478  4.701   10.988  1.00 27.28 ? 197 VAL A O   1 
ATOM   1244 C CB  . VAL A 1 197 ? 18.515  5.073   7.850   1.00 26.47 ? 197 VAL A CB  1 
ATOM   1245 C CG1 . VAL A 1 197 ? 17.076  4.567   7.821   1.00 24.40 ? 197 VAL A CG1 1 
ATOM   1246 C CG2 . VAL A 1 197 ? 18.720  6.192   6.857   1.00 24.86 ? 197 VAL A CG2 1 
ATOM   1247 N N   . TYR A 1 198 ? 19.379  3.585   10.594  1.00 25.99 ? 198 TYR A N   1 
ATOM   1248 C CA  . TYR A 1 198 ? 19.140  2.563   11.605  1.00 26.50 ? 198 TYR A CA  1 
ATOM   1249 C C   . TYR A 1 198 ? 19.131  3.136   13.041  1.00 26.87 ? 198 TYR A C   1 
ATOM   1250 O O   . TYR A 1 198 ? 18.345  2.689   13.905  1.00 26.70 ? 198 TYR A O   1 
ATOM   1251 C CB  . TYR A 1 198 ? 20.150  1.414   11.467  1.00 26.16 ? 198 TYR A CB  1 
ATOM   1252 C CG  . TYR A 1 198 ? 20.109  0.626   10.158  1.00 25.98 ? 198 TYR A CG  1 
ATOM   1253 C CD1 . TYR A 1 198 ? 21.247  -0.063  9.697   1.00 24.40 ? 198 TYR A CD1 1 
ATOM   1254 C CD2 . TYR A 1 198 ? 18.951  0.554   9.389   1.00 26.94 ? 198 TYR A CD2 1 
ATOM   1255 C CE1 . TYR A 1 198 ? 21.228  -0.789  8.504   1.00 22.44 ? 198 TYR A CE1 1 
ATOM   1256 C CE2 . TYR A 1 198 ? 18.914  -0.183  8.196   1.00 27.25 ? 198 TYR A CE2 1 
ATOM   1257 C CZ  . TYR A 1 198 ? 20.056  -0.860  7.756   1.00 26.41 ? 198 TYR A CZ  1 
ATOM   1258 O OH  . TYR A 1 198 ? 20.000  -1.605  6.557   1.00 27.12 ? 198 TYR A OH  1 
ATOM   1259 N N   . ARG A 1 199 ? 20.003  4.102   13.303  1.00 27.31 ? 199 ARG A N   1 
ATOM   1260 C CA  . ARG A 1 199 ? 19.999  4.792   14.583  1.00 28.09 ? 199 ARG A CA  1 
ATOM   1261 C C   . ARG A 1 199 ? 18.739  5.653   14.761  1.00 27.95 ? 199 ARG A C   1 
ATOM   1262 O O   . ARG A 1 199 ? 18.120  5.605   15.807  1.00 27.92 ? 199 ARG A O   1 
ATOM   1263 C CB  . ARG A 1 199 ? 21.296  5.587   14.794  1.00 28.98 ? 199 ARG A CB  1 
ATOM   1264 C CG  . ARG A 1 199 ? 22.476  4.720   15.308  1.00 30.42 ? 199 ARG A CG  1 
ATOM   1265 C CD  . ARG A 1 199 ? 23.799  5.353   14.953  1.00 31.38 ? 199 ARG A CD  1 
ATOM   1266 N NE  . ARG A 1 199 ? 25.014  4.741   15.523  1.00 31.95 ? 199 ARG A NE  1 
ATOM   1267 C CZ  . ARG A 1 199 ? 25.737  3.803   14.912  1.00 32.51 ? 199 ARG A CZ  1 
ATOM   1268 N NH1 . ARG A 1 199 ? 25.339  3.311   13.746  1.00 34.47 ? 199 ARG A NH1 1 
ATOM   1269 N NH2 . ARG A 1 199 ? 26.847  3.336   15.469  1.00 32.28 ? 199 ARG A NH2 1 
ATOM   1270 N N   . TYR A 1 200 ? 18.353  6.418   13.741  1.00 28.58 ? 200 TYR A N   1 
ATOM   1271 C CA  . TYR A 1 200 ? 17.053  7.101   13.708  1.00 28.83 ? 200 TYR A CA  1 
ATOM   1272 C C   . TYR A 1 200 ? 15.861  6.180   14.013  1.00 29.59 ? 200 TYR A C   1 
ATOM   1273 O O   . TYR A 1 200 ? 14.977  6.539   14.798  1.00 29.43 ? 200 TYR A O   1 
ATOM   1274 C CB  . TYR A 1 200 ? 16.813  7.840   12.365  1.00 29.35 ? 200 TYR A CB  1 
ATOM   1275 C CG  . TYR A 1 200 ? 15.340  8.212   12.157  1.00 28.24 ? 200 TYR A CG  1 
ATOM   1276 C CD1 . TYR A 1 200 ? 14.815  9.383   12.694  1.00 29.56 ? 200 TYR A CD1 1 
ATOM   1277 C CD2 . TYR A 1 200 ? 14.485  7.376   11.446  1.00 28.51 ? 200 TYR A CD2 1 
ATOM   1278 C CE1 . TYR A 1 200 ? 13.468  9.723   12.524  1.00 30.49 ? 200 TYR A CE1 1 
ATOM   1279 C CE2 . TYR A 1 200 ? 13.136  7.681   11.281  1.00 27.80 ? 200 TYR A CE2 1 
ATOM   1280 C CZ  . TYR A 1 200 ? 12.634  8.849   11.822  1.00 30.54 ? 200 TYR A CZ  1 
ATOM   1281 O OH  . TYR A 1 200 ? 11.289  9.146   11.663  1.00 32.11 ? 200 TYR A OH  1 
ATOM   1282 N N   . LEU A 1 201 ? 15.836  5.002   13.386  1.00 30.08 ? 201 LEU A N   1 
ATOM   1283 C CA  . LEU A 1 201 ? 14.773  4.031   13.619  1.00 30.47 ? 201 LEU A CA  1 
ATOM   1284 C C   . LEU A 1 201 ? 14.794  3.442   15.026  1.00 31.40 ? 201 LEU A C   1 
ATOM   1285 O O   . LEU A 1 201 ? 13.725  3.182   15.597  1.00 31.45 ? 201 LEU A O   1 
ATOM   1286 C CB  . LEU A 1 201 ? 14.773  2.913   12.562  1.00 29.14 ? 201 LEU A CB  1 
ATOM   1287 C CG  . LEU A 1 201 ? 14.332  3.259   11.151  1.00 27.61 ? 201 LEU A CG  1 
ATOM   1288 C CD1 . LEU A 1 201 ? 14.891  2.267   10.144  1.00 26.06 ? 201 LEU A CD1 1 
ATOM   1289 C CD2 . LEU A 1 201 ? 12.787  3.390   10.998  1.00 25.93 ? 201 LEU A CD2 1 
ATOM   1290 N N   . GLU A 1 202 ? 15.981  3.227   15.591  1.00 32.73 ? 202 GLU A N   1 
ATOM   1291 C CA  . GLU A 1 202 ? 16.077  2.758   16.985  1.00 34.47 ? 202 GLU A CA  1 
ATOM   1292 C C   . GLU A 1 202 ? 15.468  3.780   17.929  1.00 34.80 ? 202 GLU A C   1 
ATOM   1293 O O   . GLU A 1 202 ? 14.742  3.423   18.855  1.00 34.56 ? 202 GLU A O   1 
ATOM   1294 C CB  . GLU A 1 202 ? 17.523  2.472   17.417  1.00 34.95 ? 202 GLU A CB  1 
ATOM   1295 C CG  . GLU A 1 202 ? 17.993  1.010   17.268  1.00 38.57 ? 202 GLU A CG  1 
ATOM   1296 C CD  . GLU A 1 202 ? 17.299  0.026   18.213  1.00 44.25 ? 202 GLU A CD  1 
ATOM   1297 O OE1 . GLU A 1 202 ? 16.800  0.461   19.286  1.00 47.14 ? 202 GLU A OE1 1 
ATOM   1298 O OE2 . GLU A 1 202 ? 17.263  -1.192  17.883  1.00 44.93 ? 202 GLU A OE2 1 
ATOM   1299 N N   . ARG A 1 203 ? 15.747  5.053   17.664  1.00 35.40 ? 203 ARG A N   1 
ATOM   1300 C CA  . ARG A 1 203 ? 15.254  6.147   18.486  1.00 37.05 ? 203 ARG A CA  1 
ATOM   1301 C C   . ARG A 1 203 ? 13.722  6.264   18.449  1.00 36.93 ? 203 ARG A C   1 
ATOM   1302 O O   . ARG A 1 203 ? 13.092  6.668   19.432  1.00 37.59 ? 203 ARG A O   1 
ATOM   1303 C CB  . ARG A 1 203 ? 15.941  7.468   18.115  1.00 36.57 ? 203 ARG A CB  1 
ATOM   1304 C CG  . ARG A 1 203 ? 17.112  7.818   19.025  1.00 38.78 ? 203 ARG A CG  1 
ATOM   1305 C CD  . ARG A 1 203 ? 18.079  8.882   18.411  1.00 39.09 ? 203 ARG A CD  1 
ATOM   1306 N NE  . ARG A 1 203 ? 17.377  9.864   17.583  1.00 42.36 ? 203 ARG A NE  1 
ATOM   1307 C CZ  . ARG A 1 203 ? 17.703  10.176  16.331  1.00 43.26 ? 203 ARG A CZ  1 
ATOM   1308 N NH1 . ARG A 1 203 ? 18.751  9.606   15.756  1.00 42.39 ? 203 ARG A NH1 1 
ATOM   1309 N NH2 . ARG A 1 203 ? 16.990  11.081  15.661  1.00 43.84 ? 203 ARG A NH2 1 
ATOM   1310 N N   . ARG A 1 204 ? 13.130  5.895   17.328  1.00 36.72 ? 204 ARG A N   1 
ATOM   1311 C CA  . ARG A 1 204 ? 11.683  5.927   17.192  1.00 36.72 ? 204 ARG A CA  1 
ATOM   1312 C C   . ARG A 1 204 ? 11.097  4.613   17.714  1.00 36.77 ? 204 ARG A C   1 
ATOM   1313 O O   . ARG A 1 204 ? 10.204  4.625   18.562  1.00 36.66 ? 204 ARG A O   1 
ATOM   1314 C CB  . ARG A 1 204 ? 11.268  6.178   15.732  1.00 36.06 ? 204 ARG A CB  1 
ATOM   1315 C CG  . ARG A 1 204 ? 11.839  7.440   15.085  1.00 36.34 ? 204 ARG A CG  1 
ATOM   1316 C CD  . ARG A 1 204 ? 11.480  8.768   15.817  1.00 37.26 ? 204 ARG A CD  1 
ATOM   1317 N NE  . ARG A 1 204 ? 10.044  8.938   16.055  1.00 39.85 ? 204 ARG A NE  1 
ATOM   1318 C CZ  . ARG A 1 204 ? 9.188   9.607   15.274  1.00 41.59 ? 204 ARG A CZ  1 
ATOM   1319 N NH1 . ARG A 1 204 ? 9.593   10.195  14.150  1.00 40.98 ? 204 ARG A NH1 1 
ATOM   1320 N NH2 . ARG A 1 204 ? 7.899   9.674   15.621  1.00 41.38 ? 204 ARG A NH2 1 
HETATM 1321 O O   . HOH B 2 .   ? 4.178   0.762   -4.137  1.00 33.21 ? 220 HOH A O   1 
HETATM 1322 O O   . HOH B 2 .   ? -18.712 -1.124  -7.821  1.00 28.74 ? 221 HOH A O   1 
HETATM 1323 O O   . HOH B 2 .   ? -19.441 -2.322  5.697   1.00 31.25 ? 222 HOH A O   1 
HETATM 1324 O O   . HOH B 2 .   ? 0.494   -5.425  5.773   1.00 29.09 ? 223 HOH A O   1 
HETATM 1325 O O   . HOH B 2 .   ? 21.940  -12.347 9.314   1.00 26.03 ? 224 HOH A O   1 
HETATM 1326 O O   . HOH B 2 .   ? 8.434   -3.902  -1.723  1.00 25.67 ? 225 HOH A O   1 
HETATM 1327 O O   . HOH B 2 .   ? -5.109  -12.539 -5.891  1.00 31.40 ? 226 HOH A O   1 
HETATM 1328 O O   . HOH B 2 .   ? 3.378   -7.707  -0.167  1.00 31.13 ? 227 HOH A O   1 
HETATM 1329 O O   . HOH B 2 .   ? -1.164  -0.306  13.597  1.00 46.48 ? 228 HOH A O   1 
HETATM 1330 O O   . HOH B 2 .   ? 1.557   -12.040 1.285   1.00 38.26 ? 229 HOH A O   1 
HETATM 1331 O O   . HOH B 2 .   ? 4.499   12.035  -3.051  1.00 41.01 ? 230 HOH A O   1 
HETATM 1332 O O   . HOH B 2 .   ? 4.771   2.706   -11.768 1.00 35.51 ? 231 HOH A O   1 
HETATM 1333 O O   . HOH B 2 .   ? 1.053   -9.686  -4.932  1.00 35.07 ? 232 HOH A O   1 
HETATM 1334 O O   . HOH B 2 .   ? -1.448  8.576   -0.540  1.00 39.77 ? 233 HOH A O   1 
HETATM 1335 O O   . HOH B 2 .   ? -13.432 -7.904  -14.566 1.00 39.99 ? 234 HOH A O   1 
HETATM 1336 O O   . HOH B 2 .   ? 1.000   8.326   -6.723  1.00 44.50 ? 235 HOH A O   1 
HETATM 1337 O O   . HOH B 2 .   ? 5.465   -4.107  10.122  1.00 33.05 ? 236 HOH A O   1 
HETATM 1338 O O   . HOH B 2 .   ? 7.142   -4.153  14.386  1.00 37.06 ? 237 HOH A O   1 
HETATM 1339 O O   . HOH B 2 .   ? -6.407  6.580   -0.244  1.00 37.07 ? 238 HOH A O   1 
HETATM 1340 O O   . HOH B 2 .   ? -9.463  4.251   4.404   1.00 36.37 ? 239 HOH A O   1 
# 
